data_1F8I
#
_entry.id   1F8I
#
_cell.length_a   74.291
_cell.length_b   129.018
_cell.length_c   166.962
_cell.angle_alpha   90.00
_cell.angle_beta   90.00
_cell.angle_gamma   90.00
#
_symmetry.space_group_name_H-M   'P 21 21 21'
#
loop_
_entity.id
_entity.type
_entity.pdbx_description
1 polymer 'ISOCITRATE LYASE'
2 non-polymer 'MAGNESIUM ION'
3 non-polymer 'GLYOXYLIC ACID'
4 non-polymer 'SUCCINIC ACID'
5 water water
#
_entity_poly.entity_id   1
_entity_poly.type   'polypeptide(L)'
_entity_poly.pdbx_seq_one_letter_code
;MASVVGTPKSAEQIQQEWDTNPRWKDVTRTYSAEDVVALQGSVVEEHTLARRGAEVLWEQLHDLEWVNALGALTGNMAVQ
QVRAGLKAIYLSGWQVAGDANLSGHTYPDQSLYPANSVPQVVRRINNALQRADQIAKIEGDTSVENWLAPIVADGEAGFG
GALNVYELQKALIAAGVAGSHWEDQLASEKKSGHLGGKVLIPTQQHIRTLTSARLAADVADVPTVVIARTDAEAATLITS
DVDERDQPFITGERTREGFYRTKNGIEPCIARAKAYAPFADLIWMETGTPDLEAARQFSEAVKAEYPDQMLAYNCSPSFN
WKKHLDDATIAKFQKELAAMGFKFQFITLAGFHALNYSMFDLAYGYAQNQMSAYVELQEREFAAEERGYTATKHQREVGA
GYFDRIATTVDPNSSTTALTGSTEEGQFH
;
_entity_poly.pdbx_strand_id   A,B,C,D
#
loop_
_chem_comp.id
_chem_comp.type
_chem_comp.name
_chem_comp.formula
GLV non-polymer 'GLYOXYLIC ACID' 'C2 H2 O3'
MG non-polymer 'MAGNESIUM ION' 'Mg 2'
SIN non-polymer 'SUCCINIC ACID' 'C4 H6 O4'
#
# COMPACT_ATOMS: atom_id res chain seq x y z
N ALA A 2 28.88 9.69 -10.86
CA ALA A 2 29.50 10.83 -11.59
C ALA A 2 28.55 11.37 -12.65
N SER A 3 27.73 12.35 -12.28
CA SER A 3 26.78 12.95 -13.19
C SER A 3 26.37 14.33 -12.66
N VAL A 4 25.91 15.21 -13.55
CA VAL A 4 25.47 16.54 -13.16
C VAL A 4 23.95 16.60 -13.06
N VAL A 5 23.30 15.50 -13.37
CA VAL A 5 21.85 15.42 -13.32
C VAL A 5 21.38 15.53 -11.87
N GLY A 6 20.52 16.50 -11.61
CA GLY A 6 20.01 16.71 -10.27
C GLY A 6 20.95 17.49 -9.36
N THR A 7 21.99 18.07 -9.94
CA THR A 7 22.93 18.86 -9.15
C THR A 7 22.17 19.99 -8.47
N PRO A 8 22.27 20.09 -7.13
CA PRO A 8 21.56 21.16 -6.43
C PRO A 8 22.06 22.58 -6.72
N LYS A 9 21.15 23.54 -6.64
CA LYS A 9 21.47 24.94 -6.88
C LYS A 9 22.41 25.42 -5.77
N SER A 10 23.06 26.55 -5.99
CA SER A 10 23.96 27.08 -4.97
C SER A 10 23.10 27.96 -4.07
N ALA A 11 23.60 28.25 -2.88
CA ALA A 11 22.88 29.09 -1.94
C ALA A 11 22.64 30.44 -2.62
N GLU A 12 23.64 30.94 -3.34
CA GLU A 12 23.54 32.22 -4.03
C GLU A 12 22.37 32.24 -5.01
N GLN A 13 22.24 31.19 -5.81
CA GLN A 13 21.15 31.10 -6.78
C GLN A 13 19.81 31.13 -6.08
N ILE A 14 19.70 30.38 -4.98
CA ILE A 14 18.46 30.33 -4.21
C ILE A 14 18.15 31.72 -3.68
N GLN A 15 19.15 32.35 -3.07
CA GLN A 15 19.01 33.69 -2.50
C GLN A 15 18.53 34.70 -3.55
N GLN A 16 19.12 34.66 -4.74
CA GLN A 16 18.72 35.58 -5.79
C GLN A 16 17.26 35.39 -6.16
N GLU A 17 16.82 34.14 -6.20
CA GLU A 17 15.44 33.82 -6.52
C GLU A 17 14.52 34.42 -5.47
N TRP A 18 14.91 34.30 -4.21
CA TRP A 18 14.12 34.84 -3.11
C TRP A 18 14.06 36.36 -3.17
N ASP A 19 15.20 36.98 -3.47
CA ASP A 19 15.28 38.43 -3.54
C ASP A 19 14.68 39.06 -4.79
N THR A 20 14.73 38.36 -5.92
CA THR A 20 14.22 38.92 -7.18
C THR A 20 12.91 38.38 -7.75
N ASN A 21 12.47 37.19 -7.33
CA ASN A 21 11.22 36.66 -7.86
C ASN A 21 10.02 37.22 -7.12
N PRO A 22 9.05 37.80 -7.86
CA PRO A 22 7.85 38.38 -7.24
C PRO A 22 7.08 37.34 -6.40
N ARG A 23 7.25 36.07 -6.72
CA ARG A 23 6.59 35.01 -5.98
C ARG A 23 6.86 35.10 -4.49
N TRP A 24 8.06 35.59 -4.15
CA TRP A 24 8.47 35.70 -2.75
C TRP A 24 8.40 37.11 -2.19
N LYS A 25 7.77 38.01 -2.92
CA LYS A 25 7.65 39.41 -2.51
C LYS A 25 7.26 39.60 -1.05
N ASP A 26 6.25 38.87 -0.59
CA ASP A 26 5.79 39.02 0.79
C ASP A 26 6.06 37.81 1.65
N VAL A 27 7.03 36.99 1.26
CA VAL A 27 7.34 35.79 2.02
C VAL A 27 8.50 35.92 2.98
N THR A 28 8.23 35.64 4.26
CA THR A 28 9.26 35.69 5.28
C THR A 28 9.79 34.28 5.54
N ARG A 29 11.11 34.15 5.60
CA ARG A 29 11.77 32.88 5.86
C ARG A 29 12.73 33.10 7.03
N THR A 30 12.50 32.43 8.15
CA THR A 30 13.37 32.59 9.32
C THR A 30 14.63 31.73 9.27
N TYR A 31 14.88 31.11 8.13
CA TYR A 31 16.08 30.31 7.95
C TYR A 31 16.79 30.86 6.72
N SER A 32 17.97 30.35 6.40
CA SER A 32 18.72 30.88 5.28
C SER A 32 18.86 29.93 4.11
N ALA A 33 19.25 30.49 2.96
CA ALA A 33 19.47 29.72 1.74
C ALA A 33 20.50 28.65 2.07
N GLU A 34 21.50 29.01 2.86
CA GLU A 34 22.55 28.08 3.25
C GLU A 34 21.95 26.87 3.99
N ASP A 35 20.93 27.12 4.81
CA ASP A 35 20.27 26.06 5.56
C ASP A 35 19.54 25.11 4.62
N VAL A 36 18.93 25.65 3.58
CA VAL A 36 18.22 24.84 2.61
C VAL A 36 19.20 23.90 1.90
N VAL A 37 20.30 24.47 1.42
CA VAL A 37 21.31 23.71 0.71
C VAL A 37 21.86 22.56 1.56
N ALA A 38 22.17 22.85 2.83
CA ALA A 38 22.71 21.84 3.72
C ALA A 38 21.82 20.61 3.85
N LEU A 39 20.54 20.77 3.57
CA LEU A 39 19.59 19.67 3.69
C LEU A 39 19.32 18.90 2.39
N GLN A 40 19.87 19.39 1.28
CA GLN A 40 19.63 18.78 -0.03
C GLN A 40 20.51 17.64 -0.50
N GLY A 41 21.47 17.21 0.30
CA GLY A 41 22.33 16.14 -0.14
C GLY A 41 23.05 16.59 -1.40
N SER A 42 23.48 15.65 -2.24
CA SER A 42 24.19 16.03 -3.45
C SER A 42 23.37 15.84 -4.71
N VAL A 43 22.10 15.46 -4.53
CA VAL A 43 21.19 15.25 -5.65
C VAL A 43 19.79 15.71 -5.28
N VAL A 44 19.19 16.53 -6.13
CA VAL A 44 17.85 17.04 -5.92
C VAL A 44 16.92 16.54 -7.02
N GLU A 45 15.88 15.83 -6.62
CA GLU A 45 14.90 15.29 -7.55
C GLU A 45 14.00 16.41 -8.06
N GLU A 46 13.76 16.40 -9.36
CA GLU A 46 12.88 17.39 -9.95
C GLU A 46 11.45 16.89 -9.77
N HIS A 47 10.56 17.79 -9.36
CA HIS A 47 9.16 17.47 -9.15
C HIS A 47 8.33 18.29 -10.14
N THR A 48 8.31 17.80 -11.37
CA THR A 48 7.62 18.45 -12.48
C THR A 48 6.18 18.90 -12.18
N LEU A 49 5.32 17.97 -11.77
CA LEU A 49 3.93 18.32 -11.50
C LEU A 49 3.74 19.26 -10.31
N ALA A 50 4.62 19.15 -9.32
CA ALA A 50 4.52 20.02 -8.15
C ALA A 50 4.92 21.44 -8.53
N ARG A 51 5.93 21.57 -9.40
CA ARG A 51 6.40 22.88 -9.82
C ARG A 51 5.40 23.54 -10.75
N ARG A 52 4.99 22.81 -11.78
CA ARG A 52 4.05 23.33 -12.75
C ARG A 52 2.74 23.74 -12.08
N GLY A 53 2.23 22.88 -11.20
CA GLY A 53 0.99 23.16 -10.51
C GLY A 53 1.05 24.39 -9.62
N ALA A 54 2.15 24.57 -8.92
CA ALA A 54 2.32 25.73 -8.05
C ALA A 54 2.39 26.99 -8.90
N GLU A 55 3.14 26.92 -10.00
CA GLU A 55 3.27 28.06 -10.89
C GLU A 55 1.93 28.45 -11.50
N VAL A 56 1.20 27.46 -12.02
CA VAL A 56 -0.11 27.71 -12.61
C VAL A 56 -1.09 28.23 -11.57
N LEU A 57 -1.06 27.64 -10.37
CA LEU A 57 -1.97 28.05 -9.32
C LEU A 57 -1.75 29.50 -8.93
N TRP A 58 -0.50 29.84 -8.63
CA TRP A 58 -0.12 31.19 -8.25
C TRP A 58 -0.62 32.17 -9.31
N GLU A 59 -0.36 31.85 -10.58
CA GLU A 59 -0.79 32.71 -11.68
C GLU A 59 -2.30 32.90 -11.70
N GLN A 60 -3.05 31.80 -11.63
CA GLN A 60 -4.50 31.89 -11.66
C GLN A 60 -5.03 32.74 -10.49
N LEU A 61 -4.38 32.65 -9.34
CA LEU A 61 -4.81 33.42 -8.18
C LEU A 61 -4.71 34.92 -8.43
N HIS A 62 -3.92 35.30 -9.43
CA HIS A 62 -3.74 36.71 -9.77
C HIS A 62 -4.53 37.13 -11.03
N ASP A 63 -4.53 36.27 -12.05
CA ASP A 63 -5.23 36.58 -13.30
C ASP A 63 -6.74 36.39 -13.31
N LEU A 64 -7.25 35.51 -12.46
CA LEU A 64 -8.68 35.26 -12.43
C LEU A 64 -9.37 36.08 -11.34
N GLU A 65 -10.66 36.32 -11.51
CA GLU A 65 -11.42 37.08 -10.52
C GLU A 65 -11.31 36.31 -9.20
N TRP A 66 -11.21 34.99 -9.32
CA TRP A 66 -11.05 34.08 -8.18
C TRP A 66 -11.00 32.64 -8.68
N VAL A 67 -10.38 31.78 -7.89
CA VAL A 67 -10.23 30.37 -8.24
C VAL A 67 -11.11 29.52 -7.33
N ASN A 68 -12.03 28.76 -7.91
CA ASN A 68 -12.88 27.91 -7.11
C ASN A 68 -12.67 26.45 -7.47
N ALA A 69 -12.97 25.56 -6.53
CA ALA A 69 -12.79 24.14 -6.76
C ALA A 69 -13.79 23.34 -5.96
N LEU A 70 -13.84 22.05 -6.26
CA LEU A 70 -14.73 21.11 -5.58
C LEU A 70 -13.87 19.96 -5.04
N GLY A 71 -14.21 19.46 -3.86
CA GLY A 71 -13.44 18.37 -3.29
C GLY A 71 -13.55 17.13 -4.15
N ALA A 72 -12.42 16.48 -4.39
CA ALA A 72 -12.37 15.27 -5.20
C ALA A 72 -11.68 14.16 -4.41
N LEU A 73 -12.26 12.97 -4.39
CA LEU A 73 -11.66 11.85 -3.66
C LEU A 73 -11.22 10.69 -4.56
N THR A 74 -11.48 10.77 -5.86
CA THR A 74 -11.05 9.74 -6.80
C THR A 74 -10.50 10.42 -8.06
N GLY A 75 -9.73 9.68 -8.84
CA GLY A 75 -9.17 10.24 -10.06
C GLY A 75 -10.22 10.73 -11.03
N ASN A 76 -11.19 9.88 -11.34
CA ASN A 76 -12.25 10.27 -12.27
C ASN A 76 -12.97 11.55 -11.81
N MET A 77 -13.15 11.70 -10.50
CA MET A 77 -13.80 12.88 -9.99
C MET A 77 -13.10 14.14 -10.49
N ALA A 78 -11.79 14.19 -10.30
CA ALA A 78 -11.01 15.34 -10.73
C ALA A 78 -11.12 15.54 -12.24
N VAL A 79 -11.14 14.44 -12.99
CA VAL A 79 -11.23 14.52 -14.44
C VAL A 79 -12.51 15.23 -14.87
N GLN A 80 -13.63 14.86 -14.25
CA GLN A 80 -14.90 15.48 -14.58
C GLN A 80 -14.89 16.96 -14.20
N GLN A 81 -14.27 17.28 -13.06
CA GLN A 81 -14.21 18.66 -12.60
C GLN A 81 -13.48 19.53 -13.62
N VAL A 82 -12.37 19.02 -14.17
CA VAL A 82 -11.62 19.76 -15.18
C VAL A 82 -12.39 19.79 -16.50
N ARG A 83 -12.98 18.66 -16.88
CA ARG A 83 -13.75 18.55 -18.12
C ARG A 83 -14.91 19.56 -18.10
N ALA A 84 -15.43 19.84 -16.91
CA ALA A 84 -16.54 20.78 -16.75
C ALA A 84 -16.10 22.24 -16.73
N GLY A 85 -14.80 22.48 -16.74
CA GLY A 85 -14.33 23.86 -16.75
C GLY A 85 -13.58 24.36 -15.53
N LEU A 86 -13.61 23.61 -14.44
CA LEU A 86 -12.91 24.04 -13.24
C LEU A 86 -11.41 24.04 -13.47
N LYS A 87 -10.71 25.01 -12.90
CA LYS A 87 -9.28 25.12 -13.10
C LYS A 87 -8.42 24.79 -11.88
N ALA A 88 -9.03 24.16 -10.89
CA ALA A 88 -8.30 23.77 -9.70
C ALA A 88 -8.99 22.57 -9.06
N ILE A 89 -8.23 21.76 -8.33
CA ILE A 89 -8.81 20.61 -7.67
C ILE A 89 -8.58 20.68 -6.16
N TYR A 90 -9.64 20.50 -5.39
CA TYR A 90 -9.49 20.53 -3.94
C TYR A 90 -9.48 19.10 -3.40
N LEU A 91 -8.45 18.77 -2.64
CA LEU A 91 -8.31 17.43 -2.07
C LEU A 91 -8.61 17.49 -0.58
N SER A 92 -9.83 17.13 -0.23
CA SER A 92 -10.31 17.14 1.14
C SER A 92 -9.79 15.99 2.01
N GLY A 93 -9.29 16.32 3.19
CA GLY A 93 -8.80 15.30 4.11
C GLY A 93 -9.99 14.61 4.75
N TRP A 94 -11.11 15.33 4.85
CA TRP A 94 -12.35 14.81 5.40
C TRP A 94 -12.81 13.65 4.51
N GLN A 95 -12.88 13.90 3.20
CA GLN A 95 -13.32 12.88 2.25
C GLN A 95 -12.40 11.66 2.25
N VAL A 96 -11.10 11.91 2.43
CA VAL A 96 -10.12 10.84 2.48
C VAL A 96 -10.37 9.97 3.71
N ALA A 97 -10.69 10.60 4.83
CA ALA A 97 -10.99 9.87 6.06
C ALA A 97 -12.28 9.08 5.87
N GLY A 98 -13.24 9.69 5.21
CA GLY A 98 -14.52 9.03 5.02
C GLY A 98 -14.59 7.92 3.99
N ASP A 99 -13.84 8.05 2.88
CA ASP A 99 -13.94 7.04 1.84
C ASP A 99 -12.70 6.80 0.97
N ALA A 100 -11.54 7.31 1.36
CA ALA A 100 -10.35 7.11 0.52
C ALA A 100 -9.01 7.17 1.23
N ASN A 101 -8.85 6.43 2.32
CA ASN A 101 -7.57 6.45 3.00
C ASN A 101 -6.92 5.07 3.05
N LEU A 102 -5.61 5.06 3.27
CA LEU A 102 -4.84 3.83 3.30
C LEU A 102 -5.17 2.80 4.39
N SER A 103 -5.98 3.16 5.39
CA SER A 103 -6.29 2.16 6.41
C SER A 103 -7.40 1.24 5.89
N GLY A 104 -8.13 1.72 4.90
CA GLY A 104 -9.23 0.95 4.34
C GLY A 104 -10.51 1.20 5.12
N HIS A 105 -10.41 1.93 6.22
CA HIS A 105 -11.56 2.22 7.06
C HIS A 105 -12.25 3.56 6.82
N THR A 106 -13.49 3.65 7.31
CA THR A 106 -14.31 4.85 7.22
C THR A 106 -14.09 5.57 8.55
N TYR A 107 -13.69 6.84 8.48
CA TYR A 107 -13.43 7.58 9.70
C TYR A 107 -14.02 8.98 9.73
N PRO A 108 -14.29 9.49 10.93
CA PRO A 108 -14.82 10.85 11.02
C PRO A 108 -13.54 11.70 10.80
N ASP A 109 -13.69 13.00 10.58
CA ASP A 109 -12.53 13.86 10.30
C ASP A 109 -11.68 14.25 11.52
N GLN A 110 -10.90 13.30 12.04
CA GLN A 110 -10.09 13.54 13.23
C GLN A 110 -8.64 13.03 13.13
N SER A 111 -8.04 13.16 11.94
CA SER A 111 -6.66 12.71 11.73
C SER A 111 -6.46 11.27 12.23
N LEU A 112 -7.38 10.38 11.89
CA LEU A 112 -7.30 8.99 12.32
C LEU A 112 -6.59 8.08 11.32
N TYR A 113 -6.55 8.51 10.06
CA TYR A 113 -5.93 7.71 9.00
C TYR A 113 -4.41 7.86 8.87
N PRO A 114 -3.75 6.90 8.19
CA PRO A 114 -2.29 6.92 7.98
C PRO A 114 -1.87 8.21 7.29
N ALA A 115 -0.86 8.89 7.82
CA ALA A 115 -0.39 10.18 7.29
C ALA A 115 -0.01 10.30 5.81
N ASN A 116 0.26 9.19 5.14
CA ASN A 116 0.61 9.28 3.73
C ASN A 116 -0.59 9.08 2.81
N SER A 117 -1.80 9.14 3.39
CA SER A 117 -3.03 8.94 2.62
C SER A 117 -3.36 10.07 1.63
N VAL A 118 -3.28 11.32 2.06
CA VAL A 118 -3.57 12.41 1.13
C VAL A 118 -2.54 12.44 -0.01
N PRO A 119 -1.25 12.31 0.31
CA PRO A 119 -0.24 12.31 -0.76
C PRO A 119 -0.59 11.28 -1.85
N GLN A 120 -1.01 10.10 -1.42
CA GLN A 120 -1.39 9.05 -2.38
C GLN A 120 -2.54 9.50 -3.27
N VAL A 121 -3.53 10.16 -2.68
CA VAL A 121 -4.66 10.65 -3.46
C VAL A 121 -4.20 11.72 -4.45
N VAL A 122 -3.24 12.56 -4.04
CA VAL A 122 -2.71 13.61 -4.91
C VAL A 122 -2.07 12.93 -6.12
N ARG A 123 -1.24 11.92 -5.85
CA ARG A 123 -0.56 11.18 -6.91
C ARG A 123 -1.60 10.54 -7.82
N ARG A 124 -2.65 9.98 -7.21
CA ARG A 124 -3.72 9.35 -7.96
C ARG A 124 -4.44 10.36 -8.85
N ILE A 125 -4.75 11.52 -8.28
CA ILE A 125 -5.44 12.55 -9.05
C ILE A 125 -4.60 13.00 -10.24
N ASN A 126 -3.32 13.25 -10.02
CA ASN A 126 -2.46 13.65 -11.12
C ASN A 126 -2.40 12.56 -12.19
N ASN A 127 -2.31 11.30 -11.78
CA ASN A 127 -2.27 10.21 -12.75
C ASN A 127 -3.54 10.19 -13.62
N ALA A 128 -4.68 10.40 -12.99
CA ALA A 128 -5.96 10.40 -13.71
C ALA A 128 -6.02 11.55 -14.70
N LEU A 129 -5.52 12.71 -14.29
CA LEU A 129 -5.50 13.89 -15.14
C LEU A 129 -4.54 13.72 -16.30
N GLN A 130 -3.44 12.98 -16.07
CA GLN A 130 -2.47 12.74 -17.11
C GLN A 130 -3.04 11.81 -18.16
N ARG A 131 -3.88 10.87 -17.74
CA ARG A 131 -4.48 9.93 -18.68
C ARG A 131 -5.46 10.70 -19.57
N ALA A 132 -6.24 11.57 -18.95
CA ALA A 132 -7.19 12.38 -19.71
C ALA A 132 -6.41 13.22 -20.69
N ASP A 133 -5.27 13.74 -20.23
CA ASP A 133 -4.40 14.57 -21.07
C ASP A 133 -3.88 13.75 -22.26
N GLN A 134 -3.42 12.54 -21.98
CA GLN A 134 -2.90 11.65 -23.01
C GLN A 134 -3.99 11.29 -24.01
N ILE A 135 -5.18 10.98 -23.51
CA ILE A 135 -6.30 10.62 -24.37
C ILE A 135 -6.70 11.76 -25.28
N ALA A 136 -6.77 12.97 -24.70
CA ALA A 136 -7.16 14.15 -25.45
C ALA A 136 -6.19 14.43 -26.59
N LYS A 137 -4.90 14.17 -26.36
CA LYS A 137 -3.89 14.40 -27.39
C LYS A 137 -4.10 13.48 -28.60
N ILE A 138 -4.36 12.19 -28.37
CA ILE A 138 -4.57 11.28 -29.49
C ILE A 138 -5.96 11.44 -30.12
N GLU A 139 -6.88 12.05 -29.40
CA GLU A 139 -8.22 12.24 -29.95
C GLU A 139 -8.32 13.62 -30.63
N GLY A 140 -7.23 14.39 -30.56
CA GLY A 140 -7.23 15.72 -31.16
C GLY A 140 -8.19 16.64 -30.45
N ASP A 141 -8.54 16.28 -29.22
CA ASP A 141 -9.46 17.03 -28.39
C ASP A 141 -8.78 18.22 -27.70
N THR A 142 -9.14 19.43 -28.10
CA THR A 142 -8.56 20.63 -27.50
C THR A 142 -9.60 21.33 -26.62
N SER A 143 -10.65 20.58 -26.29
CA SER A 143 -11.72 21.07 -25.44
C SER A 143 -11.18 21.70 -24.15
N VAL A 144 -10.14 21.10 -23.58
CA VAL A 144 -9.54 21.59 -22.33
C VAL A 144 -8.12 22.11 -22.55
N GLU A 145 -7.87 23.35 -22.15
CA GLU A 145 -6.55 23.95 -22.33
C GLU A 145 -5.50 23.34 -21.41
N ASN A 146 -5.87 23.11 -20.15
CA ASN A 146 -4.94 22.55 -19.17
C ASN A 146 -5.56 21.42 -18.35
N TRP A 147 -5.27 20.18 -18.73
CA TRP A 147 -5.81 19.03 -17.98
C TRP A 147 -5.16 18.93 -16.61
N LEU A 148 -3.89 19.31 -16.52
CA LEU A 148 -3.19 19.25 -15.25
C LEU A 148 -3.50 20.44 -14.37
N ALA A 149 -4.74 20.47 -13.86
CA ALA A 149 -5.18 21.54 -12.98
C ALA A 149 -4.40 21.43 -11.66
N PRO A 150 -4.08 22.59 -11.06
CA PRO A 150 -3.35 22.57 -9.78
C PRO A 150 -4.18 21.94 -8.68
N ILE A 151 -3.51 21.21 -7.79
CA ILE A 151 -4.17 20.54 -6.69
C ILE A 151 -3.80 21.20 -5.36
N VAL A 152 -4.82 21.57 -4.58
CA VAL A 152 -4.65 22.16 -3.26
C VAL A 152 -5.06 21.04 -2.31
N ALA A 153 -4.12 20.57 -1.49
CA ALA A 153 -4.43 19.46 -0.58
C ALA A 153 -4.43 19.79 0.90
N ASP A 154 -5.16 18.96 1.64
CA ASP A 154 -5.33 19.08 3.08
C ASP A 154 -4.14 18.50 3.86
N GLY A 155 -3.46 19.36 4.62
CA GLY A 155 -2.34 18.90 5.41
C GLY A 155 -2.81 18.72 6.85
N GLU A 156 -4.08 19.04 7.08
CA GLU A 156 -4.69 18.94 8.41
C GLU A 156 -3.85 19.65 9.45
N ALA A 157 -3.51 18.96 10.53
CA ALA A 157 -2.70 19.56 11.59
C ALA A 157 -1.27 19.01 11.62
N GLY A 158 -0.85 18.39 10.51
CA GLY A 158 0.50 17.87 10.43
C GLY A 158 0.76 16.47 10.93
N PHE A 159 -0.20 15.87 11.63
CA PHE A 159 -0.05 14.52 12.16
C PHE A 159 1.12 14.42 13.14
N GLY A 160 1.32 15.46 13.94
CA GLY A 160 2.42 15.42 14.88
C GLY A 160 3.15 16.74 15.02
N GLY A 161 4.47 16.66 15.13
CA GLY A 161 5.28 17.86 15.27
C GLY A 161 5.68 18.46 13.95
N ALA A 162 6.67 19.36 14.02
CA ALA A 162 7.18 20.03 12.84
C ALA A 162 7.80 19.04 11.86
N LEU A 163 8.37 17.95 12.37
CA LEU A 163 8.98 16.94 11.51
C LEU A 163 7.91 16.15 10.75
N ASN A 164 6.77 15.89 11.40
CA ASN A 164 5.69 15.17 10.75
C ASN A 164 5.13 16.09 9.66
N VAL A 165 5.07 17.38 9.96
CA VAL A 165 4.59 18.38 9.01
C VAL A 165 5.52 18.34 7.81
N TYR A 166 6.81 18.39 8.08
CA TYR A 166 7.83 18.38 7.04
C TYR A 166 7.70 17.20 6.08
N GLU A 167 7.54 16.00 6.63
CA GLU A 167 7.41 14.81 5.81
C GLU A 167 6.12 14.80 4.99
N LEU A 168 5.03 15.30 5.56
CA LEU A 168 3.76 15.33 4.84
C LEU A 168 3.89 16.27 3.64
N GLN A 169 4.44 17.45 3.87
CA GLN A 169 4.62 18.43 2.79
C GLN A 169 5.51 17.84 1.70
N LYS A 170 6.59 17.19 2.12
CA LYS A 170 7.53 16.58 1.18
C LYS A 170 6.85 15.48 0.35
N ALA A 171 6.02 14.67 1.00
CA ALA A 171 5.32 13.60 0.32
C ALA A 171 4.27 14.15 -0.65
N LEU A 172 3.60 15.23 -0.25
CA LEU A 172 2.58 15.88 -1.09
C LEU A 172 3.23 16.43 -2.35
N ILE A 173 4.41 17.03 -2.19
CA ILE A 173 5.15 17.60 -3.30
C ILE A 173 5.59 16.50 -4.29
N ALA A 174 6.14 15.42 -3.76
CA ALA A 174 6.61 14.34 -4.62
C ALA A 174 5.44 13.79 -5.45
N ALA A 175 4.23 13.88 -4.92
CA ALA A 175 3.04 13.40 -5.60
C ALA A 175 2.51 14.44 -6.59
N GLY A 176 3.07 15.63 -6.56
CA GLY A 176 2.64 16.68 -7.48
C GLY A 176 1.64 17.71 -6.98
N VAL A 177 1.58 17.93 -5.68
CA VAL A 177 0.63 18.91 -5.14
C VAL A 177 1.05 20.32 -5.56
N ALA A 178 0.08 21.22 -5.66
CA ALA A 178 0.34 22.61 -6.03
C ALA A 178 0.28 23.52 -4.80
N GLY A 179 -0.60 23.16 -3.86
CA GLY A 179 -0.74 23.93 -2.64
C GLY A 179 -1.20 23.05 -1.50
N SER A 180 -0.89 23.44 -0.27
CA SER A 180 -1.29 22.65 0.90
C SER A 180 -1.68 23.57 2.07
N HIS A 181 -2.69 23.19 2.83
CA HIS A 181 -3.12 24.00 3.97
C HIS A 181 -2.87 23.31 5.30
N TRP A 182 -2.61 24.13 6.32
CA TRP A 182 -2.29 23.63 7.64
C TRP A 182 -3.06 24.44 8.69
N GLU A 183 -3.65 23.73 9.64
CA GLU A 183 -4.47 24.36 10.68
C GLU A 183 -3.80 24.39 12.04
N ASP A 184 -4.20 25.37 12.84
CA ASP A 184 -3.63 25.53 14.17
C ASP A 184 -4.35 24.73 15.25
N GLN A 185 -4.58 23.45 14.98
CA GLN A 185 -5.23 22.56 15.94
C GLN A 185 -4.21 21.56 16.47
N LEU A 186 -4.52 20.98 17.63
CA LEU A 186 -3.65 19.98 18.24
C LEU A 186 -3.88 18.71 17.42
N ALA A 187 -2.82 18.21 16.80
CA ALA A 187 -2.89 17.02 15.96
C ALA A 187 -3.62 15.85 16.60
N SER A 188 -3.24 15.51 17.83
CA SER A 188 -3.84 14.39 18.54
C SER A 188 -5.35 14.53 18.81
N GLU A 189 -5.88 15.74 18.75
CA GLU A 189 -7.30 15.96 18.99
C GLU A 189 -7.96 16.65 17.79
N LYS A 190 -7.29 16.61 16.65
CA LYS A 190 -7.78 17.24 15.44
C LYS A 190 -9.26 16.99 15.20
N LYS A 191 -9.98 18.05 14.89
CA LYS A 191 -11.41 17.97 14.62
C LYS A 191 -11.73 18.63 13.31
N SER A 192 -12.83 18.21 12.72
CA SER A 192 -13.28 18.81 11.48
C SER A 192 -13.58 20.26 11.86
N GLY A 193 -13.42 21.18 10.92
CA GLY A 193 -13.67 22.59 11.22
C GLY A 193 -15.05 22.86 11.79
N HIS A 194 -16.02 22.04 11.45
CA HIS A 194 -17.38 22.24 11.93
C HIS A 194 -17.88 21.21 12.94
N LEU A 195 -16.93 20.57 13.62
CA LEU A 195 -17.24 19.62 14.69
C LEU A 195 -16.80 20.30 15.97
N GLY A 196 -17.35 19.88 17.10
CA GLY A 196 -16.98 20.49 18.36
C GLY A 196 -15.76 19.84 18.98
N GLY A 197 -15.36 20.32 20.15
CA GLY A 197 -14.21 19.76 20.84
C GLY A 197 -12.86 20.07 20.24
N LYS A 198 -12.76 21.18 19.52
CA LYS A 198 -11.50 21.57 18.90
C LYS A 198 -10.54 22.18 19.90
N VAL A 199 -9.25 21.85 19.76
CA VAL A 199 -8.21 22.38 20.63
C VAL A 199 -7.16 23.10 19.79
N LEU A 200 -6.93 24.36 20.10
CA LEU A 200 -5.92 25.15 19.38
C LEU A 200 -4.55 24.94 19.99
N ILE A 201 -3.52 25.22 19.21
CA ILE A 201 -2.14 25.13 19.68
C ILE A 201 -1.65 26.58 19.72
N PRO A 202 -0.57 26.86 20.47
CA PRO A 202 -0.06 28.24 20.53
C PRO A 202 0.20 28.85 19.14
N THR A 203 0.01 30.16 19.04
CA THR A 203 0.23 30.88 17.79
C THR A 203 1.62 30.60 17.21
N GLN A 204 2.63 30.62 18.08
CA GLN A 204 3.99 30.38 17.62
C GLN A 204 4.17 28.96 17.14
N GLN A 205 3.40 28.03 17.70
CA GLN A 205 3.54 26.65 17.29
C GLN A 205 3.08 26.49 15.85
N HIS A 206 2.01 27.20 15.48
CA HIS A 206 1.55 27.08 14.11
C HIS A 206 2.50 27.77 13.15
N ILE A 207 3.21 28.78 13.64
CA ILE A 207 4.19 29.48 12.80
C ILE A 207 5.32 28.49 12.53
N ARG A 208 5.65 27.67 13.52
CA ARG A 208 6.70 26.68 13.31
C ARG A 208 6.21 25.71 12.22
N THR A 209 4.92 25.41 12.24
CA THR A 209 4.34 24.51 11.24
C THR A 209 4.44 25.12 9.84
N LEU A 210 4.00 26.36 9.69
CA LEU A 210 4.06 27.01 8.38
C LEU A 210 5.52 27.12 7.91
N THR A 211 6.42 27.41 8.85
CA THR A 211 7.84 27.51 8.54
C THR A 211 8.34 26.16 8.04
N SER A 212 7.90 25.10 8.70
CA SER A 212 8.31 23.74 8.32
C SER A 212 7.75 23.38 6.95
N ALA A 213 6.52 23.79 6.66
CA ALA A 213 5.91 23.49 5.37
C ALA A 213 6.70 24.21 4.28
N ARG A 214 7.14 25.42 4.58
CA ARG A 214 7.91 26.19 3.61
C ARG A 214 9.28 25.58 3.38
N LEU A 215 9.96 25.22 4.47
CA LEU A 215 11.28 24.61 4.38
C LEU A 215 11.27 23.35 3.49
N ALA A 216 10.25 22.51 3.68
CA ALA A 216 10.14 21.28 2.89
C ALA A 216 10.03 21.64 1.41
N ALA A 217 9.21 22.64 1.10
CA ALA A 217 9.04 23.07 -0.28
C ALA A 217 10.37 23.57 -0.87
N ASP A 218 11.10 24.38 -0.11
CA ASP A 218 12.39 24.93 -0.57
C ASP A 218 13.43 23.83 -0.79
N VAL A 219 13.46 22.85 0.10
CA VAL A 219 14.42 21.76 0.00
C VAL A 219 14.06 20.87 -1.20
N ALA A 220 12.78 20.86 -1.56
CA ALA A 220 12.31 20.09 -2.70
C ALA A 220 12.37 20.99 -3.91
N ASP A 221 12.87 22.21 -3.70
CA ASP A 221 13.01 23.21 -4.75
C ASP A 221 11.78 23.48 -5.62
N VAL A 222 10.64 23.76 -4.98
CA VAL A 222 9.41 24.09 -5.69
C VAL A 222 8.65 25.17 -4.91
N PRO A 223 8.02 26.11 -5.63
CA PRO A 223 7.24 27.21 -5.04
C PRO A 223 5.83 26.85 -4.55
N THR A 224 5.71 25.73 -3.82
CA THR A 224 4.41 25.27 -3.32
C THR A 224 3.61 26.34 -2.58
N VAL A 225 2.35 26.51 -2.96
CA VAL A 225 1.48 27.49 -2.31
C VAL A 225 1.13 27.03 -0.89
N VAL A 226 1.53 27.82 0.11
CA VAL A 226 1.27 27.49 1.51
C VAL A 226 0.09 28.26 2.09
N ILE A 227 -0.91 27.53 2.56
CA ILE A 227 -2.12 28.09 3.11
C ILE A 227 -2.21 27.89 4.62
N ALA A 228 -2.48 28.99 5.33
CA ALA A 228 -2.60 28.97 6.77
C ALA A 228 -4.06 29.02 7.19
N ARG A 229 -4.47 28.07 8.01
CA ARG A 229 -5.86 27.99 8.47
C ARG A 229 -5.97 28.11 9.98
N THR A 230 -6.97 28.87 10.44
CA THR A 230 -7.19 29.01 11.86
C THR A 230 -8.58 28.52 12.23
N ASP A 231 -8.65 27.82 13.36
CA ASP A 231 -9.90 27.26 13.86
C ASP A 231 -10.34 27.99 15.13
N ALA A 232 -9.78 29.16 15.35
CA ALA A 232 -10.08 29.97 16.54
C ALA A 232 -11.48 30.55 16.58
N GLU A 233 -12.23 30.43 15.49
CA GLU A 233 -13.59 30.97 15.44
C GLU A 233 -14.52 30.23 16.41
N ALA A 234 -14.42 28.90 16.45
CA ALA A 234 -15.28 28.11 17.33
C ALA A 234 -14.53 27.39 18.45
N ALA A 235 -13.22 27.21 18.30
CA ALA A 235 -12.44 26.51 19.32
C ALA A 235 -12.45 27.27 20.65
N THR A 236 -12.82 26.55 21.72
CA THR A 236 -12.86 27.15 23.05
C THR A 236 -11.78 26.57 23.97
N LEU A 237 -10.83 25.85 23.37
CA LEU A 237 -9.73 25.26 24.12
C LEU A 237 -8.39 25.47 23.41
N ILE A 238 -7.33 25.62 24.19
CA ILE A 238 -6.01 25.80 23.63
C ILE A 238 -5.08 24.98 24.52
N THR A 239 -4.03 24.42 23.94
CA THR A 239 -3.12 23.58 24.71
C THR A 239 -2.33 24.32 25.76
N SER A 240 -1.91 25.55 25.45
CA SER A 240 -1.11 26.29 26.39
C SER A 240 -1.31 27.80 26.32
N ASP A 241 -0.90 28.51 27.39
CA ASP A 241 -1.02 29.95 27.45
C ASP A 241 0.36 30.60 27.34
N VAL A 242 1.34 29.81 26.92
CA VAL A 242 2.72 30.25 26.79
C VAL A 242 2.92 31.44 25.84
N ASP A 243 2.12 31.51 24.77
CA ASP A 243 2.26 32.60 23.82
C ASP A 243 1.49 33.84 24.26
N GLU A 244 2.23 34.94 24.41
CA GLU A 244 1.64 36.21 24.84
C GLU A 244 0.51 36.69 23.94
N ARG A 245 0.56 36.32 22.66
CA ARG A 245 -0.48 36.73 21.72
C ARG A 245 -1.80 36.01 21.97
N ASP A 246 -1.74 34.85 22.62
CA ASP A 246 -2.94 34.08 22.91
C ASP A 246 -3.52 34.41 24.28
N GLN A 247 -2.66 34.84 25.19
CA GLN A 247 -3.09 35.16 26.55
C GLN A 247 -4.31 36.07 26.68
N PRO A 248 -4.47 37.07 25.80
CA PRO A 248 -5.63 37.95 25.92
C PRO A 248 -6.97 37.22 25.90
N PHE A 249 -6.99 36.03 25.31
CA PHE A 249 -8.22 35.24 25.19
C PHE A 249 -8.37 34.13 26.23
N ILE A 250 -7.30 33.86 26.98
CA ILE A 250 -7.32 32.81 27.99
C ILE A 250 -8.16 33.22 29.19
N THR A 251 -9.15 32.39 29.54
CA THR A 251 -10.02 32.69 30.68
C THR A 251 -9.41 32.34 32.03
N GLY A 252 -8.53 31.34 32.05
CA GLY A 252 -7.92 30.94 33.31
C GLY A 252 -8.39 29.55 33.73
N GLU A 253 -9.54 29.14 33.23
CA GLU A 253 -10.09 27.83 33.55
C GLU A 253 -9.36 26.73 32.80
N ARG A 254 -9.23 25.57 33.42
CA ARG A 254 -8.56 24.42 32.84
C ARG A 254 -9.48 23.20 32.89
N THR A 255 -9.32 22.29 31.93
CA THR A 255 -10.13 21.07 31.91
C THR A 255 -9.36 19.98 32.65
N ARG A 256 -9.98 18.80 32.80
CA ARG A 256 -9.32 17.70 33.49
C ARG A 256 -8.07 17.23 32.72
N GLU A 257 -8.03 17.47 31.42
CA GLU A 257 -6.89 17.06 30.61
C GLU A 257 -5.78 18.09 30.72
N GLY A 258 -6.11 19.27 31.22
CA GLY A 258 -5.11 20.32 31.35
C GLY A 258 -5.18 21.38 30.28
N PHE A 259 -6.20 21.34 29.44
CA PHE A 259 -6.35 22.34 28.39
C PHE A 259 -6.83 23.64 29.01
N TYR A 260 -6.54 24.75 28.33
CA TYR A 260 -6.97 26.06 28.81
C TYR A 260 -8.18 26.54 28.03
N ARG A 261 -9.18 27.05 28.74
CA ARG A 261 -10.38 27.57 28.09
C ARG A 261 -9.95 28.89 27.46
N THR A 262 -10.44 29.16 26.26
CA THR A 262 -10.08 30.40 25.57
C THR A 262 -11.33 30.98 24.92
N LYS A 263 -11.36 32.30 24.76
CA LYS A 263 -12.52 32.97 24.16
C LYS A 263 -12.45 32.93 22.64
N ASN A 264 -13.37 32.19 22.04
CA ASN A 264 -13.41 32.05 20.60
C ASN A 264 -14.07 33.24 19.93
N GLY A 265 -14.01 33.27 18.61
CA GLY A 265 -14.62 34.37 17.87
C GLY A 265 -13.78 34.85 16.73
N ILE A 266 -14.24 35.88 16.05
CA ILE A 266 -13.49 36.43 14.93
C ILE A 266 -12.28 37.17 15.42
N GLU A 267 -12.35 37.69 16.64
CA GLU A 267 -11.25 38.44 17.21
C GLU A 267 -9.97 37.60 17.28
N PRO A 268 -10.04 36.36 17.82
CA PRO A 268 -8.83 35.56 17.89
C PRO A 268 -8.35 35.17 16.49
N CYS A 269 -9.29 35.01 15.56
CA CYS A 269 -8.94 34.66 14.20
C CYS A 269 -8.16 35.78 13.53
N ILE A 270 -8.57 37.02 13.78
CA ILE A 270 -7.90 38.16 13.19
C ILE A 270 -6.47 38.27 13.70
N ALA A 271 -6.32 38.15 15.02
CA ALA A 271 -4.99 38.24 15.63
C ALA A 271 -4.05 37.17 15.08
N ARG A 272 -4.52 35.93 15.04
CA ARG A 272 -3.70 34.83 14.52
C ARG A 272 -3.41 35.01 13.03
N ALA A 273 -4.42 35.42 12.27
CA ALA A 273 -4.25 35.64 10.83
C ALA A 273 -3.07 36.59 10.59
N LYS A 274 -3.08 37.73 11.29
CA LYS A 274 -2.02 38.71 11.15
C LYS A 274 -0.66 38.10 11.52
N ALA A 275 -0.64 37.24 12.53
CA ALA A 275 0.59 36.61 12.97
C ALA A 275 1.09 35.59 11.93
N TYR A 276 0.16 34.95 11.23
CA TYR A 276 0.52 33.96 10.22
C TYR A 276 0.87 34.59 8.86
N ALA A 277 0.23 35.71 8.55
CA ALA A 277 0.44 36.39 7.26
C ALA A 277 1.82 36.27 6.64
N PRO A 278 2.88 36.66 7.37
CA PRO A 278 4.24 36.58 6.83
C PRO A 278 4.69 35.18 6.42
N PHE A 279 3.92 34.16 6.84
CA PHE A 279 4.28 32.78 6.53
C PHE A 279 3.20 32.07 5.72
N ALA A 280 2.23 32.82 5.22
CA ALA A 280 1.14 32.22 4.46
C ALA A 280 0.85 32.90 3.13
N ASP A 281 0.70 32.10 2.08
CA ASP A 281 0.39 32.65 0.77
C ASP A 281 -1.09 32.98 0.73
N LEU A 282 -1.86 32.28 1.56
CA LEU A 282 -3.30 32.49 1.68
C LEU A 282 -3.69 32.19 3.11
N ILE A 283 -4.68 32.92 3.62
CA ILE A 283 -5.13 32.69 4.98
C ILE A 283 -6.61 32.30 4.95
N TRP A 284 -6.95 31.31 5.75
CA TRP A 284 -8.31 30.81 5.79
C TRP A 284 -8.83 30.67 7.22
N MET A 285 -10.00 31.26 7.45
CA MET A 285 -10.64 31.23 8.75
C MET A 285 -11.89 30.37 8.61
N GLU A 286 -12.02 29.37 9.48
CA GLU A 286 -13.20 28.52 9.46
C GLU A 286 -14.31 29.32 10.12
N THR A 287 -15.54 29.15 9.65
CA THR A 287 -16.68 29.87 10.22
C THR A 287 -17.83 28.90 10.49
N GLY A 288 -18.73 29.28 11.39
CA GLY A 288 -19.86 28.42 11.71
C GLY A 288 -21.05 28.58 10.78
N THR A 289 -21.02 29.62 9.94
CA THR A 289 -22.11 29.87 9.00
C THR A 289 -21.60 30.59 7.77
N PRO A 290 -22.37 30.52 6.66
CA PRO A 290 -21.96 31.21 5.43
C PRO A 290 -22.44 32.65 5.55
N ASP A 291 -21.58 33.50 6.10
CA ASP A 291 -21.93 34.90 6.32
C ASP A 291 -20.97 35.86 5.64
N LEU A 292 -21.47 36.60 4.65
CA LEU A 292 -20.66 37.56 3.91
C LEU A 292 -20.15 38.74 4.73
N GLU A 293 -20.94 39.15 5.72
CA GLU A 293 -20.57 40.27 6.57
C GLU A 293 -19.40 39.85 7.47
N ALA A 294 -19.53 38.68 8.09
CA ALA A 294 -18.46 38.19 8.95
C ALA A 294 -17.19 38.07 8.12
N ALA A 295 -17.33 37.61 6.88
CA ALA A 295 -16.19 37.46 6.00
C ALA A 295 -15.53 38.81 5.72
N ARG A 296 -16.37 39.83 5.49
CA ARG A 296 -15.87 41.17 5.21
C ARG A 296 -15.03 41.60 6.41
N GLN A 297 -15.65 41.48 7.59
CA GLN A 297 -15.02 41.86 8.84
C GLN A 297 -13.60 41.28 8.96
N PHE A 298 -13.49 39.99 8.70
CA PHE A 298 -12.20 39.28 8.76
C PHE A 298 -11.23 39.80 7.72
N SER A 299 -11.71 39.92 6.48
CA SER A 299 -10.89 40.40 5.37
C SER A 299 -10.36 41.81 5.59
N GLU A 300 -11.25 42.75 5.90
CA GLU A 300 -10.84 44.14 6.10
C GLU A 300 -9.85 44.29 7.24
N ALA A 301 -10.06 43.54 8.31
CA ALA A 301 -9.18 43.59 9.48
C ALA A 301 -7.78 43.12 9.10
N VAL A 302 -7.72 42.00 8.40
CA VAL A 302 -6.44 41.43 7.98
C VAL A 302 -5.73 42.30 6.95
N LYS A 303 -6.47 42.75 5.94
CA LYS A 303 -5.90 43.59 4.88
C LYS A 303 -5.44 44.95 5.37
N ALA A 304 -6.01 45.40 6.50
CA ALA A 304 -5.63 46.68 7.08
C ALA A 304 -4.12 46.73 7.31
N GLU A 305 -3.54 45.59 7.70
CA GLU A 305 -2.11 45.50 7.93
C GLU A 305 -1.38 44.83 6.77
N TYR A 306 -2.09 43.93 6.09
CA TYR A 306 -1.53 43.20 4.95
C TYR A 306 -2.43 43.34 3.72
N PRO A 307 -2.37 44.50 3.06
CA PRO A 307 -3.16 44.84 1.87
C PRO A 307 -3.17 43.79 0.77
N ASP A 308 -2.02 43.18 0.49
CA ASP A 308 -1.92 42.18 -0.57
C ASP A 308 -2.15 40.74 -0.13
N GLN A 309 -2.48 40.53 1.13
CA GLN A 309 -2.70 39.18 1.63
C GLN A 309 -3.96 38.55 1.03
N MET A 310 -3.80 37.47 0.28
CA MET A 310 -4.93 36.78 -0.32
C MET A 310 -5.56 35.84 0.71
N LEU A 311 -6.88 35.67 0.62
CA LEU A 311 -7.62 34.82 1.55
C LEU A 311 -8.30 33.64 0.84
N ALA A 312 -8.68 32.63 1.61
CA ALA A 312 -9.35 31.47 1.06
C ALA A 312 -10.60 31.21 1.88
N TYR A 313 -11.66 30.77 1.23
CA TYR A 313 -12.91 30.53 1.93
C TYR A 313 -13.52 29.17 1.64
N ASN A 314 -13.92 28.49 2.72
CA ASN A 314 -14.52 27.17 2.63
C ASN A 314 -16.04 27.27 2.55
N CYS A 315 -16.59 27.08 1.35
CA CYS A 315 -18.03 27.10 1.16
C CYS A 315 -18.44 25.70 1.56
N SER A 316 -18.47 25.47 2.86
CA SER A 316 -18.76 24.18 3.47
C SER A 316 -20.17 23.59 3.41
N PRO A 317 -20.26 22.29 3.07
CA PRO A 317 -21.53 21.56 2.99
C PRO A 317 -22.00 21.27 4.40
N SER A 318 -21.18 21.66 5.39
CA SER A 318 -21.53 21.47 6.78
C SER A 318 -22.52 22.55 7.19
N PHE A 319 -22.79 23.47 6.26
CA PHE A 319 -23.75 24.53 6.49
C PHE A 319 -25.05 24.11 5.80
N ASN A 320 -26.18 24.42 6.42
CA ASN A 320 -27.47 24.15 5.81
C ASN A 320 -27.69 25.49 5.11
N TRP A 321 -27.29 25.56 3.86
CA TRP A 321 -27.36 26.80 3.09
C TRP A 321 -28.67 27.57 3.01
N LYS A 322 -29.76 26.96 2.56
CA LYS A 322 -31.01 27.69 2.46
C LYS A 322 -31.61 28.02 3.83
N LYS A 323 -31.00 27.52 4.90
CA LYS A 323 -31.49 27.81 6.23
C LYS A 323 -30.92 29.14 6.68
N HIS A 324 -29.79 29.51 6.07
CA HIS A 324 -29.11 30.76 6.42
C HIS A 324 -29.24 31.86 5.38
N LEU A 325 -29.36 31.48 4.10
CA LEU A 325 -29.41 32.49 3.05
C LEU A 325 -30.54 32.30 2.05
N ASP A 326 -30.90 33.39 1.38
CA ASP A 326 -31.93 33.35 0.35
C ASP A 326 -31.20 33.00 -0.95
N ASP A 327 -31.92 32.59 -1.97
CA ASP A 327 -31.28 32.22 -3.23
C ASP A 327 -30.48 33.34 -3.86
N ALA A 328 -30.91 34.57 -3.64
CA ALA A 328 -30.19 35.70 -4.21
C ALA A 328 -28.77 35.77 -3.63
N THR A 329 -28.68 35.63 -2.31
CA THR A 329 -27.38 35.68 -1.63
C THR A 329 -26.50 34.49 -2.00
N ILE A 330 -27.13 33.32 -2.11
CA ILE A 330 -26.44 32.11 -2.49
C ILE A 330 -25.83 32.28 -3.87
N ALA A 331 -26.61 32.82 -4.80
CA ALA A 331 -26.16 33.03 -6.17
C ALA A 331 -24.95 33.96 -6.29
N LYS A 332 -24.90 34.99 -5.46
CA LYS A 332 -23.79 35.95 -5.50
C LYS A 332 -22.73 35.68 -4.44
N PHE A 333 -22.93 34.66 -3.62
CA PHE A 333 -22.00 34.36 -2.53
C PHE A 333 -20.51 34.37 -2.92
N GLN A 334 -20.12 33.50 -3.85
CA GLN A 334 -18.71 33.45 -4.24
C GLN A 334 -18.20 34.73 -4.92
N LYS A 335 -19.04 35.37 -5.71
CA LYS A 335 -18.61 36.59 -6.40
C LYS A 335 -18.36 37.69 -5.37
N GLU A 336 -19.20 37.77 -4.36
CA GLU A 336 -19.05 38.76 -3.30
C GLU A 336 -17.76 38.52 -2.50
N LEU A 337 -17.48 37.25 -2.21
CA LEU A 337 -16.28 36.89 -1.48
C LEU A 337 -15.03 37.27 -2.26
N ALA A 338 -15.06 37.01 -3.57
CA ALA A 338 -13.91 37.33 -4.40
C ALA A 338 -13.63 38.82 -4.36
N ALA A 339 -14.70 39.60 -4.37
CA ALA A 339 -14.58 41.06 -4.34
C ALA A 339 -13.94 41.49 -3.02
N MET A 340 -13.97 40.61 -2.03
CA MET A 340 -13.39 40.95 -0.73
C MET A 340 -12.04 40.28 -0.45
N GLY A 341 -11.38 39.82 -1.51
CA GLY A 341 -10.06 39.20 -1.35
C GLY A 341 -9.99 37.70 -1.21
N PHE A 342 -11.14 37.02 -1.25
CA PHE A 342 -11.13 35.56 -1.12
C PHE A 342 -10.94 34.96 -2.51
N LYS A 343 -9.66 34.79 -2.89
CA LYS A 343 -9.30 34.25 -4.20
C LYS A 343 -9.36 32.74 -4.39
N PHE A 344 -9.37 31.98 -3.31
CA PHE A 344 -9.50 30.53 -3.44
C PHE A 344 -10.69 30.10 -2.63
N GLN A 345 -11.72 29.63 -3.33
CA GLN A 345 -12.95 29.18 -2.70
C GLN A 345 -13.19 27.75 -3.09
N PHE A 346 -13.68 26.96 -2.15
CA PHE A 346 -13.87 25.54 -2.42
C PHE A 346 -14.97 24.88 -1.60
N ILE A 347 -15.66 23.92 -2.21
CA ILE A 347 -16.69 23.18 -1.52
C ILE A 347 -16.02 21.88 -1.10
N THR A 348 -15.58 21.84 0.15
CA THR A 348 -14.87 20.69 0.72
C THR A 348 -15.41 19.30 0.42
N LEU A 349 -16.65 19.05 0.83
CA LEU A 349 -17.24 17.73 0.68
C LEU A 349 -18.11 17.48 -0.55
N ALA A 350 -17.83 18.21 -1.63
CA ALA A 350 -18.60 18.05 -2.86
C ALA A 350 -18.58 16.61 -3.36
N GLY A 351 -17.40 15.99 -3.33
CA GLY A 351 -17.26 14.63 -3.80
C GLY A 351 -18.05 13.62 -2.99
N PHE A 352 -17.97 13.74 -1.66
CA PHE A 352 -18.67 12.84 -0.77
C PHE A 352 -20.16 12.89 -1.05
N HIS A 353 -20.71 14.09 -1.12
CA HIS A 353 -22.13 14.23 -1.34
C HIS A 353 -22.60 13.83 -2.72
N ALA A 354 -21.81 14.16 -3.74
CA ALA A 354 -22.19 13.79 -5.10
C ALA A 354 -22.16 12.27 -5.24
N LEU A 355 -21.13 11.66 -4.66
CA LEU A 355 -20.98 10.22 -4.74
C LEU A 355 -22.05 9.47 -3.95
N ASN A 356 -22.24 9.85 -2.69
CA ASN A 356 -23.23 9.20 -1.83
C ASN A 356 -24.66 9.40 -2.35
N TYR A 357 -25.01 10.62 -2.73
CA TYR A 357 -26.36 10.87 -3.23
C TYR A 357 -26.70 10.14 -4.54
N SER A 358 -25.82 10.24 -5.53
CA SER A 358 -26.08 9.61 -6.83
C SER A 358 -26.22 8.10 -6.72
N MET A 359 -25.42 7.47 -5.86
CA MET A 359 -25.51 6.03 -5.73
C MET A 359 -26.76 5.64 -4.97
N PHE A 360 -27.14 6.44 -3.98
CA PHE A 360 -28.37 6.15 -3.24
C PHE A 360 -29.53 6.28 -4.20
N ASP A 361 -29.54 7.38 -4.96
CA ASP A 361 -30.62 7.61 -5.91
C ASP A 361 -30.78 6.46 -6.90
N LEU A 362 -29.69 6.08 -7.56
CA LEU A 362 -29.70 4.99 -8.53
C LEU A 362 -30.08 3.66 -7.87
N ALA A 363 -29.42 3.35 -6.75
CA ALA A 363 -29.71 2.10 -6.06
C ALA A 363 -31.16 2.01 -5.62
N TYR A 364 -31.72 3.12 -5.15
CA TYR A 364 -33.11 3.14 -4.69
C TYR A 364 -34.05 2.81 -5.85
N GLY A 365 -33.87 3.51 -6.97
CA GLY A 365 -34.70 3.29 -8.13
C GLY A 365 -34.48 1.89 -8.69
N TYR A 366 -33.24 1.43 -8.61
CA TYR A 366 -32.86 0.11 -9.10
C TYR A 366 -33.60 -0.93 -8.26
N ALA A 367 -33.68 -0.68 -6.96
CA ALA A 367 -34.35 -1.61 -6.06
C ALA A 367 -35.83 -1.75 -6.38
N GLN A 368 -36.42 -0.68 -6.92
CA GLN A 368 -37.85 -0.69 -7.25
C GLN A 368 -38.16 -1.07 -8.70
N ASN A 369 -37.42 -0.52 -9.65
CA ASN A 369 -37.70 -0.78 -11.07
C ASN A 369 -36.55 -1.38 -11.88
N GLN A 370 -35.53 -1.87 -11.20
CA GLN A 370 -34.39 -2.47 -11.87
C GLN A 370 -33.82 -1.65 -13.04
N MET A 371 -33.73 -2.26 -14.22
CA MET A 371 -33.15 -1.57 -15.38
C MET A 371 -33.67 -0.19 -15.72
N SER A 372 -34.97 0.04 -15.57
CA SER A 372 -35.54 1.35 -15.88
C SER A 372 -34.78 2.45 -15.15
N ALA A 373 -34.45 2.21 -13.89
CA ALA A 373 -33.72 3.19 -13.10
C ALA A 373 -32.37 3.52 -13.71
N TYR A 374 -31.65 2.50 -14.17
CA TYR A 374 -30.34 2.75 -14.74
C TYR A 374 -30.40 3.43 -16.10
N VAL A 375 -31.33 2.99 -16.94
CA VAL A 375 -31.49 3.55 -18.27
C VAL A 375 -31.72 5.06 -18.16
N GLU A 376 -32.38 5.49 -17.09
CA GLU A 376 -32.63 6.91 -16.89
C GLU A 376 -31.30 7.64 -16.74
N LEU A 377 -30.37 7.02 -16.01
CA LEU A 377 -29.06 7.63 -15.82
C LEU A 377 -28.35 7.67 -17.16
N GLN A 378 -28.33 6.55 -17.88
CA GLN A 378 -27.66 6.51 -19.17
C GLN A 378 -28.16 7.62 -20.09
N GLU A 379 -29.46 7.81 -20.16
CA GLU A 379 -30.04 8.85 -21.01
C GLU A 379 -29.63 10.25 -20.56
N ARG A 380 -29.49 10.45 -19.24
CA ARG A 380 -29.06 11.75 -18.76
C ARG A 380 -27.62 11.95 -19.23
N GLU A 381 -26.85 10.86 -19.26
CA GLU A 381 -25.47 10.92 -19.71
C GLU A 381 -25.39 11.26 -21.19
N PHE A 382 -26.17 10.57 -22.02
CA PHE A 382 -26.18 10.83 -23.44
C PHE A 382 -26.55 12.30 -23.68
N ALA A 383 -27.56 12.78 -22.96
CA ALA A 383 -28.01 14.15 -23.09
C ALA A 383 -26.95 15.14 -22.66
N ALA A 384 -26.18 14.79 -21.63
CA ALA A 384 -25.14 15.68 -21.11
C ALA A 384 -23.96 15.87 -22.07
N GLU A 385 -23.89 15.03 -23.11
CA GLU A 385 -22.80 15.12 -24.06
C GLU A 385 -22.75 16.47 -24.77
N GLU A 386 -23.91 17.09 -24.98
CA GLU A 386 -23.94 18.38 -25.64
C GLU A 386 -23.32 19.43 -24.73
N ARG A 387 -23.17 19.11 -23.45
CA ARG A 387 -22.55 20.02 -22.49
C ARG A 387 -21.06 19.71 -22.39
N GLY A 388 -20.63 18.66 -23.07
CA GLY A 388 -19.23 18.30 -23.06
C GLY A 388 -18.90 17.00 -22.35
N TYR A 389 -19.90 16.36 -21.76
CA TYR A 389 -19.70 15.10 -21.06
C TYR A 389 -19.21 14.04 -22.03
N THR A 390 -18.19 13.29 -21.64
CA THR A 390 -17.65 12.23 -22.51
C THR A 390 -17.61 10.83 -21.89
N ALA A 391 -17.83 10.73 -20.59
CA ALA A 391 -17.76 9.43 -19.91
C ALA A 391 -18.80 8.39 -20.33
N THR A 392 -19.80 8.79 -21.11
CA THR A 392 -20.81 7.82 -21.55
C THR A 392 -20.08 6.67 -22.23
N LYS A 393 -19.08 7.01 -23.03
CA LYS A 393 -18.26 6.02 -23.72
C LYS A 393 -17.13 5.71 -22.74
N HIS A 394 -17.43 4.86 -21.76
CA HIS A 394 -16.47 4.53 -20.72
C HIS A 394 -15.14 3.94 -21.15
N GLN A 395 -15.12 3.16 -22.22
CA GLN A 395 -13.87 2.52 -22.67
C GLN A 395 -12.78 3.54 -23.03
N ARG A 396 -13.06 4.45 -23.95
CA ARG A 396 -12.08 5.46 -24.33
C ARG A 396 -11.80 6.40 -23.15
N GLU A 397 -12.83 6.68 -22.37
CA GLU A 397 -12.73 7.57 -21.21
C GLU A 397 -11.66 7.09 -20.25
N VAL A 398 -11.49 5.77 -20.19
CA VAL A 398 -10.55 5.17 -19.27
C VAL A 398 -9.22 4.78 -19.93
N GLY A 399 -9.06 5.15 -21.20
CA GLY A 399 -7.82 4.86 -21.90
C GLY A 399 -7.72 3.70 -22.88
N ALA A 400 -8.83 3.03 -23.18
CA ALA A 400 -8.78 1.91 -24.11
C ALA A 400 -8.14 2.33 -25.45
N GLY A 401 -8.43 3.54 -25.89
CA GLY A 401 -7.85 4.01 -27.14
C GLY A 401 -6.36 4.26 -26.99
N TYR A 402 -5.96 4.82 -25.85
CA TYR A 402 -4.56 5.11 -25.59
C TYR A 402 -3.71 3.85 -25.58
N PHE A 403 -4.12 2.83 -24.83
CA PHE A 403 -3.35 1.60 -24.77
C PHE A 403 -3.36 0.87 -26.10
N ASP A 404 -4.36 1.14 -26.94
CA ASP A 404 -4.39 0.49 -28.25
C ASP A 404 -3.25 1.11 -29.06
N ARG A 405 -3.07 2.42 -28.90
CA ARG A 405 -2.02 3.14 -29.58
C ARG A 405 -0.68 2.57 -29.14
N ILE A 406 -0.53 2.32 -27.85
CA ILE A 406 0.71 1.74 -27.35
C ILE A 406 0.94 0.38 -28.00
N ALA A 407 -0.11 -0.44 -28.02
CA ALA A 407 -0.02 -1.78 -28.59
C ALA A 407 0.36 -1.78 -30.06
N THR A 408 -0.28 -0.93 -30.86
CA THR A 408 0.04 -0.88 -32.28
C THR A 408 1.38 -0.22 -32.53
N THR A 409 1.92 0.45 -31.50
CA THR A 409 3.23 1.08 -31.62
C THR A 409 4.24 -0.05 -31.41
N VAL A 410 3.96 -0.91 -30.42
CA VAL A 410 4.85 -2.03 -30.14
C VAL A 410 4.78 -3.04 -31.30
N ASP A 411 3.56 -3.28 -31.79
CA ASP A 411 3.36 -4.21 -32.90
C ASP A 411 2.13 -3.80 -33.69
N PRO A 412 2.32 -3.00 -34.75
CA PRO A 412 1.17 -2.55 -35.56
C PRO A 412 0.27 -3.68 -36.08
N ASN A 413 0.82 -4.86 -36.28
CA ASN A 413 0.03 -6.00 -36.78
C ASN A 413 -0.64 -6.77 -35.66
N SER A 414 -0.55 -6.27 -34.43
CA SER A 414 -1.14 -6.93 -33.28
C SER A 414 -2.62 -7.28 -33.48
N SER A 415 -2.96 -8.54 -33.26
CA SER A 415 -4.32 -8.99 -33.44
C SER A 415 -5.13 -9.00 -32.14
N THR A 416 -4.69 -8.23 -31.15
CA THR A 416 -5.39 -8.17 -29.87
C THR A 416 -5.72 -6.76 -29.38
N THR A 417 -6.01 -5.84 -30.29
CA THR A 417 -6.36 -4.48 -29.86
C THR A 417 -7.75 -4.55 -29.23
N ALA A 418 -8.13 -3.52 -28.49
CA ALA A 418 -9.42 -3.52 -27.78
C ALA A 418 -10.62 -2.82 -28.41
N LEU A 419 -10.48 -1.55 -28.79
CA LEU A 419 -11.62 -0.82 -29.36
C LEU A 419 -12.22 -1.40 -30.65
N THR A 420 -11.39 -1.88 -31.57
CA THR A 420 -11.89 -2.46 -32.81
C THR A 420 -12.76 -3.67 -32.47
N GLY A 421 -14.04 -3.62 -32.86
CA GLY A 421 -14.93 -4.72 -32.58
C GLY A 421 -15.62 -4.65 -31.23
N SER A 422 -15.48 -3.52 -30.54
CA SER A 422 -16.09 -3.34 -29.23
C SER A 422 -17.52 -2.82 -29.38
N THR A 423 -18.36 -3.10 -28.38
CA THR A 423 -19.74 -2.65 -28.42
C THR A 423 -19.82 -1.12 -28.41
N GLU A 424 -18.83 -0.48 -27.80
CA GLU A 424 -18.79 0.99 -27.73
C GLU A 424 -18.64 1.56 -29.14
N GLU A 425 -17.83 0.91 -29.96
CA GLU A 425 -17.60 1.33 -31.32
C GLU A 425 -18.86 1.09 -32.15
N GLY A 426 -19.57 0.01 -31.87
CA GLY A 426 -20.75 -0.30 -32.63
C GLY A 426 -22.10 0.10 -32.05
N GLN A 427 -22.11 0.70 -30.87
CA GLN A 427 -23.38 1.09 -30.25
C GLN A 427 -23.43 2.53 -29.73
N PHE A 428 -22.30 3.22 -29.77
CA PHE A 428 -22.25 4.61 -29.30
C PHE A 428 -21.72 5.56 -30.38
N ALA B 2 1.57 -23.99 21.91
CA ALA B 2 0.57 -24.99 22.39
C ALA B 2 -0.81 -24.36 22.54
N SER B 3 -1.69 -24.65 21.59
CA SER B 3 -3.03 -24.11 21.62
C SER B 3 -3.88 -24.87 20.62
N VAL B 4 -5.17 -25.00 20.92
CA VAL B 4 -6.06 -25.70 20.02
C VAL B 4 -6.85 -24.71 19.16
N VAL B 5 -6.55 -23.42 19.31
CA VAL B 5 -7.21 -22.38 18.55
C VAL B 5 -6.84 -22.53 17.07
N GLY B 6 -7.86 -22.59 16.22
CA GLY B 6 -7.63 -22.71 14.78
C GLY B 6 -7.17 -24.06 14.30
N THR B 7 -7.27 -25.08 15.14
CA THR B 7 -6.84 -26.44 14.76
C THR B 7 -7.63 -26.87 13.53
N PRO B 8 -6.95 -27.48 12.55
CA PRO B 8 -7.59 -27.94 11.32
C PRO B 8 -8.57 -29.09 11.51
N LYS B 9 -9.60 -29.13 10.67
CA LYS B 9 -10.60 -30.20 10.73
C LYS B 9 -9.91 -31.45 10.20
N SER B 10 -10.48 -32.61 10.50
CA SER B 10 -9.91 -33.86 10.01
C SER B 10 -10.42 -34.06 8.59
N ALA B 11 -9.70 -34.84 7.80
CA ALA B 11 -10.11 -35.13 6.43
C ALA B 11 -11.49 -35.77 6.44
N GLU B 12 -11.77 -36.56 7.47
CA GLU B 12 -13.05 -37.24 7.62
C GLU B 12 -14.19 -36.24 7.75
N GLN B 13 -14.00 -35.24 8.60
CA GLN B 13 -15.02 -34.22 8.83
C GLN B 13 -15.31 -33.48 7.53
N ILE B 14 -14.24 -33.12 6.82
CA ILE B 14 -14.36 -32.41 5.55
C ILE B 14 -15.17 -33.25 4.57
N GLN B 15 -14.79 -34.51 4.44
CA GLN B 15 -15.47 -35.43 3.54
C GLN B 15 -16.95 -35.52 3.86
N GLN B 16 -17.26 -35.58 5.16
CA GLN B 16 -18.63 -35.68 5.61
C GLN B 16 -19.45 -34.47 5.18
N GLU B 17 -18.88 -33.28 5.34
CA GLU B 17 -19.57 -32.05 4.95
C GLU B 17 -19.86 -32.07 3.46
N TRP B 18 -18.90 -32.54 2.69
CA TRP B 18 -19.05 -32.62 1.24
C TRP B 18 -20.16 -33.57 0.82
N ASP B 19 -20.32 -34.65 1.59
CA ASP B 19 -21.33 -35.65 1.26
C ASP B 19 -22.72 -35.38 1.82
N THR B 20 -22.80 -34.54 2.85
CA THR B 20 -24.09 -34.26 3.46
C THR B 20 -24.66 -32.87 3.27
N ASN B 21 -23.80 -31.85 3.24
CA ASN B 21 -24.29 -30.50 3.07
C ASN B 21 -24.85 -30.27 1.66
N PRO B 22 -26.13 -29.85 1.57
CA PRO B 22 -26.79 -29.60 0.28
C PRO B 22 -26.02 -28.57 -0.56
N ARG B 23 -25.20 -27.76 0.11
CA ARG B 23 -24.41 -26.75 -0.56
C ARG B 23 -23.58 -27.37 -1.69
N TRP B 24 -23.02 -28.55 -1.40
CA TRP B 24 -22.18 -29.25 -2.36
C TRP B 24 -22.91 -30.31 -3.18
N LYS B 25 -24.24 -30.20 -3.23
CA LYS B 25 -25.05 -31.16 -3.97
C LYS B 25 -24.56 -31.41 -5.39
N ASP B 26 -24.32 -30.34 -6.14
CA ASP B 26 -23.87 -30.46 -7.52
C ASP B 26 -22.42 -30.04 -7.75
N VAL B 27 -21.62 -30.05 -6.70
CA VAL B 27 -20.23 -29.63 -6.83
C VAL B 27 -19.28 -30.81 -6.96
N THR B 28 -18.47 -30.78 -8.02
CA THR B 28 -17.50 -31.82 -8.27
C THR B 28 -16.12 -31.31 -7.88
N ARG B 29 -15.36 -32.14 -7.17
CA ARG B 29 -14.01 -31.81 -6.72
C ARG B 29 -13.07 -32.91 -7.21
N THR B 30 -12.13 -32.57 -8.07
CA THR B 30 -11.19 -33.56 -8.60
C THR B 30 -9.99 -33.84 -7.69
N TYR B 31 -10.05 -33.37 -6.45
CA TYR B 31 -9.00 -33.61 -5.47
C TYR B 31 -9.66 -34.19 -4.23
N SER B 32 -8.87 -34.69 -3.29
CA SER B 32 -9.43 -35.30 -2.08
C SER B 32 -9.46 -34.39 -0.87
N ALA B 33 -10.20 -34.82 0.15
CA ALA B 33 -10.31 -34.08 1.38
C ALA B 33 -8.93 -34.07 2.03
N GLU B 34 -8.22 -35.18 1.89
CA GLU B 34 -6.87 -35.32 2.44
C GLU B 34 -5.97 -34.25 1.83
N ASP B 35 -6.14 -34.01 0.54
CA ASP B 35 -5.34 -33.01 -0.15
C ASP B 35 -5.51 -31.64 0.48
N VAL B 36 -6.76 -31.28 0.79
CA VAL B 36 -7.03 -29.98 1.42
C VAL B 36 -6.30 -29.87 2.76
N VAL B 37 -6.53 -30.84 3.64
CA VAL B 37 -5.90 -30.85 4.95
C VAL B 37 -4.39 -30.70 4.86
N ALA B 38 -3.77 -31.42 3.93
CA ALA B 38 -2.32 -31.37 3.76
C ALA B 38 -1.79 -29.97 3.44
N LEU B 39 -2.67 -29.07 3.02
CA LEU B 39 -2.25 -27.70 2.69
C LEU B 39 -2.60 -26.69 3.76
N GLN B 40 -3.26 -27.13 4.82
CA GLN B 40 -3.68 -26.22 5.88
C GLN B 40 -2.69 -25.96 7.00
N GLY B 41 -1.52 -26.57 6.95
CA GLY B 41 -0.57 -26.37 8.02
C GLY B 41 -1.17 -26.89 9.30
N SER B 42 -0.84 -26.27 10.44
CA SER B 42 -1.38 -26.71 11.72
C SER B 42 -2.36 -25.69 12.31
N VAL B 43 -2.57 -24.59 11.58
CA VAL B 43 -3.48 -23.55 12.02
C VAL B 43 -4.26 -23.00 10.84
N VAL B 44 -5.59 -22.93 11.00
CA VAL B 44 -6.44 -22.40 9.95
C VAL B 44 -7.10 -21.13 10.48
N GLU B 45 -6.88 -20.03 9.78
CA GLU B 45 -7.47 -18.77 10.19
C GLU B 45 -8.95 -18.79 9.85
N GLU B 46 -9.76 -18.25 10.77
CA GLU B 46 -11.19 -18.18 10.55
C GLU B 46 -11.46 -16.90 9.76
N HIS B 47 -12.24 -17.02 8.71
CA HIS B 47 -12.58 -15.87 7.87
C HIS B 47 -14.07 -15.60 8.01
N THR B 48 -14.41 -14.96 9.13
CA THR B 48 -15.80 -14.63 9.47
C THR B 48 -16.65 -14.01 8.37
N LEU B 49 -16.19 -12.89 7.81
CA LEU B 49 -16.94 -12.21 6.77
C LEU B 49 -17.08 -13.02 5.49
N ALA B 50 -16.08 -13.82 5.17
CA ALA B 50 -16.13 -14.66 3.97
C ALA B 50 -17.15 -15.79 4.14
N ARG B 51 -17.16 -16.39 5.32
CA ARG B 51 -18.07 -17.49 5.63
C ARG B 51 -19.54 -17.02 5.64
N ARG B 52 -19.81 -16.00 6.46
CA ARG B 52 -21.14 -15.44 6.58
C ARG B 52 -21.66 -14.93 5.25
N GLY B 53 -20.83 -14.14 4.55
CA GLY B 53 -21.23 -13.62 3.26
C GLY B 53 -21.58 -14.70 2.26
N ALA B 54 -20.75 -15.74 2.17
CA ALA B 54 -21.00 -16.82 1.23
C ALA B 54 -22.26 -17.60 1.62
N GLU B 55 -22.54 -17.71 2.92
CA GLU B 55 -23.73 -18.43 3.36
C GLU B 55 -24.99 -17.61 3.05
N VAL B 56 -24.93 -16.31 3.31
CA VAL B 56 -26.06 -15.42 3.05
C VAL B 56 -26.34 -15.36 1.54
N LEU B 57 -25.28 -15.29 0.75
CA LEU B 57 -25.44 -15.22 -0.70
C LEU B 57 -26.12 -16.50 -1.20
N TRP B 58 -25.60 -17.64 -0.79
CA TRP B 58 -26.15 -18.93 -1.21
C TRP B 58 -27.63 -18.99 -0.87
N GLU B 59 -27.97 -18.59 0.35
CA GLU B 59 -29.36 -18.59 0.78
C GLU B 59 -30.22 -17.67 -0.07
N GLN B 60 -29.81 -16.41 -0.20
CA GLN B 60 -30.59 -15.46 -0.99
C GLN B 60 -30.80 -15.96 -2.42
N LEU B 61 -29.80 -16.62 -2.98
CA LEU B 61 -29.92 -17.13 -4.35
C LEU B 61 -31.05 -18.15 -4.48
N HIS B 62 -31.44 -18.76 -3.36
CA HIS B 62 -32.51 -19.75 -3.35
C HIS B 62 -33.84 -19.22 -2.86
N ASP B 63 -33.80 -18.32 -1.87
CA ASP B 63 -35.01 -17.76 -1.30
C ASP B 63 -35.62 -16.59 -2.06
N LEU B 64 -34.79 -15.82 -2.76
CA LEU B 64 -35.29 -14.67 -3.50
C LEU B 64 -35.58 -14.99 -4.96
N GLU B 65 -36.48 -14.22 -5.57
CA GLU B 65 -36.84 -14.42 -6.97
C GLU B 65 -35.53 -14.31 -7.76
N TRP B 66 -34.66 -13.41 -7.29
CA TRP B 66 -33.34 -13.21 -7.88
C TRP B 66 -32.57 -12.18 -7.08
N VAL B 67 -31.24 -12.22 -7.20
CA VAL B 67 -30.38 -11.29 -6.47
C VAL B 67 -29.75 -10.33 -7.46
N ASN B 68 -29.98 -9.03 -7.26
CA ASN B 68 -29.38 -8.06 -8.16
C ASN B 68 -28.43 -7.13 -7.42
N ALA B 69 -27.50 -6.52 -8.14
CA ALA B 69 -26.52 -5.65 -7.53
C ALA B 69 -25.98 -4.62 -8.51
N LEU B 70 -25.30 -3.63 -7.97
CA LEU B 70 -24.68 -2.55 -8.73
C LEU B 70 -23.19 -2.55 -8.39
N GLY B 71 -22.36 -2.28 -9.39
CA GLY B 71 -20.92 -2.25 -9.14
C GLY B 71 -20.54 -1.12 -8.20
N ALA B 72 -19.69 -1.42 -7.22
CA ALA B 72 -19.24 -0.42 -6.24
C ALA B 72 -17.71 -0.36 -6.25
N LEU B 73 -17.15 0.86 -6.33
CA LEU B 73 -15.71 1.02 -6.33
C LEU B 73 -15.20 1.72 -5.07
N THR B 74 -16.10 2.16 -4.18
CA THR B 74 -15.69 2.78 -2.93
C THR B 74 -16.59 2.25 -1.80
N GLY B 75 -16.14 2.40 -0.57
CA GLY B 75 -16.91 1.94 0.57
C GLY B 75 -18.28 2.59 0.66
N ASN B 76 -18.31 3.92 0.57
CA ASN B 76 -19.59 4.64 0.67
C ASN B 76 -20.60 4.18 -0.40
N MET B 77 -20.12 3.82 -1.59
CA MET B 77 -21.02 3.36 -2.64
C MET B 77 -21.78 2.14 -2.18
N ALA B 78 -21.06 1.18 -1.60
CA ALA B 78 -21.69 -0.03 -1.11
C ALA B 78 -22.69 0.27 0.00
N VAL B 79 -22.35 1.23 0.85
CA VAL B 79 -23.23 1.61 1.96
C VAL B 79 -24.55 2.16 1.44
N GLN B 80 -24.48 3.02 0.43
CA GLN B 80 -25.69 3.60 -0.15
C GLN B 80 -26.52 2.53 -0.83
N GLN B 81 -25.85 1.55 -1.44
CA GLN B 81 -26.54 0.47 -2.11
C GLN B 81 -27.36 -0.34 -1.09
N VAL B 82 -26.75 -0.69 0.04
CA VAL B 82 -27.46 -1.44 1.07
C VAL B 82 -28.54 -0.58 1.74
N ARG B 83 -28.22 0.68 1.98
CA ARG B 83 -29.17 1.60 2.60
C ARG B 83 -30.41 1.74 1.72
N ALA B 84 -30.24 1.60 0.40
CA ALA B 84 -31.34 1.71 -0.55
C ALA B 84 -32.10 0.39 -0.67
N GLY B 85 -31.65 -0.64 0.02
CA GLY B 85 -32.34 -1.91 -0.01
C GLY B 85 -31.72 -3.06 -0.79
N LEU B 86 -30.59 -2.83 -1.46
CA LEU B 86 -29.99 -3.92 -2.22
C LEU B 86 -29.42 -4.96 -1.24
N LYS B 87 -29.42 -6.22 -1.65
CA LYS B 87 -28.94 -7.28 -0.77
C LYS B 87 -27.65 -7.97 -1.19
N ALA B 88 -26.96 -7.39 -2.16
CA ALA B 88 -25.68 -7.91 -2.63
C ALA B 88 -24.88 -6.76 -3.20
N ILE B 89 -23.56 -6.93 -3.24
CA ILE B 89 -22.68 -5.92 -3.78
C ILE B 89 -21.81 -6.53 -4.87
N TYR B 90 -21.74 -5.86 -6.02
CA TYR B 90 -20.91 -6.35 -7.10
C TYR B 90 -19.64 -5.54 -7.14
N LEU B 91 -18.50 -6.22 -7.14
CA LEU B 91 -17.22 -5.54 -7.17
C LEU B 91 -16.60 -5.73 -8.56
N SER B 92 -16.75 -4.69 -9.38
CA SER B 92 -16.26 -4.70 -10.75
C SER B 92 -14.75 -4.56 -10.91
N GLY B 93 -14.18 -5.36 -11.79
CA GLY B 93 -12.75 -5.29 -12.05
C GLY B 93 -12.52 -4.09 -12.96
N TRP B 94 -13.48 -3.89 -13.87
CA TRP B 94 -13.44 -2.78 -14.82
C TRP B 94 -13.32 -1.47 -14.06
N GLN B 95 -14.17 -1.29 -13.03
CA GLN B 95 -14.16 -0.06 -12.23
C GLN B 95 -12.87 0.11 -11.43
N VAL B 96 -12.31 -1.00 -10.96
CA VAL B 96 -11.07 -0.96 -10.20
C VAL B 96 -9.95 -0.49 -11.13
N ALA B 97 -9.95 -1.00 -12.35
CA ALA B 97 -8.95 -0.62 -13.35
C ALA B 97 -9.05 0.87 -13.65
N GLY B 98 -10.26 1.35 -13.83
CA GLY B 98 -10.45 2.76 -14.15
C GLY B 98 -10.37 3.78 -13.03
N ASP B 99 -10.64 3.41 -11.79
CA ASP B 99 -10.62 4.42 -10.74
C ASP B 99 -10.33 3.94 -9.30
N ALA B 100 -9.89 2.69 -9.12
CA ALA B 100 -9.64 2.20 -7.77
C ALA B 100 -8.63 1.05 -7.61
N ASN B 101 -7.48 1.13 -8.28
CA ASN B 101 -6.49 0.07 -8.17
C ASN B 101 -5.17 0.57 -7.54
N LEU B 102 -4.44 -0.36 -6.93
CA LEU B 102 -3.18 -0.07 -6.24
C LEU B 102 -2.03 0.55 -7.02
N SER B 103 -2.17 0.73 -8.33
CA SER B 103 -1.07 1.33 -9.09
C SER B 103 -1.26 2.83 -9.09
N GLY B 104 -2.47 3.27 -8.78
CA GLY B 104 -2.76 4.69 -8.77
C GLY B 104 -3.12 5.22 -10.16
N HIS B 105 -3.02 4.36 -11.18
CA HIS B 105 -3.32 4.77 -12.54
C HIS B 105 -4.70 4.40 -13.05
N THR B 106 -5.15 5.15 -14.06
CA THR B 106 -6.44 4.88 -14.71
C THR B 106 -6.14 3.92 -15.86
N TYR B 107 -6.76 2.74 -15.84
CA TYR B 107 -6.50 1.76 -16.89
C TYR B 107 -7.76 1.22 -17.56
N PRO B 108 -7.64 0.77 -18.82
CA PRO B 108 -8.80 0.20 -19.50
C PRO B 108 -8.89 -1.20 -18.89
N ASP B 109 -9.98 -1.92 -19.13
CA ASP B 109 -10.18 -3.24 -18.53
C ASP B 109 -9.37 -4.36 -19.19
N GLN B 110 -8.07 -4.42 -18.87
CA GLN B 110 -7.21 -5.43 -19.48
C GLN B 110 -6.20 -6.08 -18.51
N SER B 111 -6.61 -6.31 -17.27
CA SER B 111 -5.73 -6.93 -16.29
C SER B 111 -4.38 -6.22 -16.19
N LEU B 112 -4.39 -4.90 -16.18
CA LEU B 112 -3.16 -4.14 -16.10
C LEU B 112 -2.73 -3.83 -14.66
N TYR B 113 -3.70 -3.73 -13.77
CA TYR B 113 -3.42 -3.37 -12.37
C TYR B 113 -2.87 -4.51 -11.50
N PRO B 114 -2.27 -4.17 -10.35
CA PRO B 114 -1.70 -5.16 -9.43
C PRO B 114 -2.76 -6.16 -8.96
N ALA B 115 -2.42 -7.44 -9.03
CA ALA B 115 -3.33 -8.54 -8.67
C ALA B 115 -4.05 -8.48 -7.33
N ASN B 116 -3.55 -7.70 -6.38
CA ASN B 116 -4.21 -7.61 -5.07
C ASN B 116 -5.16 -6.42 -4.94
N SER B 117 -5.41 -5.72 -6.04
CA SER B 117 -6.30 -4.55 -6.02
C SER B 117 -7.75 -4.88 -5.62
N VAL B 118 -8.37 -5.85 -6.30
CA VAL B 118 -9.76 -6.18 -5.94
C VAL B 118 -9.82 -6.65 -4.48
N PRO B 119 -8.90 -7.53 -4.06
CA PRO B 119 -8.95 -7.96 -2.65
C PRO B 119 -9.04 -6.76 -1.69
N GLN B 120 -8.23 -5.73 -1.93
CA GLN B 120 -8.24 -4.53 -1.08
C GLN B 120 -9.60 -3.82 -1.11
N VAL B 121 -10.22 -3.73 -2.29
CA VAL B 121 -11.51 -3.07 -2.36
C VAL B 121 -12.56 -3.91 -1.64
N VAL B 122 -12.40 -5.23 -1.66
CA VAL B 122 -13.35 -6.10 -0.95
C VAL B 122 -13.22 -5.80 0.52
N ARG B 123 -11.98 -5.73 1.01
CA ARG B 123 -11.73 -5.45 2.42
C ARG B 123 -12.31 -4.08 2.74
N ARG B 124 -12.10 -3.13 1.83
CA ARG B 124 -12.59 -1.77 2.00
C ARG B 124 -14.12 -1.72 2.11
N ILE B 125 -14.81 -2.42 1.22
CA ILE B 125 -16.25 -2.43 1.22
C ILE B 125 -16.77 -3.05 2.52
N ASN B 126 -16.15 -4.14 2.96
CA ASN B 126 -16.56 -4.75 4.20
C ASN B 126 -16.37 -3.80 5.39
N ASN B 127 -15.28 -3.02 5.40
CA ASN B 127 -15.02 -2.08 6.49
C ASN B 127 -16.11 -1.01 6.52
N ALA B 128 -16.45 -0.51 5.33
CA ALA B 128 -17.47 0.53 5.21
C ALA B 128 -18.82 0.00 5.71
N LEU B 129 -19.15 -1.22 5.32
CA LEU B 129 -20.42 -1.82 5.74
C LEU B 129 -20.39 -2.10 7.23
N GLN B 130 -19.21 -2.40 7.75
CA GLN B 130 -19.07 -2.66 9.18
C GLN B 130 -19.29 -1.38 9.96
N ARG B 131 -18.80 -0.25 9.43
CA ARG B 131 -18.97 1.00 10.13
C ARG B 131 -20.45 1.41 10.12
N ALA B 132 -21.13 1.16 9.01
CA ALA B 132 -22.55 1.48 8.90
C ALA B 132 -23.30 0.64 9.93
N ASP B 133 -22.91 -0.62 10.03
CA ASP B 133 -23.51 -1.58 10.97
C ASP B 133 -23.35 -1.06 12.39
N GLN B 134 -22.13 -0.65 12.74
CA GLN B 134 -21.80 -0.13 14.05
C GLN B 134 -22.62 1.11 14.38
N ILE B 135 -22.66 2.04 13.43
CA ILE B 135 -23.40 3.28 13.60
C ILE B 135 -24.89 3.02 13.77
N ALA B 136 -25.43 2.05 13.04
CA ALA B 136 -26.84 1.72 13.14
C ALA B 136 -27.17 1.18 14.53
N LYS B 137 -26.25 0.41 15.08
CA LYS B 137 -26.45 -0.17 16.40
C LYS B 137 -26.58 0.91 17.46
N ILE B 138 -25.65 1.87 17.46
CA ILE B 138 -25.71 2.92 18.47
C ILE B 138 -26.81 3.94 18.21
N GLU B 139 -27.35 3.97 17.00
CA GLU B 139 -28.42 4.91 16.68
C GLU B 139 -29.78 4.22 16.83
N GLY B 140 -29.76 2.93 17.16
CA GLY B 140 -30.99 2.19 17.32
C GLY B 140 -31.74 2.14 16.00
N ASP B 141 -31.00 2.23 14.91
CA ASP B 141 -31.57 2.20 13.58
C ASP B 141 -31.70 0.78 13.05
N THR B 142 -32.94 0.30 12.94
CA THR B 142 -33.20 -1.05 12.46
C THR B 142 -33.68 -1.02 11.02
N SER B 143 -33.48 0.12 10.36
CA SER B 143 -33.85 0.32 8.97
C SER B 143 -33.34 -0.82 8.07
N VAL B 144 -32.10 -1.24 8.29
CA VAL B 144 -31.48 -2.30 7.50
C VAL B 144 -31.31 -3.58 8.32
N GLU B 145 -31.81 -4.69 7.80
CA GLU B 145 -31.72 -5.97 8.48
C GLU B 145 -30.31 -6.56 8.46
N ASN B 146 -29.62 -6.43 7.33
CA ASN B 146 -28.25 -6.96 7.20
C ASN B 146 -27.35 -6.00 6.43
N TRP B 147 -26.56 -5.21 7.16
CA TRP B 147 -25.63 -4.26 6.57
C TRP B 147 -24.50 -4.97 5.83
N LEU B 148 -24.14 -6.14 6.32
CA LEU B 148 -23.07 -6.92 5.72
C LEU B 148 -23.58 -7.75 4.57
N ALA B 149 -23.97 -7.06 3.50
CA ALA B 149 -24.47 -7.73 2.30
C ALA B 149 -23.33 -8.49 1.65
N PRO B 150 -23.63 -9.64 1.03
CA PRO B 150 -22.58 -10.44 0.39
C PRO B 150 -21.94 -9.72 -0.80
N ILE B 151 -20.64 -9.92 -0.97
CA ILE B 151 -19.89 -9.29 -2.05
C ILE B 151 -19.44 -10.30 -3.12
N VAL B 152 -19.79 -10.01 -4.37
CA VAL B 152 -19.38 -10.85 -5.48
C VAL B 152 -18.28 -10.05 -6.18
N ALA B 153 -17.06 -10.58 -6.16
CA ALA B 153 -15.91 -9.89 -6.74
C ALA B 153 -15.36 -10.52 -8.01
N ASP B 154 -14.79 -9.66 -8.85
CA ASP B 154 -14.20 -10.00 -10.14
C ASP B 154 -12.81 -10.60 -9.98
N GLY B 155 -12.64 -11.85 -10.41
CA GLY B 155 -11.34 -12.48 -10.31
C GLY B 155 -10.68 -12.42 -11.67
N GLU B 156 -11.40 -11.85 -12.63
CA GLU B 156 -10.92 -11.71 -14.01
C GLU B 156 -10.41 -13.04 -14.56
N ALA B 157 -9.20 -13.05 -15.11
CA ALA B 157 -8.64 -14.28 -15.65
C ALA B 157 -7.54 -14.86 -14.77
N GLY B 158 -7.53 -14.50 -13.50
CA GLY B 158 -6.55 -15.03 -12.57
C GLY B 158 -5.16 -14.39 -12.56
N PHE B 159 -4.88 -13.50 -13.50
CA PHE B 159 -3.58 -12.83 -13.56
C PHE B 159 -2.42 -13.82 -13.71
N GLY B 160 -2.62 -14.86 -14.51
CA GLY B 160 -1.58 -15.84 -14.71
C GLY B 160 -2.12 -17.26 -14.71
N GLY B 161 -1.38 -18.18 -14.12
CA GLY B 161 -1.80 -19.57 -14.08
C GLY B 161 -2.66 -19.94 -12.89
N ALA B 162 -2.77 -21.25 -12.64
CA ALA B 162 -3.57 -21.76 -11.54
C ALA B 162 -3.09 -21.28 -10.17
N LEU B 163 -1.79 -21.01 -10.05
CA LEU B 163 -1.25 -20.55 -8.77
C LEU B 163 -1.63 -19.10 -8.50
N ASN B 164 -1.65 -18.28 -9.56
CA ASN B 164 -2.03 -16.88 -9.43
C ASN B 164 -3.51 -16.84 -9.08
N VAL B 165 -4.28 -17.71 -9.74
CA VAL B 165 -5.72 -17.82 -9.50
C VAL B 165 -5.92 -18.18 -8.02
N TYR B 166 -5.13 -19.14 -7.56
CA TYR B 166 -5.21 -19.60 -6.18
C TYR B 166 -4.94 -18.48 -5.19
N GLU B 167 -3.88 -17.72 -5.40
CA GLU B 167 -3.55 -16.63 -4.48
C GLU B 167 -4.62 -15.53 -4.51
N LEU B 168 -5.18 -15.24 -5.68
CA LEU B 168 -6.22 -14.22 -5.74
C LEU B 168 -7.46 -14.67 -4.94
N GLN B 169 -7.92 -15.90 -5.19
CA GLN B 169 -9.07 -16.41 -4.44
C GLN B 169 -8.80 -16.34 -2.94
N LYS B 170 -7.60 -16.76 -2.54
CA LYS B 170 -7.22 -16.74 -1.13
C LYS B 170 -7.25 -15.32 -0.55
N ALA B 171 -6.81 -14.34 -1.32
CA ALA B 171 -6.79 -12.97 -0.86
C ALA B 171 -8.20 -12.39 -0.80
N LEU B 172 -9.03 -12.75 -1.76
CA LEU B 172 -10.41 -12.27 -1.80
C LEU B 172 -11.13 -12.79 -0.57
N ILE B 173 -10.84 -14.03 -0.20
CA ILE B 173 -11.46 -14.63 0.97
C ILE B 173 -10.95 -13.92 2.24
N ALA B 174 -9.64 -13.75 2.36
CA ALA B 174 -9.08 -13.08 3.52
C ALA B 174 -9.74 -11.71 3.72
N ALA B 175 -10.15 -11.07 2.63
CA ALA B 175 -10.78 -9.74 2.68
C ALA B 175 -12.27 -9.81 3.01
N GLY B 176 -12.82 -11.02 2.96
CA GLY B 176 -14.22 -11.22 3.29
C GLY B 176 -15.19 -11.32 2.13
N VAL B 177 -14.73 -11.79 0.98
CA VAL B 177 -15.59 -11.91 -0.19
C VAL B 177 -16.57 -13.08 -0.03
N ALA B 178 -17.72 -12.97 -0.69
CA ALA B 178 -18.74 -14.01 -0.61
C ALA B 178 -18.74 -14.88 -1.87
N GLY B 179 -18.42 -14.27 -3.00
CA GLY B 179 -18.37 -14.99 -4.26
C GLY B 179 -17.35 -14.36 -5.20
N SER B 180 -16.84 -15.14 -6.14
CA SER B 180 -15.86 -14.64 -7.10
C SER B 180 -16.09 -15.28 -8.46
N HIS B 181 -15.90 -14.51 -9.53
CA HIS B 181 -16.08 -15.02 -10.88
C HIS B 181 -14.78 -15.08 -11.67
N TRP B 182 -14.66 -16.07 -12.55
CA TRP B 182 -13.45 -16.28 -13.33
C TRP B 182 -13.80 -16.51 -14.80
N GLU B 183 -13.05 -15.87 -15.70
CA GLU B 183 -13.30 -15.98 -17.14
C GLU B 183 -12.27 -16.79 -17.91
N ASP B 184 -12.71 -17.44 -18.97
CA ASP B 184 -11.86 -18.27 -19.80
C ASP B 184 -11.04 -17.53 -20.85
N GLN B 185 -10.43 -16.42 -20.44
CA GLN B 185 -9.59 -15.62 -21.34
C GLN B 185 -8.12 -15.77 -20.97
N LEU B 186 -7.24 -15.49 -21.92
CA LEU B 186 -5.81 -15.55 -21.66
C LEU B 186 -5.53 -14.33 -20.79
N ALA B 187 -4.94 -14.55 -19.61
CA ALA B 187 -4.66 -13.46 -18.67
C ALA B 187 -3.86 -12.30 -19.25
N SER B 188 -2.75 -12.61 -19.91
CA SER B 188 -1.88 -11.60 -20.49
C SER B 188 -2.51 -10.74 -21.60
N GLU B 189 -3.65 -11.17 -22.14
CA GLU B 189 -4.33 -10.41 -23.18
C GLU B 189 -5.78 -10.16 -22.79
N LYS B 190 -6.08 -10.29 -21.51
CA LYS B 190 -7.44 -10.11 -21.02
C LYS B 190 -8.08 -8.84 -21.55
N LYS B 191 -9.31 -8.97 -22.01
CA LYS B 191 -10.06 -7.85 -22.54
C LYS B 191 -11.38 -7.76 -21.82
N SER B 192 -11.92 -6.55 -21.76
CA SER B 192 -13.20 -6.34 -21.13
C SER B 192 -14.20 -7.16 -21.97
N GLY B 193 -15.22 -7.70 -21.31
CA GLY B 193 -16.21 -8.51 -22.02
C GLY B 193 -16.77 -7.91 -23.30
N HIS B 194 -16.82 -6.58 -23.37
CA HIS B 194 -17.37 -5.93 -24.54
C HIS B 194 -16.37 -5.16 -25.40
N LEU B 195 -15.10 -5.53 -25.26
CA LEU B 195 -14.02 -4.93 -26.04
C LEU B 195 -13.57 -6.05 -26.97
N GLY B 196 -13.03 -5.69 -28.13
CA GLY B 196 -12.58 -6.71 -29.07
C GLY B 196 -11.21 -7.27 -28.72
N GLY B 197 -10.69 -8.13 -29.60
CA GLY B 197 -9.38 -8.71 -29.39
C GLY B 197 -9.27 -9.69 -28.24
N LYS B 198 -10.34 -10.43 -27.98
CA LYS B 198 -10.33 -11.41 -26.89
C LYS B 198 -9.75 -12.76 -27.32
N VAL B 199 -8.95 -13.34 -26.43
CA VAL B 199 -8.31 -14.63 -26.66
C VAL B 199 -8.74 -15.60 -25.56
N LEU B 200 -9.43 -16.67 -25.94
CA LEU B 200 -9.89 -17.67 -25.00
C LEU B 200 -8.75 -18.66 -24.73
N ILE B 201 -8.87 -19.39 -23.63
CA ILE B 201 -7.90 -20.41 -23.28
C ILE B 201 -8.65 -21.74 -23.42
N PRO B 202 -7.92 -22.86 -23.50
CA PRO B 202 -8.57 -24.17 -23.63
C PRO B 202 -9.62 -24.42 -22.54
N THR B 203 -10.65 -25.17 -22.88
CA THR B 203 -11.74 -25.48 -21.95
C THR B 203 -11.21 -26.10 -20.67
N GLN B 204 -10.27 -27.03 -20.81
CA GLN B 204 -9.68 -27.70 -19.65
C GLN B 204 -8.88 -26.73 -18.80
N GLN B 205 -8.24 -25.75 -19.43
CA GLN B 205 -7.45 -24.80 -18.65
C GLN B 205 -8.36 -24.01 -17.73
N HIS B 206 -9.54 -23.64 -18.21
CA HIS B 206 -10.43 -22.89 -17.34
C HIS B 206 -10.98 -23.79 -16.26
N ILE B 207 -11.14 -25.07 -16.56
CA ILE B 207 -11.63 -25.99 -15.55
C ILE B 207 -10.58 -26.08 -14.44
N ARG B 208 -9.31 -26.00 -14.82
CA ARG B 208 -8.23 -26.01 -13.82
C ARG B 208 -8.38 -24.75 -12.98
N THR B 209 -8.72 -23.63 -13.62
CA THR B 209 -8.90 -22.36 -12.92
C THR B 209 -10.05 -22.49 -11.91
N LEU B 210 -11.17 -23.03 -12.36
CA LEU B 210 -12.33 -23.21 -11.47
C LEU B 210 -11.97 -24.16 -10.33
N THR B 211 -11.12 -25.14 -10.61
CA THR B 211 -10.71 -26.12 -9.62
C THR B 211 -9.80 -25.47 -8.58
N SER B 212 -8.87 -24.65 -9.05
CA SER B 212 -7.95 -23.95 -8.16
C SER B 212 -8.70 -22.95 -7.29
N ALA B 213 -9.73 -22.34 -7.86
CA ALA B 213 -10.52 -21.38 -7.11
C ALA B 213 -11.27 -22.07 -5.99
N ARG B 214 -11.76 -23.28 -6.25
CA ARG B 214 -12.48 -24.04 -5.23
C ARG B 214 -11.51 -24.56 -4.17
N LEU B 215 -10.31 -24.96 -4.61
CA LEU B 215 -9.31 -25.47 -3.66
C LEU B 215 -8.91 -24.40 -2.65
N ALA B 216 -8.66 -23.18 -3.11
CA ALA B 216 -8.27 -22.11 -2.20
C ALA B 216 -9.39 -21.91 -1.19
N ALA B 217 -10.63 -21.97 -1.66
CA ALA B 217 -11.79 -21.80 -0.79
C ALA B 217 -11.86 -22.92 0.24
N ASP B 218 -11.62 -24.15 -0.20
CA ASP B 218 -11.64 -25.30 0.70
C ASP B 218 -10.54 -25.21 1.74
N VAL B 219 -9.33 -24.86 1.30
CA VAL B 219 -8.20 -24.75 2.20
C VAL B 219 -8.44 -23.61 3.22
N ALA B 220 -9.18 -22.60 2.79
CA ALA B 220 -9.51 -21.47 3.66
C ALA B 220 -10.76 -21.80 4.48
N ASP B 221 -11.29 -23.01 4.29
CA ASP B 221 -12.46 -23.49 5.03
C ASP B 221 -13.74 -22.65 4.94
N VAL B 222 -14.04 -22.13 3.75
CA VAL B 222 -15.26 -21.33 3.54
C VAL B 222 -15.96 -21.77 2.25
N PRO B 223 -17.31 -21.71 2.24
CA PRO B 223 -18.10 -22.12 1.07
C PRO B 223 -18.26 -21.04 -0.01
N THR B 224 -17.17 -20.37 -0.34
CA THR B 224 -17.18 -19.30 -1.34
C THR B 224 -17.93 -19.68 -2.62
N VAL B 225 -18.82 -18.80 -3.07
CA VAL B 225 -19.58 -19.06 -4.29
C VAL B 225 -18.65 -18.81 -5.49
N VAL B 226 -18.47 -19.85 -6.31
CA VAL B 226 -17.61 -19.79 -7.48
C VAL B 226 -18.44 -19.63 -8.74
N ILE B 227 -18.12 -18.60 -9.51
CA ILE B 227 -18.82 -18.30 -10.74
C ILE B 227 -17.90 -18.46 -11.94
N ALA B 228 -18.37 -19.18 -12.95
CA ALA B 228 -17.58 -19.36 -14.17
C ALA B 228 -18.18 -18.47 -15.25
N ARG B 229 -17.32 -17.72 -15.92
CA ARG B 229 -17.74 -16.83 -17.00
C ARG B 229 -17.05 -17.23 -18.30
N THR B 230 -17.80 -17.21 -19.40
CA THR B 230 -17.20 -17.55 -20.69
C THR B 230 -17.32 -16.36 -21.63
N ASP B 231 -16.25 -16.09 -22.36
CA ASP B 231 -16.22 -14.97 -23.30
C ASP B 231 -16.27 -15.43 -24.76
N ALA B 232 -16.64 -16.69 -24.97
CA ALA B 232 -16.69 -17.26 -26.31
C ALA B 232 -17.71 -16.66 -27.27
N GLU B 233 -18.67 -15.90 -26.74
CA GLU B 233 -19.69 -15.30 -27.58
C GLU B 233 -19.10 -14.38 -28.65
N ALA B 234 -18.09 -13.60 -28.28
CA ALA B 234 -17.46 -12.68 -29.23
C ALA B 234 -16.00 -13.01 -29.57
N ALA B 235 -15.33 -13.77 -28.72
CA ALA B 235 -13.93 -14.13 -28.96
C ALA B 235 -13.76 -14.98 -30.22
N THR B 236 -12.87 -14.55 -31.11
CA THR B 236 -12.61 -15.26 -32.35
C THR B 236 -11.21 -15.87 -32.32
N LEU B 237 -10.56 -15.82 -31.16
CA LEU B 237 -9.22 -16.37 -31.01
C LEU B 237 -9.15 -17.27 -29.76
N ILE B 238 -8.27 -18.25 -29.82
CA ILE B 238 -8.05 -19.18 -28.72
C ILE B 238 -6.57 -19.51 -28.75
N THR B 239 -5.97 -19.71 -27.58
CA THR B 239 -4.53 -19.98 -27.50
C THR B 239 -4.06 -21.33 -28.02
N SER B 240 -4.93 -22.33 -27.98
CA SER B 240 -4.55 -23.66 -28.42
C SER B 240 -5.73 -24.51 -28.89
N ASP B 241 -5.44 -25.53 -29.68
CA ASP B 241 -6.47 -26.44 -30.19
C ASP B 241 -6.34 -27.80 -29.52
N VAL B 242 -5.58 -27.82 -28.42
CA VAL B 242 -5.34 -29.05 -27.69
C VAL B 242 -6.60 -29.73 -27.14
N ASP B 243 -7.56 -28.95 -26.67
CA ASP B 243 -8.78 -29.53 -26.10
C ASP B 243 -9.81 -29.91 -27.17
N GLU B 244 -10.13 -31.20 -27.23
CA GLU B 244 -11.07 -31.73 -28.21
C GLU B 244 -12.44 -31.06 -28.18
N ARG B 245 -12.83 -30.56 -27.01
CA ARG B 245 -14.12 -29.90 -26.91
C ARG B 245 -14.12 -28.55 -27.62
N ASP B 246 -12.93 -28.02 -27.92
CA ASP B 246 -12.81 -26.73 -28.60
C ASP B 246 -12.56 -26.88 -30.09
N GLN B 247 -11.96 -28.00 -30.47
CA GLN B 247 -11.65 -28.27 -31.87
C GLN B 247 -12.79 -28.06 -32.86
N PRO B 248 -14.02 -28.45 -32.50
CA PRO B 248 -15.13 -28.27 -33.43
C PRO B 248 -15.29 -26.84 -33.94
N PHE B 249 -14.76 -25.89 -33.17
CA PHE B 249 -14.88 -24.48 -33.54
C PHE B 249 -13.64 -23.87 -34.19
N ILE B 250 -12.51 -24.56 -34.08
CA ILE B 250 -11.24 -24.08 -34.62
C ILE B 250 -11.25 -24.09 -36.15
N THR B 251 -10.98 -22.93 -36.75
CA THR B 251 -10.97 -22.81 -38.21
C THR B 251 -9.66 -23.32 -38.82
N GLY B 252 -8.60 -23.29 -38.04
CA GLY B 252 -7.32 -23.75 -38.54
C GLY B 252 -6.35 -22.62 -38.84
N GLU B 253 -6.87 -21.42 -39.07
CA GLU B 253 -6.02 -20.28 -39.37
C GLU B 253 -5.29 -19.85 -38.10
N ARG B 254 -4.09 -19.30 -38.27
CA ARG B 254 -3.27 -18.86 -37.15
C ARG B 254 -2.78 -17.42 -37.32
N THR B 255 -2.55 -16.75 -36.19
CA THR B 255 -2.09 -15.37 -36.18
C THR B 255 -0.57 -15.31 -35.99
N ARG B 256 0.01 -14.12 -36.17
CA ARG B 256 1.45 -13.95 -36.00
C ARG B 256 1.87 -14.37 -34.59
N GLU B 257 1.01 -14.12 -33.62
CA GLU B 257 1.31 -14.47 -32.24
C GLU B 257 1.19 -15.98 -31.98
N GLY B 258 0.63 -16.70 -32.93
CA GLY B 258 0.47 -18.14 -32.77
C GLY B 258 -0.89 -18.56 -32.26
N PHE B 259 -1.83 -17.63 -32.18
CA PHE B 259 -3.17 -17.96 -31.71
C PHE B 259 -3.94 -18.65 -32.85
N TYR B 260 -5.06 -19.28 -32.50
CA TYR B 260 -5.90 -19.96 -33.49
C TYR B 260 -7.23 -19.23 -33.61
N ARG B 261 -7.73 -19.12 -34.83
CA ARG B 261 -9.02 -18.49 -35.07
C ARG B 261 -10.05 -19.53 -34.65
N THR B 262 -11.16 -19.08 -34.08
CA THR B 262 -12.21 -19.98 -33.65
C THR B 262 -13.56 -19.30 -33.88
N LYS B 263 -14.57 -20.08 -34.23
CA LYS B 263 -15.91 -19.55 -34.49
C LYS B 263 -16.63 -19.18 -33.20
N ASN B 264 -16.90 -17.89 -33.03
CA ASN B 264 -17.59 -17.39 -31.83
C ASN B 264 -19.10 -17.58 -31.91
N GLY B 265 -19.80 -17.15 -30.86
CA GLY B 265 -21.25 -17.28 -30.86
C GLY B 265 -21.75 -18.02 -29.64
N ILE B 266 -23.05 -18.25 -29.60
CA ILE B 266 -23.69 -18.92 -28.48
C ILE B 266 -23.37 -20.41 -28.41
N GLU B 267 -23.16 -21.04 -29.56
CA GLU B 267 -22.87 -22.46 -29.58
C GLU B 267 -21.65 -22.81 -28.72
N PRO B 268 -20.53 -22.07 -28.87
CA PRO B 268 -19.34 -22.35 -28.06
C PRO B 268 -19.58 -22.08 -26.58
N CYS B 269 -20.39 -21.05 -26.29
CA CYS B 269 -20.71 -20.69 -24.91
C CYS B 269 -21.50 -21.80 -24.23
N ILE B 270 -22.41 -22.40 -24.98
CA ILE B 270 -23.22 -23.49 -24.46
C ILE B 270 -22.32 -24.70 -24.16
N ALA B 271 -21.43 -25.02 -25.08
CA ALA B 271 -20.53 -26.15 -24.89
C ALA B 271 -19.67 -25.95 -23.66
N ARG B 272 -18.98 -24.82 -23.59
CA ARG B 272 -18.12 -24.51 -22.47
C ARG B 272 -18.90 -24.46 -21.16
N ALA B 273 -20.11 -23.91 -21.20
CA ALA B 273 -20.93 -23.81 -20.01
C ALA B 273 -21.24 -25.19 -19.46
N LYS B 274 -21.52 -26.14 -20.35
CA LYS B 274 -21.82 -27.50 -19.93
C LYS B 274 -20.57 -28.12 -19.31
N ALA B 275 -19.42 -27.81 -19.88
CA ALA B 275 -18.17 -28.35 -19.37
C ALA B 275 -17.80 -27.76 -18.00
N TYR B 276 -18.16 -26.49 -17.75
CA TYR B 276 -17.85 -25.83 -16.48
C TYR B 276 -18.85 -26.11 -15.37
N ALA B 277 -20.09 -26.42 -15.76
CA ALA B 277 -21.19 -26.66 -14.81
C ALA B 277 -20.86 -27.42 -13.51
N PRO B 278 -20.13 -28.54 -13.62
CA PRO B 278 -19.79 -29.32 -12.43
C PRO B 278 -18.84 -28.56 -11.51
N PHE B 279 -18.18 -27.55 -12.05
CA PHE B 279 -17.21 -26.77 -11.31
C PHE B 279 -17.67 -25.34 -11.03
N ALA B 280 -18.96 -25.07 -11.22
CA ALA B 280 -19.45 -23.72 -11.00
C ALA B 280 -20.82 -23.62 -10.33
N ASP B 281 -20.90 -22.77 -9.31
CA ASP B 281 -22.16 -22.56 -8.59
C ASP B 281 -23.09 -21.69 -9.43
N LEU B 282 -22.49 -20.93 -10.35
CA LEU B 282 -23.26 -20.07 -11.27
C LEU B 282 -22.45 -19.97 -12.54
N ILE B 283 -23.15 -19.83 -13.67
CA ILE B 283 -22.49 -19.71 -14.95
C ILE B 283 -22.95 -18.44 -15.63
N TRP B 284 -22.00 -17.73 -16.22
CA TRP B 284 -22.27 -16.46 -16.88
C TRP B 284 -21.72 -16.40 -18.29
N MET B 285 -22.56 -15.94 -19.22
CA MET B 285 -22.18 -15.81 -20.62
C MET B 285 -22.20 -14.35 -21.02
N GLU B 286 -21.07 -13.80 -21.45
CA GLU B 286 -21.06 -12.41 -21.89
C GLU B 286 -21.76 -12.34 -23.23
N THR B 287 -22.53 -11.29 -23.46
CA THR B 287 -23.25 -11.13 -24.71
C THR B 287 -23.01 -9.73 -25.28
N GLY B 288 -23.20 -9.56 -26.58
CA GLY B 288 -22.98 -8.26 -27.20
C GLY B 288 -24.15 -7.31 -27.11
N THR B 289 -25.31 -7.80 -26.68
CA THR B 289 -26.52 -6.98 -26.57
C THR B 289 -27.45 -7.52 -25.47
N PRO B 290 -28.35 -6.67 -24.96
CA PRO B 290 -29.30 -7.09 -23.92
C PRO B 290 -30.46 -7.79 -24.66
N ASP B 291 -30.38 -9.11 -24.75
CA ASP B 291 -31.38 -9.87 -25.48
C ASP B 291 -31.99 -11.04 -24.70
N LEU B 292 -33.24 -10.88 -24.27
CA LEU B 292 -33.93 -11.92 -23.52
C LEU B 292 -34.02 -13.24 -24.27
N GLU B 293 -34.15 -13.16 -25.59
CA GLU B 293 -34.26 -14.38 -26.39
C GLU B 293 -32.93 -15.13 -26.44
N ALA B 294 -31.82 -14.41 -26.58
CA ALA B 294 -30.51 -15.07 -26.60
C ALA B 294 -30.29 -15.69 -25.22
N ALA B 295 -30.69 -14.96 -24.18
CA ALA B 295 -30.53 -15.46 -22.82
C ALA B 295 -31.34 -16.74 -22.63
N ARG B 296 -32.57 -16.76 -23.15
CA ARG B 296 -33.43 -17.93 -23.04
C ARG B 296 -32.74 -19.14 -23.69
N GLN B 297 -32.25 -18.92 -24.90
CA GLN B 297 -31.57 -19.95 -25.68
C GLN B 297 -30.42 -20.57 -24.87
N PHE B 298 -29.62 -19.71 -24.26
CA PHE B 298 -28.48 -20.14 -23.45
C PHE B 298 -28.95 -20.92 -22.24
N SER B 299 -29.89 -20.34 -21.50
CA SER B 299 -30.41 -20.96 -20.29
C SER B 299 -31.03 -22.33 -20.53
N GLU B 300 -31.90 -22.44 -21.52
CA GLU B 300 -32.55 -23.70 -21.81
C GLU B 300 -31.57 -24.79 -22.21
N ALA B 301 -30.61 -24.44 -23.07
CA ALA B 301 -29.61 -25.39 -23.53
C ALA B 301 -28.77 -25.90 -22.37
N VAL B 302 -28.40 -25.01 -21.45
CA VAL B 302 -27.59 -25.40 -20.30
C VAL B 302 -28.39 -26.23 -19.31
N LYS B 303 -29.58 -25.75 -18.96
CA LYS B 303 -30.42 -26.46 -17.99
C LYS B 303 -30.91 -27.79 -18.54
N ALA B 304 -30.85 -27.97 -19.85
CA ALA B 304 -31.28 -29.21 -20.48
C ALA B 304 -30.42 -30.37 -19.98
N GLU B 305 -29.21 -30.06 -19.53
CA GLU B 305 -28.30 -31.09 -19.01
C GLU B 305 -28.04 -30.88 -17.51
N TYR B 306 -28.29 -29.66 -17.04
CA TYR B 306 -28.09 -29.32 -15.63
C TYR B 306 -29.27 -28.45 -15.17
N PRO B 307 -30.43 -29.09 -14.93
CA PRO B 307 -31.67 -28.44 -14.49
C PRO B 307 -31.52 -27.44 -13.35
N ASP B 308 -30.70 -27.78 -12.35
CA ASP B 308 -30.51 -26.91 -11.19
C ASP B 308 -29.38 -25.90 -11.32
N GLN B 309 -28.73 -25.84 -12.48
CA GLN B 309 -27.63 -24.90 -12.66
C GLN B 309 -28.11 -23.46 -12.69
N MET B 310 -27.67 -22.67 -11.71
CA MET B 310 -28.06 -21.27 -11.64
C MET B 310 -27.17 -20.45 -12.57
N LEU B 311 -27.73 -19.36 -13.08
CA LEU B 311 -27.00 -18.51 -14.00
C LEU B 311 -26.90 -17.06 -13.52
N ALA B 312 -25.96 -16.33 -14.09
CA ALA B 312 -25.76 -14.93 -13.74
C ALA B 312 -25.81 -14.15 -15.05
N TYR B 313 -26.28 -12.90 -14.99
CA TYR B 313 -26.38 -12.08 -16.19
C TYR B 313 -25.89 -10.66 -15.96
N ASN B 314 -25.05 -10.20 -16.88
CA ASN B 314 -24.47 -8.86 -16.81
C ASN B 314 -25.32 -7.86 -17.58
N CYS B 315 -26.02 -7.01 -16.84
CA CYS B 315 -26.85 -5.96 -17.43
C CYS B 315 -25.84 -4.82 -17.62
N SER B 316 -25.06 -4.95 -18.68
CA SER B 316 -23.99 -4.03 -19.00
C SER B 316 -24.28 -2.63 -19.51
N PRO B 317 -23.59 -1.63 -18.93
CA PRO B 317 -23.76 -0.23 -19.35
C PRO B 317 -23.04 -0.08 -20.68
N SER B 318 -22.37 -1.15 -21.12
CA SER B 318 -21.67 -1.15 -22.40
C SER B 318 -22.69 -1.32 -23.51
N PHE B 319 -23.95 -1.47 -23.11
CA PHE B 319 -25.02 -1.59 -24.09
C PHE B 319 -25.70 -0.24 -24.14
N ASN B 320 -26.18 0.13 -25.32
CA ASN B 320 -26.92 1.37 -25.47
C ASN B 320 -28.33 0.83 -25.37
N TRP B 321 -28.82 0.76 -24.14
CA TRP B 321 -30.15 0.22 -23.86
C TRP B 321 -31.33 0.64 -24.71
N LYS B 322 -31.64 1.93 -24.74
CA LYS B 322 -32.80 2.37 -25.51
C LYS B 322 -32.61 2.19 -27.01
N LYS B 323 -31.40 1.85 -27.45
CA LYS B 323 -31.15 1.63 -28.86
C LYS B 323 -31.53 0.20 -29.22
N HIS B 324 -31.60 -0.66 -28.22
CA HIS B 324 -31.93 -2.07 -28.43
C HIS B 324 -33.31 -2.47 -27.94
N LEU B 325 -33.78 -1.82 -26.88
CA LEU B 325 -35.08 -2.18 -26.30
C LEU B 325 -36.01 -1.01 -26.08
N ASP B 326 -37.30 -1.30 -25.95
CA ASP B 326 -38.28 -0.27 -25.68
C ASP B 326 -38.43 -0.23 -24.16
N ASP B 327 -39.06 0.81 -23.63
CA ASP B 327 -39.20 0.94 -22.19
C ASP B 327 -39.90 -0.24 -21.53
N ALA B 328 -40.89 -0.81 -22.23
CA ALA B 328 -41.65 -1.94 -21.71
C ALA B 328 -40.74 -3.12 -21.42
N THR B 329 -39.88 -3.45 -22.38
CA THR B 329 -38.96 -4.57 -22.23
C THR B 329 -37.90 -4.25 -21.17
N ILE B 330 -37.40 -3.02 -21.20
CA ILE B 330 -36.40 -2.58 -20.23
C ILE B 330 -36.94 -2.77 -18.81
N ALA B 331 -38.19 -2.36 -18.60
CA ALA B 331 -38.83 -2.46 -17.29
C ALA B 331 -38.99 -3.89 -16.79
N LYS B 332 -39.17 -4.84 -17.70
CA LYS B 332 -39.35 -6.24 -17.31
C LYS B 332 -38.09 -7.09 -17.49
N PHE B 333 -37.04 -6.49 -18.06
CA PHE B 333 -35.81 -7.20 -18.33
C PHE B 333 -35.33 -8.14 -17.23
N GLN B 334 -35.00 -7.59 -16.05
CA GLN B 334 -34.51 -8.44 -14.96
C GLN B 334 -35.51 -9.49 -14.49
N LYS B 335 -36.78 -9.12 -14.37
CA LYS B 335 -37.80 -10.07 -13.93
C LYS B 335 -37.87 -11.27 -14.87
N GLU B 336 -37.76 -11.03 -16.17
CA GLU B 336 -37.80 -12.11 -17.16
C GLU B 336 -36.56 -13.00 -17.04
N LEU B 337 -35.40 -12.39 -16.84
CA LEU B 337 -34.16 -13.14 -16.69
C LEU B 337 -34.28 -14.06 -15.48
N ALA B 338 -34.85 -13.54 -14.41
CA ALA B 338 -35.02 -14.32 -13.19
C ALA B 338 -35.90 -15.52 -13.49
N ALA B 339 -36.93 -15.29 -14.29
CA ALA B 339 -37.86 -16.34 -14.65
C ALA B 339 -37.17 -17.43 -15.47
N MET B 340 -36.01 -17.12 -16.04
CA MET B 340 -35.28 -18.10 -16.84
C MET B 340 -34.02 -18.66 -16.16
N GLY B 341 -33.95 -18.55 -14.83
CA GLY B 341 -32.80 -19.10 -14.13
C GLY B 341 -31.61 -18.20 -13.83
N PHE B 342 -31.67 -16.94 -14.26
CA PHE B 342 -30.57 -16.00 -14.01
C PHE B 342 -30.80 -15.40 -12.63
N LYS B 343 -30.28 -16.06 -11.61
CA LYS B 343 -30.46 -15.64 -10.22
C LYS B 343 -29.55 -14.53 -9.70
N PHE B 344 -28.48 -14.22 -10.43
CA PHE B 344 -27.60 -13.14 -10.00
C PHE B 344 -27.44 -12.17 -11.15
N GLN B 345 -27.99 -10.98 -11.00
CA GLN B 345 -27.92 -9.97 -12.05
C GLN B 345 -27.25 -8.72 -11.51
N PHE B 346 -26.43 -8.09 -12.33
CA PHE B 346 -25.69 -6.93 -11.87
C PHE B 346 -25.35 -5.93 -12.97
N ILE B 347 -25.28 -4.65 -12.60
CA ILE B 347 -24.88 -3.61 -13.55
C ILE B 347 -23.43 -3.30 -13.21
N THR B 348 -22.51 -3.92 -13.95
CA THR B 348 -21.07 -3.77 -13.74
C THR B 348 -20.52 -2.38 -13.48
N LEU B 349 -20.78 -1.45 -14.40
CA LEU B 349 -20.24 -0.10 -14.29
C LEU B 349 -21.15 0.97 -13.70
N ALA B 350 -22.13 0.56 -12.90
CA ALA B 350 -23.05 1.53 -12.30
C ALA B 350 -22.31 2.62 -11.55
N GLY B 351 -21.33 2.23 -10.74
CA GLY B 351 -20.57 3.18 -9.96
C GLY B 351 -19.78 4.17 -10.80
N PHE B 352 -19.01 3.65 -11.76
CA PHE B 352 -18.22 4.51 -12.65
C PHE B 352 -19.12 5.59 -13.26
N HIS B 353 -20.28 5.18 -13.75
CA HIS B 353 -21.21 6.12 -14.38
C HIS B 353 -21.89 7.08 -13.41
N ALA B 354 -22.29 6.60 -12.25
CA ALA B 354 -22.95 7.44 -11.27
C ALA B 354 -21.97 8.49 -10.74
N LEU B 355 -20.72 8.06 -10.55
CA LEU B 355 -19.66 8.93 -10.04
C LEU B 355 -19.23 9.97 -11.07
N ASN B 356 -18.97 9.54 -12.29
CA ASN B 356 -18.54 10.48 -13.33
C ASN B 356 -19.65 11.46 -13.73
N TYR B 357 -20.87 10.96 -13.88
CA TYR B 357 -21.97 11.85 -14.26
C TYR B 357 -22.30 12.89 -13.20
N SER B 358 -22.56 12.43 -11.99
CA SER B 358 -22.90 13.30 -10.88
C SER B 358 -21.87 14.39 -10.65
N MET B 359 -20.59 14.06 -10.81
CA MET B 359 -19.55 15.06 -10.60
C MET B 359 -19.46 15.99 -11.81
N PHE B 360 -19.69 15.46 -13.00
CA PHE B 360 -19.64 16.31 -14.18
C PHE B 360 -20.77 17.33 -14.04
N ASP B 361 -21.96 16.81 -13.75
CA ASP B 361 -23.14 17.63 -13.60
C ASP B 361 -22.97 18.72 -12.56
N LEU B 362 -22.42 18.36 -11.39
CA LEU B 362 -22.21 19.33 -10.33
C LEU B 362 -21.18 20.36 -10.71
N ALA B 363 -20.03 19.90 -11.19
CA ALA B 363 -18.95 20.78 -11.58
C ALA B 363 -19.39 21.76 -12.66
N TYR B 364 -20.14 21.25 -13.63
CA TYR B 364 -20.61 22.10 -14.72
C TYR B 364 -21.47 23.22 -14.16
N GLY B 365 -22.47 22.86 -13.37
CA GLY B 365 -23.35 23.85 -12.79
C GLY B 365 -22.61 24.81 -11.89
N TYR B 366 -21.61 24.30 -11.18
CA TYR B 366 -20.79 25.07 -10.27
C TYR B 366 -19.97 26.10 -11.05
N ALA B 367 -19.50 25.70 -12.22
CA ALA B 367 -18.71 26.59 -13.06
C ALA B 367 -19.54 27.79 -13.48
N GLN B 368 -20.82 27.56 -13.77
CA GLN B 368 -21.71 28.63 -14.21
C GLN B 368 -22.42 29.41 -13.09
N ASN B 369 -22.88 28.71 -12.05
CA ASN B 369 -23.63 29.36 -10.97
C ASN B 369 -23.05 29.21 -9.55
N GLN B 370 -21.80 28.78 -9.46
CA GLN B 370 -21.16 28.59 -8.18
C GLN B 370 -22.06 27.92 -7.12
N MET B 371 -22.21 28.55 -5.96
CA MET B 371 -23.01 27.94 -4.88
C MET B 371 -24.42 27.46 -5.22
N SER B 372 -25.10 28.13 -6.15
CA SER B 372 -26.46 27.73 -6.51
C SER B 372 -26.54 26.27 -6.96
N ALA B 373 -25.55 25.85 -7.73
CA ALA B 373 -25.49 24.47 -8.23
C ALA B 373 -25.30 23.48 -7.07
N TYR B 374 -24.50 23.85 -6.07
CA TYR B 374 -24.32 22.93 -4.96
C TYR B 374 -25.56 22.85 -4.09
N VAL B 375 -26.16 24.01 -3.79
CA VAL B 375 -27.37 24.06 -2.97
C VAL B 375 -28.48 23.18 -3.54
N GLU B 376 -28.56 23.08 -4.86
CA GLU B 376 -29.57 22.24 -5.50
C GLU B 376 -29.33 20.78 -5.09
N LEU B 377 -28.06 20.38 -5.05
CA LEU B 377 -27.73 19.01 -4.67
C LEU B 377 -28.08 18.80 -3.21
N GLN B 378 -27.65 19.71 -2.34
CA GLN B 378 -27.93 19.59 -0.91
C GLN B 378 -29.43 19.47 -0.69
N GLU B 379 -30.21 20.25 -1.44
CA GLU B 379 -31.67 20.20 -1.30
C GLU B 379 -32.24 18.87 -1.78
N ARG B 380 -31.61 18.27 -2.78
CA ARG B 380 -32.09 16.98 -3.27
C ARG B 380 -31.79 15.95 -2.20
N GLU B 381 -30.65 16.11 -1.54
CA GLU B 381 -30.25 15.21 -0.46
C GLU B 381 -31.28 15.28 0.66
N PHE B 382 -31.63 16.49 1.07
CA PHE B 382 -32.63 16.67 2.12
C PHE B 382 -33.92 15.97 1.70
N ALA B 383 -34.33 16.22 0.46
CA ALA B 383 -35.56 15.62 -0.06
C ALA B 383 -35.51 14.10 -0.09
N ALA B 384 -34.34 13.53 -0.33
CA ALA B 384 -34.23 12.08 -0.39
C ALA B 384 -34.28 11.43 0.99
N GLU B 385 -34.22 12.26 2.03
CA GLU B 385 -34.26 11.72 3.40
C GLU B 385 -35.53 10.95 3.69
N GLU B 386 -36.63 11.32 3.03
CA GLU B 386 -37.87 10.59 3.26
C GLU B 386 -37.83 9.21 2.61
N ARG B 387 -36.87 9.01 1.72
CA ARG B 387 -36.70 7.71 1.06
C ARG B 387 -35.70 6.85 1.86
N GLY B 388 -35.12 7.44 2.91
CA GLY B 388 -34.17 6.72 3.73
C GLY B 388 -32.75 7.26 3.69
N TYR B 389 -32.48 8.19 2.77
CA TYR B 389 -31.15 8.77 2.65
C TYR B 389 -30.73 9.38 3.98
N THR B 390 -29.47 9.17 4.36
CA THR B 390 -28.97 9.70 5.63
C THR B 390 -27.62 10.41 5.52
N ALA B 391 -27.00 10.37 4.35
CA ALA B 391 -25.69 10.99 4.16
C ALA B 391 -25.69 12.51 4.18
N THR B 392 -26.86 13.14 4.23
CA THR B 392 -26.91 14.61 4.28
C THR B 392 -26.17 15.05 5.55
N LYS B 393 -26.30 14.24 6.60
CA LYS B 393 -25.59 14.52 7.84
C LYS B 393 -24.33 13.66 7.73
N HIS B 394 -23.35 14.19 7.00
CA HIS B 394 -22.10 13.50 6.74
C HIS B 394 -21.24 13.11 7.95
N GLN B 395 -21.29 13.90 9.02
CA GLN B 395 -20.48 13.62 10.21
C GLN B 395 -20.84 12.26 10.81
N ARG B 396 -22.09 12.09 11.18
CA ARG B 396 -22.55 10.83 11.75
C ARG B 396 -22.44 9.72 10.73
N GLU B 397 -22.74 10.05 9.47
CA GLU B 397 -22.69 9.09 8.37
C GLU B 397 -21.33 8.40 8.30
N VAL B 398 -20.28 9.11 8.72
CA VAL B 398 -18.95 8.54 8.66
C VAL B 398 -18.42 8.06 10.03
N GLY B 399 -19.30 8.02 11.03
CA GLY B 399 -18.90 7.54 12.34
C GLY B 399 -18.54 8.51 13.45
N ALA B 400 -18.76 9.81 13.22
CA ALA B 400 -18.45 10.81 14.24
C ALA B 400 -19.11 10.44 15.56
N GLY B 401 -20.32 9.92 15.49
CA GLY B 401 -21.05 9.52 16.67
C GLY B 401 -20.48 8.24 17.27
N TYR B 402 -20.05 7.34 16.41
CA TYR B 402 -19.48 6.08 16.85
C TYR B 402 -18.17 6.32 17.60
N PHE B 403 -17.29 7.14 17.03
CA PHE B 403 -16.03 7.42 17.70
C PHE B 403 -16.22 8.25 18.97
N ASP B 404 -17.30 9.04 19.02
CA ASP B 404 -17.58 9.82 20.22
C ASP B 404 -17.87 8.81 21.33
N ARG B 405 -18.56 7.72 20.95
CA ARG B 405 -18.92 6.66 21.87
C ARG B 405 -17.65 6.01 22.40
N ILE B 406 -16.73 5.72 21.50
CA ILE B 406 -15.47 5.13 21.92
C ILE B 406 -14.77 6.11 22.86
N ALA B 407 -14.74 7.39 22.48
CA ALA B 407 -14.08 8.40 23.31
C ALA B 407 -14.65 8.51 24.72
N THR B 408 -15.98 8.47 24.83
CA THR B 408 -16.64 8.57 26.13
C THR B 408 -16.56 7.26 26.91
N THR B 409 -16.29 6.15 26.21
CA THR B 409 -16.16 4.87 26.89
C THR B 409 -14.80 4.84 27.58
N VAL B 410 -13.80 5.40 26.90
CA VAL B 410 -12.44 5.47 27.44
C VAL B 410 -12.40 6.53 28.55
N ASP B 411 -13.01 7.68 28.29
CA ASP B 411 -13.04 8.75 29.26
C ASP B 411 -14.38 9.49 29.16
N PRO B 412 -15.33 9.16 30.04
CA PRO B 412 -16.64 9.82 30.01
C PRO B 412 -16.59 11.33 30.23
N ASN B 413 -15.56 11.82 30.91
CA ASN B 413 -15.43 13.26 31.17
C ASN B 413 -14.59 13.97 30.12
N SER B 414 -14.41 13.34 28.95
CA SER B 414 -13.61 13.93 27.88
C SER B 414 -14.22 15.22 27.37
N SER B 415 -13.41 16.27 27.29
CA SER B 415 -13.87 17.56 26.81
C SER B 415 -13.58 17.77 25.32
N THR B 416 -13.21 16.69 24.64
CA THR B 416 -12.89 16.80 23.22
C THR B 416 -13.75 15.94 22.29
N THR B 417 -15.00 15.70 22.66
CA THR B 417 -15.89 14.92 21.80
C THR B 417 -16.24 15.75 20.57
N ALA B 418 -16.70 15.09 19.51
CA ALA B 418 -16.99 15.76 18.24
C ALA B 418 -18.38 16.32 17.93
N LEU B 419 -19.42 15.50 18.08
CA LEU B 419 -20.76 15.95 17.74
C LEU B 419 -21.34 17.09 18.56
N THR B 420 -21.08 17.10 19.86
CA THR B 420 -21.59 18.17 20.72
C THR B 420 -20.99 19.50 20.31
N GLY B 421 -21.83 20.45 19.90
CA GLY B 421 -21.35 21.75 19.48
C GLY B 421 -21.05 21.83 17.99
N SER B 422 -21.20 20.71 17.28
CA SER B 422 -20.95 20.70 15.84
C SER B 422 -22.08 21.42 15.11
N THR B 423 -21.82 21.84 13.88
CA THR B 423 -22.85 22.53 13.11
C THR B 423 -23.91 21.52 12.66
N GLU B 424 -23.51 20.25 12.56
CA GLU B 424 -24.45 19.23 12.14
C GLU B 424 -25.53 19.10 13.21
N GLU B 425 -25.12 19.20 14.48
CA GLU B 425 -26.04 19.10 15.58
C GLU B 425 -27.01 20.29 15.60
N GLY B 426 -26.50 21.50 15.30
CA GLY B 426 -27.33 22.69 15.31
C GLY B 426 -27.81 23.29 14.00
N GLN B 427 -27.75 22.54 12.90
CA GLN B 427 -28.21 23.06 11.61
C GLN B 427 -28.93 22.01 10.78
N PHE B 428 -28.82 20.74 11.20
CA PHE B 428 -29.47 19.64 10.49
C PHE B 428 -30.48 18.92 11.39
N ALA C 2 -28.89 -12.50 7.08
CA ALA C 2 -29.50 -13.45 8.03
C ALA C 2 -28.57 -14.64 8.31
N SER C 3 -27.67 -14.47 9.26
CA SER C 3 -26.72 -15.54 9.62
C SER C 3 -26.31 -15.41 11.09
N VAL C 4 -25.93 -16.54 11.69
CA VAL C 4 -25.51 -16.54 13.08
C VAL C 4 -23.98 -16.47 13.20
N VAL C 5 -23.31 -16.56 12.06
CA VAL C 5 -21.85 -16.50 12.03
C VAL C 5 -21.39 -15.14 12.55
N GLY C 6 -20.52 -15.14 13.56
CA GLY C 6 -20.02 -13.90 14.11
C GLY C 6 -20.94 -13.15 15.06
N THR C 7 -22.05 -13.77 15.46
CA THR C 7 -22.98 -13.10 16.36
C THR C 7 -22.27 -12.70 17.66
N PRO C 8 -22.40 -11.43 18.07
CA PRO C 8 -21.76 -10.91 19.28
C PRO C 8 -22.19 -11.62 20.57
N LYS C 9 -21.29 -11.68 21.55
CA LYS C 9 -21.61 -12.30 22.85
C LYS C 9 -22.46 -11.29 23.61
N SER C 10 -23.20 -11.77 24.61
CA SER C 10 -24.02 -10.87 25.40
C SER C 10 -23.13 -10.20 26.43
N ALA C 11 -23.61 -9.11 27.01
CA ALA C 11 -22.87 -8.40 28.03
C ALA C 11 -22.65 -9.32 29.23
N GLU C 12 -23.63 -10.16 29.52
CA GLU C 12 -23.53 -11.11 30.64
C GLU C 12 -22.39 -12.09 30.44
N GLN C 13 -22.31 -12.68 29.24
CA GLN C 13 -21.24 -13.64 28.96
C GLN C 13 -19.88 -12.99 29.14
N ILE C 14 -19.74 -11.76 28.65
CA ILE C 14 -18.49 -11.02 28.75
C ILE C 14 -18.14 -10.77 30.21
N GLN C 15 -19.11 -10.24 30.95
CA GLN C 15 -18.92 -9.96 32.37
C GLN C 15 -18.48 -11.22 33.12
N GLN C 16 -19.10 -12.35 32.80
CA GLN C 16 -18.75 -13.62 33.43
C GLN C 16 -17.29 -13.97 33.17
N GLU C 17 -16.83 -13.77 31.93
CA GLU C 17 -15.45 -14.07 31.59
C GLU C 17 -14.53 -13.21 32.44
N TRP C 18 -14.88 -11.93 32.58
CA TRP C 18 -14.09 -10.99 33.36
C TRP C 18 -14.06 -11.36 34.84
N ASP C 19 -15.12 -12.00 35.31
CA ASP C 19 -15.20 -12.38 36.70
C ASP C 19 -14.58 -13.73 37.03
N THR C 20 -14.60 -14.65 36.09
CA THR C 20 -14.09 -16.00 36.33
C THR C 20 -12.78 -16.39 35.68
N ASN C 21 -12.43 -15.78 34.56
CA ASN C 21 -11.18 -16.14 33.90
C ASN C 21 -9.99 -15.53 34.64
N PRO C 22 -9.00 -16.36 35.02
CA PRO C 22 -7.80 -15.91 35.74
C PRO C 22 -7.00 -14.89 34.94
N ARG C 23 -7.20 -14.90 33.62
CA ARG C 23 -6.51 -13.96 32.73
C ARG C 23 -6.75 -12.54 33.21
N TRP C 24 -7.98 -12.27 33.61
CA TRP C 24 -8.38 -10.93 34.06
C TRP C 24 -8.29 -10.71 35.57
N LYS C 25 -7.61 -11.64 36.25
CA LYS C 25 -7.45 -11.56 37.69
C LYS C 25 -7.06 -10.18 38.23
N ASP C 26 -6.02 -9.58 37.65
CA ASP C 26 -5.54 -8.27 38.09
C ASP C 26 -5.82 -7.15 37.10
N VAL C 27 -6.81 -7.34 36.25
CA VAL C 27 -7.13 -6.34 35.24
C VAL C 27 -8.30 -5.44 35.62
N THR C 28 -8.04 -4.14 35.67
CA THR C 28 -9.06 -3.17 35.99
C THR C 28 -9.59 -2.56 34.69
N ARG C 29 -10.90 -2.53 34.56
CA ARG C 29 -11.57 -1.96 33.39
C ARG C 29 -12.52 -0.86 33.88
N THR C 30 -12.25 0.39 33.52
CA THR C 30 -13.12 1.48 33.95
C THR C 30 -14.42 1.64 33.14
N TYR C 31 -14.65 0.75 32.18
CA TYR C 31 -15.88 0.78 31.38
C TYR C 31 -16.57 -0.54 31.63
N SER C 32 -17.81 -0.70 31.16
CA SER C 32 -18.55 -1.95 31.41
C SER C 32 -18.62 -2.87 30.20
N ALA C 33 -19.15 -4.08 30.43
CA ALA C 33 -19.29 -5.07 29.36
C ALA C 33 -20.32 -4.56 28.36
N GLU C 34 -21.31 -3.83 28.87
CA GLU C 34 -22.36 -3.26 28.04
C GLU C 34 -21.74 -2.27 27.05
N ASP C 35 -20.76 -1.50 27.52
CA ASP C 35 -20.10 -0.53 26.64
C ASP C 35 -19.40 -1.26 25.50
N VAL C 36 -18.81 -2.41 25.80
CA VAL C 36 -18.11 -3.19 24.78
C VAL C 36 -19.11 -3.68 23.74
N VAL C 37 -20.15 -4.36 24.21
CA VAL C 37 -21.18 -4.87 23.32
C VAL C 37 -21.74 -3.77 22.42
N ALA C 38 -21.94 -2.59 22.98
CA ALA C 38 -22.47 -1.46 22.24
C ALA C 38 -21.61 -1.04 21.04
N LEU C 39 -20.35 -1.42 21.06
CA LEU C 39 -19.42 -1.05 19.99
C LEU C 39 -19.16 -2.17 18.98
N GLN C 40 -19.69 -3.35 19.23
CA GLN C 40 -19.44 -4.48 18.33
C GLN C 40 -20.35 -4.64 17.11
N GLY C 41 -21.29 -3.72 16.92
CA GLY C 41 -22.19 -3.86 15.79
C GLY C 41 -22.96 -5.16 15.96
N SER C 42 -23.30 -5.84 14.87
CA SER C 42 -24.04 -7.08 14.98
C SER C 42 -23.23 -8.27 14.47
N VAL C 43 -21.95 -8.00 14.19
CA VAL C 43 -21.06 -9.03 13.71
C VAL C 43 -19.66 -8.80 14.25
N VAL C 44 -19.09 -9.83 14.87
CA VAL C 44 -17.74 -9.71 15.39
C VAL C 44 -16.83 -10.64 14.60
N GLU C 45 -15.84 -10.05 13.95
CA GLU C 45 -14.89 -10.85 13.19
C GLU C 45 -14.01 -11.62 14.14
N GLU C 46 -13.67 -12.83 13.75
CA GLU C 46 -12.81 -13.67 14.56
C GLU C 46 -11.39 -13.34 14.14
N HIS C 47 -10.50 -13.21 15.11
CA HIS C 47 -9.11 -12.91 14.83
C HIS C 47 -8.28 -14.07 15.37
N THR C 48 -8.33 -15.17 14.66
CA THR C 48 -7.63 -16.41 15.02
C THR C 48 -6.19 -16.24 15.53
N LEU C 49 -5.31 -15.68 14.70
CA LEU C 49 -3.93 -15.51 15.10
C LEU C 49 -3.75 -14.63 16.34
N ALA C 50 -4.50 -13.54 16.43
CA ALA C 50 -4.40 -12.64 17.58
C ALA C 50 -4.83 -13.36 18.86
N ARG C 51 -5.86 -14.20 18.76
CA ARG C 51 -6.36 -14.94 19.92
C ARG C 51 -5.35 -15.98 20.38
N ARG C 52 -4.98 -16.85 19.45
CA ARG C 52 -4.03 -17.92 19.72
C ARG C 52 -2.73 -17.30 20.24
N GLY C 53 -2.23 -16.29 19.53
CA GLY C 53 -1.00 -15.64 19.94
C GLY C 53 -1.04 -15.08 21.36
N ALA C 54 -2.13 -14.42 21.72
CA ALA C 54 -2.24 -13.85 23.06
C ALA C 54 -2.33 -14.95 24.11
N GLU C 55 -3.07 -16.01 23.82
CA GLU C 55 -3.18 -17.12 24.76
C GLU C 55 -1.82 -17.79 24.97
N VAL C 56 -1.12 -18.08 23.87
CA VAL C 56 0.18 -18.71 23.97
C VAL C 56 1.15 -17.84 24.76
N LEU C 57 1.22 -16.55 24.42
CA LEU C 57 2.10 -15.63 25.11
C LEU C 57 1.83 -15.59 26.60
N TRP C 58 0.56 -15.50 26.97
CA TRP C 58 0.18 -15.45 28.38
C TRP C 58 0.65 -16.71 29.10
N GLU C 59 0.40 -17.87 28.50
CA GLU C 59 0.82 -19.15 29.07
C GLU C 59 2.34 -19.23 29.22
N GLN C 60 3.05 -18.86 28.15
CA GLN C 60 4.51 -18.91 28.19
C GLN C 60 5.07 -18.02 29.30
N LEU C 61 4.44 -16.87 29.53
CA LEU C 61 4.90 -15.95 30.57
C LEU C 61 4.77 -16.57 31.96
N HIS C 62 3.89 -17.56 32.10
CA HIS C 62 3.68 -18.23 33.37
C HIS C 62 4.43 -19.57 33.49
N ASP C 63 4.56 -20.28 32.38
CA ASP C 63 5.22 -21.59 32.39
C ASP C 63 6.72 -21.57 32.21
N LEU C 64 7.26 -20.54 31.56
CA LEU C 64 8.70 -20.46 31.33
C LEU C 64 9.40 -19.56 32.36
N GLU C 65 10.69 -19.80 32.55
CA GLU C 65 11.48 -19.01 33.50
C GLU C 65 11.34 -17.57 33.04
N TRP C 66 11.34 -17.39 31.72
CA TRP C 66 11.17 -16.07 31.11
C TRP C 66 11.08 -16.23 29.58
N VAL C 67 10.45 -15.26 28.94
CA VAL C 67 10.27 -15.27 27.49
C VAL C 67 11.13 -14.20 26.87
N ASN C 68 12.04 -14.59 25.99
CA ASN C 68 12.90 -13.60 25.35
C ASN C 68 12.69 -13.58 23.84
N ALA C 69 13.15 -12.52 23.19
CA ALA C 69 12.98 -12.40 21.76
C ALA C 69 13.94 -11.38 21.18
N LEU C 70 13.98 -11.34 19.85
CA LEU C 70 14.83 -10.41 19.12
C LEU C 70 13.94 -9.63 18.15
N GLY C 71 14.33 -8.40 17.87
CA GLY C 71 13.56 -7.58 16.95
C GLY C 71 13.61 -8.12 15.53
N ALA C 72 12.45 -8.25 14.90
CA ALA C 72 12.36 -8.76 13.53
C ALA C 72 11.71 -7.70 12.64
N LEU C 73 12.33 -7.39 11.50
CA LEU C 73 11.77 -6.40 10.58
C LEU C 73 11.30 -7.00 9.26
N THR C 74 11.59 -8.28 9.03
CA THR C 74 11.13 -8.95 7.81
C THR C 74 10.61 -10.33 8.17
N GLY C 75 9.78 -10.89 7.28
CA GLY C 75 9.21 -12.20 7.53
C GLY C 75 10.26 -13.26 7.78
N ASN C 76 11.21 -13.39 6.85
CA ASN C 76 12.28 -14.38 6.98
C ASN C 76 13.03 -14.29 8.31
N MET C 77 13.19 -13.08 8.83
CA MET C 77 13.87 -12.91 10.11
C MET C 77 13.14 -13.68 11.20
N ALA C 78 11.84 -13.44 11.30
CA ALA C 78 11.03 -14.10 12.31
C ALA C 78 11.09 -15.61 12.13
N VAL C 79 11.11 -16.06 10.87
CA VAL C 79 11.19 -17.48 10.57
C VAL C 79 12.48 -18.08 11.15
N GLN C 80 13.60 -17.40 10.93
CA GLN C 80 14.87 -17.90 11.44
C GLN C 80 14.87 -17.90 12.96
N GLN C 81 14.35 -16.83 13.55
CA GLN C 81 14.30 -16.73 15.01
C GLN C 81 13.58 -17.94 15.60
N VAL C 82 12.47 -18.32 14.98
CA VAL C 82 11.69 -19.46 15.44
C VAL C 82 12.46 -20.74 15.13
N ARG C 83 12.97 -20.84 13.91
CA ARG C 83 13.73 -22.01 13.51
C ARG C 83 14.88 -22.25 14.49
N ALA C 84 15.44 -21.17 15.01
CA ALA C 84 16.55 -21.23 15.96
C ALA C 84 16.14 -21.60 17.39
N GLY C 85 14.85 -21.64 17.66
CA GLY C 85 14.40 -22.00 18.99
C GLY C 85 13.64 -20.95 19.81
N LEU C 86 13.60 -19.72 19.35
CA LEU C 86 12.89 -18.68 20.10
C LEU C 86 11.39 -18.93 20.10
N LYS C 87 10.72 -18.52 21.17
CA LYS C 87 9.29 -18.74 21.30
C LYS C 87 8.45 -17.48 21.30
N ALA C 88 9.06 -16.38 20.86
CA ALA C 88 8.37 -15.10 20.78
C ALA C 88 9.11 -14.21 19.79
N ILE C 89 8.37 -13.29 19.18
CA ILE C 89 8.96 -12.37 18.21
C ILE C 89 8.68 -10.95 18.64
N TYR C 90 9.71 -10.13 18.66
CA TYR C 90 9.55 -8.75 19.03
C TYR C 90 9.54 -7.92 17.75
N LEU C 91 8.58 -7.02 17.61
CA LEU C 91 8.48 -6.19 16.42
C LEU C 91 8.74 -4.74 16.81
N SER C 92 9.98 -4.32 16.62
CA SER C 92 10.45 -2.98 16.94
C SER C 92 9.94 -1.87 16.04
N GLY C 93 9.52 -0.76 16.66
CA GLY C 93 9.03 0.38 15.90
C GLY C 93 10.24 1.08 15.31
N TRP C 94 11.33 1.09 16.09
CA TRP C 94 12.58 1.68 15.67
C TRP C 94 13.00 1.10 14.31
N GLN C 95 13.06 -0.23 14.23
CA GLN C 95 13.46 -0.89 13.00
C GLN C 95 12.53 -0.61 11.84
N VAL C 96 11.24 -0.50 12.13
CA VAL C 96 10.25 -0.21 11.10
C VAL C 96 10.55 1.19 10.57
N ALA C 97 10.79 2.15 11.46
CA ALA C 97 11.12 3.51 11.06
C ALA C 97 12.37 3.50 10.19
N GLY C 98 13.35 2.69 10.59
CA GLY C 98 14.59 2.65 9.86
C GLY C 98 14.68 1.87 8.57
N ASP C 99 13.89 0.80 8.42
CA ASP C 99 14.02 -0.01 7.22
C ASP C 99 12.77 -0.81 6.81
N ALA C 100 11.62 -0.50 7.40
CA ALA C 100 10.40 -1.23 7.03
C ALA C 100 9.05 -0.53 7.30
N ASN C 101 8.90 0.71 6.86
CA ASN C 101 7.64 1.42 7.07
C ASN C 101 7.01 1.79 5.73
N LEU C 102 5.70 2.00 5.74
CA LEU C 102 4.95 2.29 4.53
C LEU C 102 5.26 3.60 3.78
N SER C 103 6.12 4.46 4.32
CA SER C 103 6.44 5.68 3.58
C SER C 103 7.57 5.38 2.60
N GLY C 104 8.26 4.27 2.82
CA GLY C 104 9.37 3.90 1.97
C GLY C 104 10.65 4.62 2.35
N HIS C 105 10.55 5.52 3.34
CA HIS C 105 11.71 6.27 3.78
C HIS C 105 12.40 5.72 5.03
N THR C 106 13.65 6.14 5.21
CA THR C 106 14.46 5.76 6.37
C THR C 106 14.24 6.90 7.38
N TYR C 107 13.88 6.54 8.60
CA TYR C 107 13.62 7.55 9.62
C TYR C 107 14.19 7.23 10.99
N PRO C 108 14.46 8.29 11.78
CA PRO C 108 14.99 8.08 13.13
C PRO C 108 13.73 7.68 13.94
N ASP C 109 13.91 7.15 15.14
CA ASP C 109 12.79 6.70 15.95
C ASP C 109 11.97 7.83 16.57
N GLN C 110 11.11 8.47 15.77
CA GLN C 110 10.30 9.58 16.26
C GLN C 110 8.85 9.61 15.76
N SER C 111 8.25 8.43 15.59
CA SER C 111 6.87 8.33 15.11
C SER C 111 6.63 9.14 13.83
N LEU C 112 7.56 9.05 12.88
CA LEU C 112 7.46 9.78 11.62
C LEU C 112 6.71 9.02 10.51
N TYR C 113 6.72 7.69 10.61
CA TYR C 113 6.09 6.84 9.60
C TYR C 113 4.58 6.68 9.76
N PRO C 114 3.90 6.18 8.70
CA PRO C 114 2.45 5.97 8.71
C PRO C 114 2.05 5.00 9.82
N ALA C 115 1.03 5.39 10.60
CA ALA C 115 0.54 4.62 11.74
C ALA C 115 0.14 3.17 11.49
N ASN C 116 -0.08 2.79 10.23
CA ASN C 116 -0.43 1.40 9.96
C ASN C 116 0.80 0.59 9.54
N SER C 117 1.99 1.14 9.69
CA SER C 117 3.22 0.43 9.31
C SER C 117 3.48 -0.82 10.12
N VAL C 118 3.48 -0.70 11.43
CA VAL C 118 3.73 -1.88 12.26
C VAL C 118 2.68 -2.96 12.01
N PRO C 119 1.37 -2.61 12.02
CA PRO C 119 0.37 -3.65 11.76
C PRO C 119 0.69 -4.44 10.50
N GLN C 120 1.11 -3.75 9.44
CA GLN C 120 1.46 -4.42 8.19
C GLN C 120 2.64 -5.37 8.39
N VAL C 121 3.59 -5.00 9.23
CA VAL C 121 4.73 -5.88 9.47
C VAL C 121 4.28 -7.07 10.33
N VAL C 122 3.30 -6.84 11.20
CA VAL C 122 2.78 -7.93 12.04
C VAL C 122 2.17 -8.96 11.10
N ARG C 123 1.28 -8.51 10.20
CA ARG C 123 0.64 -9.38 9.24
C ARG C 123 1.68 -10.13 8.41
N ARG C 124 2.74 -9.43 8.01
CA ARG C 124 3.79 -10.03 7.20
C ARG C 124 4.51 -11.14 7.97
N ILE C 125 4.88 -10.86 9.21
CA ILE C 125 5.54 -11.87 10.02
C ILE C 125 4.67 -13.11 10.18
N ASN C 126 3.38 -12.91 10.46
CA ASN C 126 2.50 -14.05 10.60
C ASN C 126 2.41 -14.84 9.28
N ASN C 127 2.37 -14.13 8.14
CA ASN C 127 2.31 -14.83 6.86
C ASN C 127 3.55 -15.67 6.67
N ALA C 128 4.69 -15.13 7.05
CA ALA C 128 5.97 -15.86 6.92
C ALA C 128 5.97 -17.12 7.77
N LEU C 129 5.52 -17.00 9.00
CA LEU C 129 5.47 -18.13 9.91
C LEU C 129 4.47 -19.16 9.40
N GLN C 130 3.37 -18.69 8.81
CA GLN C 130 2.36 -19.60 8.29
C GLN C 130 2.92 -20.40 7.12
N ARG C 131 3.77 -19.77 6.32
CA ARG C 131 4.38 -20.47 5.19
C ARG C 131 5.30 -21.55 5.74
N ALA C 132 6.12 -21.20 6.72
CA ALA C 132 7.02 -22.17 7.32
C ALA C 132 6.22 -23.32 7.91
N ASP C 133 5.11 -22.99 8.55
CA ASP C 133 4.26 -24.01 9.15
C ASP C 133 3.72 -24.94 8.06
N GLN C 134 3.29 -24.37 6.94
CA GLN C 134 2.76 -25.13 5.82
C GLN C 134 3.82 -26.05 5.23
N ILE C 135 5.03 -25.53 5.08
CA ILE C 135 6.13 -26.31 4.53
C ILE C 135 6.50 -27.45 5.48
N ALA C 136 6.69 -27.13 6.74
CA ALA C 136 7.04 -28.14 7.74
C ALA C 136 6.05 -29.30 7.72
N LYS C 137 4.76 -28.98 7.56
CA LYS C 137 3.74 -30.02 7.53
C LYS C 137 3.87 -30.96 6.35
N ILE C 138 4.19 -30.42 5.16
CA ILE C 138 4.35 -31.28 3.99
C ILE C 138 5.69 -31.99 3.98
N GLU C 139 6.67 -31.47 4.72
CA GLU C 139 7.97 -32.11 4.78
C GLU C 139 8.05 -33.04 5.98
N GLY C 140 6.94 -33.16 6.70
CA GLY C 140 6.90 -34.00 7.87
C GLY C 140 7.94 -33.57 8.90
N ASP C 141 8.26 -32.29 8.88
CA ASP C 141 9.25 -31.72 9.80
C ASP C 141 8.59 -31.33 11.11
N THR C 142 8.94 -32.04 12.19
CA THR C 142 8.39 -31.76 13.50
C THR C 142 9.42 -31.05 14.37
N SER C 143 10.44 -30.52 13.70
CA SER C 143 11.54 -29.79 14.35
C SER C 143 11.02 -28.68 15.27
N VAL C 144 10.00 -27.95 14.81
CA VAL C 144 9.43 -26.85 15.59
C VAL C 144 8.01 -27.16 16.02
N GLU C 145 7.77 -27.10 17.33
CA GLU C 145 6.47 -27.39 17.90
C GLU C 145 5.42 -26.34 17.52
N ASN C 146 5.78 -25.07 17.64
CA ASN C 146 4.86 -24.00 17.30
C ASN C 146 5.49 -22.94 16.40
N TRP C 147 5.21 -23.03 15.11
CA TRP C 147 5.76 -22.05 14.18
C TRP C 147 5.13 -20.69 14.40
N LEU C 148 3.88 -20.67 14.83
CA LEU C 148 3.17 -19.42 15.09
C LEU C 148 3.50 -18.81 16.44
N ALA C 149 4.74 -18.36 16.58
CA ALA C 149 5.19 -17.74 17.81
C ALA C 149 4.42 -16.43 18.02
N PRO C 150 4.13 -16.08 19.28
CA PRO C 150 3.40 -14.85 19.59
C PRO C 150 4.25 -13.62 19.25
N ILE C 151 3.61 -12.59 18.70
CA ILE C 151 4.32 -11.38 18.33
C ILE C 151 3.97 -10.24 19.28
N VAL C 152 4.99 -9.59 19.83
CA VAL C 152 4.81 -8.45 20.71
C VAL C 152 5.21 -7.24 19.84
N ALA C 153 4.27 -6.33 19.60
CA ALA C 153 4.56 -5.20 18.73
C ALA C 153 4.61 -3.84 19.41
N ASP C 154 5.35 -2.94 18.78
CA ASP C 154 5.55 -1.58 19.23
C ASP C 154 4.39 -0.67 18.84
N GLY C 155 3.67 -0.12 19.82
CA GLY C 155 2.57 0.77 19.55
C GLY C 155 3.03 2.21 19.74
N GLU C 156 4.29 2.35 20.15
CA GLU C 156 4.90 3.66 20.38
C GLU C 156 4.05 4.54 21.28
N ALA C 157 3.72 5.74 20.82
CA ALA C 157 2.91 6.66 21.61
C ALA C 157 1.47 6.75 21.10
N GLY C 158 1.05 5.81 20.26
CA GLY C 158 -0.31 5.82 19.76
C GLY C 158 -0.59 6.71 18.55
N PHE C 159 0.36 7.56 18.16
CA PHE C 159 0.20 8.43 17.01
C PHE C 159 -0.96 9.41 17.14
N GLY C 160 -1.15 9.95 18.34
CA GLY C 160 -2.23 10.88 18.56
C GLY C 160 -2.90 10.66 19.89
N GLY C 161 -4.23 10.77 19.89
CA GLY C 161 -5.00 10.59 21.11
C GLY C 161 -5.52 9.19 21.30
N ALA C 162 -6.47 9.05 22.22
CA ALA C 162 -7.06 7.77 22.54
C ALA C 162 -7.65 7.06 21.33
N LEU C 163 -8.18 7.84 20.39
CA LEU C 163 -8.78 7.25 19.21
C LEU C 163 -7.74 6.68 18.24
N ASN C 164 -6.58 7.33 18.14
CA ASN C 164 -5.51 6.85 17.28
C ASN C 164 -4.99 5.56 17.92
N VAL C 165 -4.90 5.57 19.24
CA VAL C 165 -4.45 4.43 20.01
C VAL C 165 -5.36 3.25 19.72
N TYR C 166 -6.67 3.51 19.82
CA TYR C 166 -7.67 2.49 19.57
C TYR C 166 -7.50 1.87 18.19
N GLU C 167 -7.38 2.72 17.17
CA GLU C 167 -7.25 2.23 15.79
C GLU C 167 -5.97 1.42 15.57
N LEU C 168 -4.87 1.82 16.22
CA LEU C 168 -3.62 1.09 16.06
C LEU C 168 -3.74 -0.32 16.69
N GLN C 169 -4.29 -0.39 17.89
CA GLN C 169 -4.48 -1.66 18.58
C GLN C 169 -5.40 -2.57 17.77
N LYS C 170 -6.46 -2.00 17.21
CA LYS C 170 -7.41 -2.75 16.41
C LYS C 170 -6.72 -3.28 15.15
N ALA C 171 -5.85 -2.46 14.56
CA ALA C 171 -5.14 -2.87 13.36
C ALA C 171 -4.11 -3.97 13.68
N LEU C 172 -3.43 -3.82 14.81
CA LEU C 172 -2.43 -4.80 15.23
C LEU C 172 -3.11 -6.15 15.46
N ILE C 173 -4.30 -6.11 16.04
CA ILE C 173 -5.06 -7.32 16.31
C ILE C 173 -5.52 -7.99 15.02
N ALA C 174 -6.00 -7.18 14.07
CA ALA C 174 -6.46 -7.73 12.80
C ALA C 174 -5.29 -8.43 12.10
N ALA C 175 -4.08 -7.94 12.34
CA ALA C 175 -2.89 -8.52 11.72
C ALA C 175 -2.39 -9.75 12.48
N GLY C 176 -3.00 -10.01 13.64
CA GLY C 176 -2.64 -11.17 14.43
C GLY C 176 -1.57 -10.99 15.49
N VAL C 177 -1.54 -9.82 16.12
CA VAL C 177 -0.55 -9.53 17.16
C VAL C 177 -0.95 -10.25 18.44
N ALA C 178 0.02 -10.55 19.30
CA ALA C 178 -0.25 -11.23 20.57
C ALA C 178 -0.25 -10.24 21.72
N GLY C 179 0.65 -9.25 21.62
CA GLY C 179 0.77 -8.24 22.66
C GLY C 179 1.27 -6.95 22.04
N SER C 180 1.05 -5.83 22.70
CA SER C 180 1.50 -4.53 22.19
C SER C 180 1.88 -3.64 23.35
N HIS C 181 2.88 -2.78 23.16
CA HIS C 181 3.30 -1.88 24.22
C HIS C 181 3.07 -0.42 23.89
N TRP C 182 2.83 0.37 24.93
CA TRP C 182 2.51 1.78 24.80
C TRP C 182 3.29 2.62 25.81
N GLU C 183 3.88 3.71 25.35
CA GLU C 183 4.70 4.58 26.19
C GLU C 183 4.06 5.93 26.49
N ASP C 184 4.40 6.47 27.65
CA ASP C 184 3.85 7.74 28.10
C ASP C 184 4.56 9.00 27.57
N GLN C 185 4.76 9.06 26.26
CA GLN C 185 5.40 10.21 25.64
C GLN C 185 4.41 10.97 24.76
N LEU C 186 4.72 12.23 24.49
CA LEU C 186 3.89 13.04 23.61
C LEU C 186 4.17 12.48 22.22
N ALA C 187 3.12 12.03 21.54
CA ALA C 187 3.27 11.44 20.21
C ALA C 187 4.00 12.34 19.22
N SER C 188 3.56 13.59 19.13
CA SER C 188 4.15 14.55 18.20
C SER C 188 5.65 14.81 18.43
N GLU C 189 6.16 14.47 19.61
CA GLU C 189 7.57 14.66 19.91
C GLU C 189 8.22 13.34 20.34
N LYS C 190 7.56 12.24 19.99
CA LYS C 190 8.03 10.90 20.34
C LYS C 190 9.52 10.75 20.03
N LYS C 191 10.25 10.22 21.00
CA LYS C 191 11.69 10.00 20.85
C LYS C 191 11.97 8.54 21.17
N SER C 192 13.09 8.06 20.66
CA SER C 192 13.49 6.69 20.92
C SER C 192 13.84 6.65 22.40
N GLY C 193 13.61 5.52 23.04
CA GLY C 193 13.90 5.40 24.45
C GLY C 193 15.26 5.93 24.90
N HIS C 194 16.26 5.80 24.03
CA HIS C 194 17.59 6.25 24.38
C HIS C 194 18.11 7.49 23.65
N LEU C 195 17.18 8.33 23.21
CA LEU C 195 17.52 9.59 22.53
C LEU C 195 17.07 10.68 23.50
N GLY C 196 17.61 11.89 23.34
CA GLY C 196 17.23 12.98 24.22
C GLY C 196 16.01 13.76 23.75
N GLY C 197 15.60 14.75 24.56
CA GLY C 197 14.46 15.57 24.23
C GLY C 197 13.10 14.89 24.36
N LYS C 198 12.98 13.89 25.23
CA LYS C 198 11.72 13.19 25.41
C LYS C 198 10.73 14.01 26.23
N VAL C 199 9.47 13.99 25.81
CA VAL C 199 8.43 14.74 26.50
C VAL C 199 7.36 13.77 26.98
N LEU C 200 7.14 13.73 28.28
CA LEU C 200 6.14 12.84 28.86
C LEU C 200 4.75 13.48 28.79
N ILE C 201 3.71 12.65 28.93
CA ILE C 201 2.35 13.17 28.97
C ILE C 201 1.86 12.86 30.38
N PRO C 202 0.75 13.47 30.82
CA PRO C 202 0.24 13.21 32.17
C PRO C 202 -0.01 11.74 32.44
N THR C 203 0.21 11.33 33.70
CA THR C 203 0.00 9.95 34.11
C THR C 203 -1.38 9.46 33.71
N GLN C 204 -2.39 10.27 33.97
CA GLN C 204 -3.77 9.91 33.64
C GLN C 204 -3.97 9.75 32.13
N GLN C 205 -3.27 10.55 31.33
CA GLN C 205 -3.43 10.43 29.89
C GLN C 205 -2.92 9.05 29.45
N HIS C 206 -1.82 8.60 30.03
CA HIS C 206 -1.33 7.30 29.62
C HIS C 206 -2.24 6.18 30.11
N ILE C 207 -2.98 6.44 31.19
CA ILE C 207 -3.92 5.45 31.67
C ILE C 207 -5.06 5.41 30.65
N ARG C 208 -5.36 6.55 30.03
CA ARG C 208 -6.41 6.57 29.02
C ARG C 208 -5.93 5.73 27.83
N THR C 209 -4.64 5.89 27.49
CA THR C 209 -4.07 5.13 26.39
C THR C 209 -4.18 3.63 26.67
N LEU C 210 -3.79 3.22 27.88
CA LEU C 210 -3.84 1.82 28.27
C LEU C 210 -5.28 1.32 28.25
N THR C 211 -6.21 2.18 28.67
CA THR C 211 -7.63 1.83 28.70
C THR C 211 -8.16 1.66 27.28
N SER C 212 -7.74 2.55 26.38
CA SER C 212 -8.18 2.47 24.99
C SER C 212 -7.63 1.20 24.34
N ALA C 213 -6.37 0.87 24.65
CA ALA C 213 -5.74 -0.33 24.09
C ALA C 213 -6.51 -1.56 24.54
N ARG C 214 -6.98 -1.54 25.78
CA ARG C 214 -7.73 -2.68 26.32
C ARG C 214 -9.11 -2.73 25.69
N LEU C 215 -9.76 -1.57 25.59
CA LEU C 215 -11.09 -1.50 24.98
C LEU C 215 -11.07 -2.09 23.57
N ALA C 216 -10.07 -1.70 22.79
CA ALA C 216 -9.96 -2.19 21.42
C ALA C 216 -9.87 -3.71 21.39
N ALA C 217 -9.10 -4.29 22.31
CA ALA C 217 -8.96 -5.74 22.38
C ALA C 217 -10.27 -6.39 22.78
N ASP C 218 -10.98 -5.79 23.73
CA ASP C 218 -12.26 -6.35 24.17
C ASP C 218 -13.30 -6.31 23.05
N VAL C 219 -13.38 -5.17 22.36
CA VAL C 219 -14.32 -5.03 21.26
C VAL C 219 -13.97 -6.04 20.17
N ALA C 220 -12.66 -6.29 20.02
CA ALA C 220 -12.16 -7.23 19.03
C ALA C 220 -12.28 -8.65 19.58
N ASP C 221 -12.67 -8.76 20.84
CA ASP C 221 -12.88 -10.05 21.51
C ASP C 221 -11.66 -10.98 21.63
N VAL C 222 -10.50 -10.42 21.91
CA VAL C 222 -9.28 -11.21 22.08
C VAL C 222 -8.49 -10.70 23.29
N PRO C 223 -7.91 -11.62 24.08
CA PRO C 223 -7.12 -11.33 25.28
C PRO C 223 -5.72 -10.75 25.02
N THR C 224 -5.62 -9.75 24.16
CA THR C 224 -4.34 -9.16 23.84
C THR C 224 -3.52 -8.73 25.08
N VAL C 225 -2.24 -9.07 25.09
CA VAL C 225 -1.36 -8.68 26.19
C VAL C 225 -1.02 -7.20 26.07
N VAL C 226 -1.45 -6.41 27.04
CA VAL C 226 -1.19 -4.98 27.05
C VAL C 226 0.02 -4.63 27.90
N ILE C 227 1.01 -3.98 27.29
CA ILE C 227 2.24 -3.61 27.99
C ILE C 227 2.37 -2.09 28.16
N ALA C 228 2.68 -1.68 29.38
CA ALA C 228 2.85 -0.27 29.66
C ALA C 228 4.32 0.07 29.81
N ARG C 229 4.77 1.08 29.08
CA ARG C 229 6.15 1.54 29.12
C ARG C 229 6.23 2.98 29.60
N THR C 230 7.20 3.28 30.46
CA THR C 230 7.39 4.64 30.94
C THR C 230 8.79 5.11 30.56
N ASP C 231 8.88 6.34 30.09
CA ASP C 231 10.15 6.92 29.68
C ASP C 231 10.61 7.98 30.68
N ALA C 232 10.03 7.96 31.88
CA ALA C 232 10.34 8.91 32.93
C ALA C 232 11.75 8.82 33.50
N GLU C 233 12.51 7.82 33.08
CA GLU C 233 13.88 7.66 33.59
C GLU C 233 14.78 8.78 33.07
N ALA C 234 14.66 9.10 31.79
CA ALA C 234 15.49 10.14 31.20
C ALA C 234 14.76 11.42 30.80
N ALA C 235 13.46 11.33 30.56
CA ALA C 235 12.70 12.52 30.16
C ALA C 235 12.71 13.62 31.23
N THR C 236 13.00 14.84 30.80
CA THR C 236 13.04 15.98 31.73
C THR C 236 11.94 16.98 31.37
N LEU C 237 11.02 16.57 30.51
CA LEU C 237 9.93 17.44 30.11
C LEU C 237 8.60 16.71 30.19
N ILE C 238 7.53 17.47 30.43
CA ILE C 238 6.18 16.94 30.49
C ILE C 238 5.23 18.00 29.93
N THR C 239 4.21 17.56 29.19
CA THR C 239 3.25 18.46 28.57
C THR C 239 2.42 19.29 29.53
N SER C 240 2.11 18.74 30.69
CA SER C 240 1.27 19.46 31.64
C SER C 240 1.48 19.04 33.11
N ASP C 241 1.10 19.92 34.03
CA ASP C 241 1.22 19.66 35.46
C ASP C 241 -0.15 19.40 36.07
N VAL C 242 -1.12 19.10 35.22
CA VAL C 242 -2.49 18.84 35.64
C VAL C 242 -2.65 17.69 36.64
N ASP C 243 -1.91 16.61 36.43
CA ASP C 243 -2.02 15.44 37.29
C ASP C 243 -1.26 15.55 38.61
N GLU C 244 -1.97 15.37 39.70
CA GLU C 244 -1.38 15.45 41.04
C GLU C 244 -0.28 14.43 41.29
N ARG C 245 -0.29 13.33 40.55
CA ARG C 245 0.73 12.32 40.71
C ARG C 245 2.05 12.74 40.05
N ASP C 246 1.99 13.71 39.14
CA ASP C 246 3.18 14.18 38.46
C ASP C 246 3.78 15.42 39.10
N GLN C 247 2.93 16.23 39.73
CA GLN C 247 3.36 17.47 40.36
C GLN C 247 4.57 17.39 41.30
N PRO C 248 4.73 16.28 42.04
CA PRO C 248 5.89 16.22 42.92
C PRO C 248 7.21 16.40 42.17
N PHE C 249 7.22 16.02 40.89
CA PHE C 249 8.43 16.11 40.09
C PHE C 249 8.53 17.36 39.21
N ILE C 250 7.44 18.12 39.09
CA ILE C 250 7.45 19.32 38.28
C ILE C 250 8.24 20.41 38.99
N THR C 251 9.23 20.98 38.30
CA THR C 251 10.07 22.01 38.88
C THR C 251 9.50 23.41 38.72
N GLY C 252 8.43 23.56 37.96
CA GLY C 252 7.86 24.88 37.76
C GLY C 252 8.40 25.64 36.55
N GLU C 253 9.59 25.27 36.08
CA GLU C 253 10.18 25.93 34.90
C GLU C 253 9.46 25.47 33.64
N ARG C 254 9.33 26.40 32.70
CA ARG C 254 8.67 26.13 31.43
C ARG C 254 9.61 26.45 30.29
N THR C 255 9.47 25.71 29.18
CA THR C 255 10.31 25.97 28.01
C THR C 255 9.57 26.97 27.14
N ARG C 256 10.17 27.37 26.04
CA ARG C 256 9.53 28.31 25.14
C ARG C 256 8.28 27.68 24.53
N GLU C 257 8.32 26.37 24.28
CA GLU C 257 7.18 25.67 23.68
C GLU C 257 6.03 25.50 24.65
N GLY C 258 6.28 25.73 25.94
CA GLY C 258 5.23 25.58 26.94
C GLY C 258 5.31 24.30 27.76
N PHE C 259 6.37 23.52 27.57
CA PHE C 259 6.54 22.28 28.31
C PHE C 259 7.06 22.58 29.71
N TYR C 260 6.76 21.70 30.66
CA TYR C 260 7.21 21.86 32.04
C TYR C 260 8.40 20.96 32.34
N ARG C 261 9.44 21.52 32.96
CA ARG C 261 10.61 20.73 33.33
C ARG C 261 10.16 19.81 34.45
N THR C 262 10.68 18.59 34.45
CA THR C 262 10.32 17.62 35.47
C THR C 262 11.53 16.76 35.82
N LYS C 263 11.67 16.43 37.10
CA LYS C 263 12.79 15.63 37.58
C LYS C 263 12.68 14.16 37.20
N ASN C 264 13.62 13.71 36.37
CA ASN C 264 13.65 12.33 35.91
C ASN C 264 14.32 11.41 36.92
N GLY C 265 14.34 10.12 36.60
CA GLY C 265 14.95 9.15 37.50
C GLY C 265 14.07 7.96 37.73
N ILE C 266 14.51 7.06 38.61
CA ILE C 266 13.75 5.86 38.91
C ILE C 266 12.52 6.15 39.77
N GLU C 267 12.58 7.22 40.56
CA GLU C 267 11.47 7.57 41.42
C GLU C 267 10.19 7.85 40.62
N PRO C 268 10.28 8.67 39.56
CA PRO C 268 9.08 8.96 38.77
C PRO C 268 8.61 7.70 38.03
N CYS C 269 9.55 6.83 37.66
CA CYS C 269 9.21 5.60 36.96
C CYS C 269 8.44 4.66 37.89
N ILE C 270 8.86 4.62 39.15
CA ILE C 270 8.20 3.78 40.13
C ILE C 270 6.78 4.29 40.37
N ALA C 271 6.63 5.60 40.53
CA ALA C 271 5.34 6.21 40.75
C ALA C 271 4.40 5.90 39.59
N ARG C 272 4.89 6.09 38.36
CA ARG C 272 4.09 5.82 37.17
C ARG C 272 3.76 4.34 36.98
N ALA C 273 4.74 3.47 37.22
CA ALA C 273 4.50 2.04 37.08
C ALA C 273 3.37 1.60 38.02
N LYS C 274 3.38 2.12 39.24
CA LYS C 274 2.33 1.76 40.20
C LYS C 274 0.97 2.24 39.70
N ALA C 275 0.94 3.44 39.14
CA ALA C 275 -0.29 4.01 38.60
C ALA C 275 -0.81 3.20 37.40
N TYR C 276 0.11 2.69 36.59
CA TYR C 276 -0.27 1.91 35.40
C TYR C 276 -0.58 0.45 35.68
N ALA C 277 0.01 -0.09 36.75
CA ALA C 277 -0.16 -1.50 37.12
C ALA C 277 -1.54 -2.12 36.90
N PRO C 278 -2.61 -1.48 37.38
CA PRO C 278 -3.96 -2.02 37.21
C PRO C 278 -4.43 -2.13 35.76
N PHE C 279 -3.74 -1.41 34.89
CA PHE C 279 -4.08 -1.37 33.47
C PHE C 279 -2.99 -1.98 32.58
N ALA C 280 -2.08 -2.75 33.18
CA ALA C 280 -0.99 -3.33 32.40
C ALA C 280 -0.64 -4.77 32.74
N ASP C 281 -0.63 -5.65 31.74
CA ASP C 281 -0.27 -7.04 31.95
C ASP C 281 1.24 -7.10 32.24
N LEU C 282 1.96 -6.14 31.69
CA LEU C 282 3.40 -6.05 31.92
C LEU C 282 3.80 -4.59 31.98
N ILE C 283 4.80 -4.29 32.80
CA ILE C 283 5.28 -2.92 32.92
C ILE C 283 6.76 -2.91 32.56
N TRP C 284 7.13 -1.94 31.74
CA TRP C 284 8.49 -1.80 31.27
C TRP C 284 9.01 -0.40 31.48
N MET C 285 10.20 -0.32 32.05
CA MET C 285 10.85 0.95 32.33
C MET C 285 12.12 1.09 31.50
N GLU C 286 12.17 2.11 30.64
CA GLU C 286 13.35 2.36 29.82
C GLU C 286 14.48 2.83 30.74
N THR C 287 15.69 2.34 30.51
CA THR C 287 16.84 2.72 31.31
C THR C 287 18.00 3.16 30.41
N GLY C 288 18.89 3.97 30.96
CA GLY C 288 20.02 4.46 30.19
C GLY C 288 21.23 3.55 30.17
N THR C 289 21.19 2.48 30.96
CA THR C 289 22.30 1.54 31.03
C THR C 289 21.80 0.19 31.53
N PRO C 290 22.45 -0.91 31.10
CA PRO C 290 22.04 -2.25 31.53
C PRO C 290 22.50 -2.45 32.98
N ASP C 291 21.63 -2.13 33.94
CA ASP C 291 21.98 -2.23 35.35
C ASP C 291 21.06 -3.14 36.17
N LEU C 292 21.57 -4.32 36.56
CA LEU C 292 20.79 -5.26 37.34
C LEU C 292 20.33 -4.71 38.69
N GLU C 293 21.12 -3.82 39.29
CA GLU C 293 20.76 -3.25 40.58
C GLU C 293 19.63 -2.24 40.40
N ALA C 294 19.70 -1.44 39.34
CA ALA C 294 18.66 -0.47 39.07
C ALA C 294 17.39 -1.26 38.81
N ALA C 295 17.52 -2.32 38.02
CA ALA C 295 16.41 -3.19 37.69
C ALA C 295 15.76 -3.76 38.95
N ARG C 296 16.60 -4.20 39.91
CA ARG C 296 16.08 -4.78 41.15
C ARG C 296 15.31 -3.71 41.94
N GLN C 297 15.87 -2.52 41.97
CA GLN C 297 15.28 -1.41 42.67
C GLN C 297 13.85 -1.13 42.16
N PHE C 298 13.72 -1.07 40.84
CA PHE C 298 12.43 -0.82 40.21
C PHE C 298 11.46 -1.97 40.48
N SER C 299 11.94 -3.20 40.24
CA SER C 299 11.12 -4.39 40.45
C SER C 299 10.55 -4.53 41.87
N GLU C 300 11.42 -4.42 42.87
CA GLU C 300 11.00 -4.55 44.26
C GLU C 300 10.02 -3.44 44.68
N ALA C 301 10.29 -2.22 44.27
CA ALA C 301 9.40 -1.11 44.61
C ALA C 301 8.01 -1.35 44.03
N VAL C 302 7.95 -1.80 42.79
CA VAL C 302 6.68 -2.06 42.13
C VAL C 302 5.95 -3.25 42.73
N LYS C 303 6.66 -4.38 42.84
CA LYS C 303 6.07 -5.60 43.39
C LYS C 303 5.66 -5.44 44.85
N ALA C 304 6.22 -4.44 45.52
CA ALA C 304 5.88 -4.22 46.92
C ALA C 304 4.36 -3.99 47.04
N GLU C 305 3.80 -3.31 46.04
CA GLU C 305 2.37 -3.04 46.04
C GLU C 305 1.60 -3.98 45.11
N TYR C 306 2.28 -4.49 44.10
CA TYR C 306 1.65 -5.42 43.15
C TYR C 306 2.56 -6.62 42.96
N PRO C 307 2.55 -7.55 43.93
CA PRO C 307 3.34 -8.78 43.95
C PRO C 307 3.36 -9.58 42.66
N ASP C 308 2.20 -9.72 42.03
CA ASP C 308 2.11 -10.51 40.81
C ASP C 308 2.36 -9.76 39.50
N GLN C 309 2.71 -8.48 39.59
CA GLN C 309 2.95 -7.69 38.38
C GLN C 309 4.20 -8.15 37.64
N MET C 310 4.00 -8.69 36.44
CA MET C 310 5.12 -9.13 35.63
C MET C 310 5.72 -7.89 34.96
N LEU C 311 7.02 -7.94 34.71
CA LEU C 311 7.73 -6.83 34.10
C LEU C 311 8.37 -7.22 32.76
N ALA C 312 8.80 -6.22 32.00
CA ALA C 312 9.46 -6.46 30.72
C ALA C 312 10.74 -5.63 30.72
N TYR C 313 11.78 -6.14 30.06
CA TYR C 313 13.03 -5.42 30.02
C TYR C 313 13.66 -5.34 28.63
N ASN C 314 14.11 -4.15 28.26
CA ASN C 314 14.73 -3.92 26.97
C ASN C 314 16.24 -4.02 27.04
N CYS C 315 16.77 -5.15 26.57
CA CYS C 315 18.22 -5.37 26.53
C CYS C 315 18.66 -4.66 25.25
N SER C 316 18.70 -3.33 25.32
CA SER C 316 19.02 -2.48 24.19
C SER C 316 20.42 -2.43 23.58
N PRO C 317 20.49 -2.42 22.23
CA PRO C 317 21.77 -2.35 21.53
C PRO C 317 22.25 -0.91 21.58
N SER C 318 21.48 -0.05 22.25
CA SER C 318 21.82 1.35 22.40
C SER C 318 22.78 1.48 23.58
N PHE C 319 23.14 0.34 24.17
CA PHE C 319 24.07 0.30 25.27
C PHE C 319 25.36 -0.29 24.72
N ASN C 320 26.50 0.16 25.23
CA ASN C 320 27.78 -0.38 24.81
C ASN C 320 28.05 -1.41 25.90
N TRP C 321 27.47 -2.58 25.73
CA TRP C 321 27.57 -3.65 26.71
C TRP C 321 28.90 -3.93 27.40
N LYS C 322 29.95 -4.19 26.64
CA LYS C 322 31.24 -4.48 27.27
C LYS C 322 31.84 -3.26 27.98
N LYS C 323 31.30 -2.08 27.71
CA LYS C 323 31.78 -0.87 28.35
C LYS C 323 31.15 -0.72 29.74
N HIS C 324 30.06 -1.44 29.97
CA HIS C 324 29.37 -1.37 31.25
C HIS C 324 29.46 -2.62 32.12
N LEU C 325 29.56 -3.78 31.48
CA LEU C 325 29.61 -5.04 32.23
C LEU C 325 30.71 -5.99 31.78
N ASP C 326 31.07 -6.92 32.66
CA ASP C 326 32.08 -7.93 32.34
C ASP C 326 31.34 -9.11 31.72
N ASP C 327 32.07 -10.00 31.05
CA ASP C 327 31.44 -11.14 30.39
C ASP C 327 30.61 -12.02 31.31
N ALA C 328 31.01 -12.10 32.58
CA ALA C 328 30.28 -12.92 33.52
C ALA C 328 28.87 -12.38 33.74
N THR C 329 28.76 -11.08 33.99
CA THR C 329 27.47 -10.44 34.20
C THR C 329 26.64 -10.47 32.92
N ILE C 330 27.29 -10.21 31.80
CA ILE C 330 26.64 -10.23 30.50
C ILE C 330 25.97 -11.57 30.28
N ALA C 331 26.69 -12.64 30.64
CA ALA C 331 26.19 -14.00 30.47
C ALA C 331 25.00 -14.35 31.36
N LYS C 332 24.95 -13.77 32.56
CA LYS C 332 23.86 -14.06 33.48
C LYS C 332 22.78 -12.98 33.47
N PHE C 333 23.01 -11.90 32.74
CA PHE C 333 22.07 -10.78 32.68
C PHE C 333 20.58 -11.14 32.62
N GLN C 334 20.15 -11.83 31.56
CA GLN C 334 18.75 -12.19 31.43
C GLN C 334 18.24 -13.13 32.53
N LYS C 335 19.04 -14.13 32.86
CA LYS C 335 18.64 -15.08 33.90
C LYS C 335 18.38 -14.35 35.21
N GLU C 336 19.20 -13.33 35.48
CA GLU C 336 19.06 -12.52 36.69
C GLU C 336 17.76 -11.71 36.64
N LEU C 337 17.55 -11.01 35.53
CA LEU C 337 16.35 -10.22 35.35
C LEU C 337 15.11 -11.08 35.56
N ALA C 338 15.14 -12.29 35.05
CA ALA C 338 14.02 -13.20 35.19
C ALA C 338 13.74 -13.46 36.67
N ALA C 339 14.79 -13.72 37.43
CA ALA C 339 14.66 -13.99 38.86
C ALA C 339 14.02 -12.81 39.56
N MET C 340 14.06 -11.64 38.92
CA MET C 340 13.48 -10.46 39.53
C MET C 340 12.12 -10.02 38.98
N GLY C 341 11.45 -10.91 38.27
CA GLY C 341 10.14 -10.58 37.75
C GLY C 341 10.07 -10.09 36.31
N PHE C 342 11.22 -9.95 35.65
CA PHE C 342 11.24 -9.51 34.26
C PHE C 342 11.05 -10.74 33.38
N LYS C 343 9.79 -11.03 33.08
CA LYS C 343 9.42 -12.21 32.29
C LYS C 343 9.41 -12.07 30.77
N PHE C 344 9.61 -10.86 30.25
CA PHE C 344 9.67 -10.67 28.80
C PHE C 344 10.86 -9.78 28.50
N GLN C 345 11.87 -10.35 27.87
CA GLN C 345 13.09 -9.62 27.56
C GLN C 345 13.35 -9.67 26.06
N PHE C 346 13.85 -8.57 25.54
CA PHE C 346 14.07 -8.49 24.10
C PHE C 346 15.18 -7.53 23.69
N ILE C 347 15.84 -7.85 22.59
CA ILE C 347 16.88 -7.00 22.06
C ILE C 347 16.20 -6.29 20.89
N THR C 348 15.75 -5.08 21.14
CA THR C 348 15.04 -4.26 20.16
C THR C 348 15.60 -4.21 18.76
N LEU C 349 16.86 -3.80 18.64
CA LEU C 349 17.48 -3.63 17.33
C LEU C 349 18.34 -4.79 16.83
N ALA C 350 17.99 -6.01 17.20
CA ALA C 350 18.75 -7.18 16.75
C ALA C 350 18.70 -7.32 15.22
N GLY C 351 17.51 -7.14 14.65
CA GLY C 351 17.37 -7.27 13.22
C GLY C 351 18.16 -6.22 12.46
N PHE C 352 18.03 -4.96 12.86
CA PHE C 352 18.76 -3.88 12.20
C PHE C 352 20.26 -4.18 12.16
N HIS C 353 20.82 -4.60 13.29
CA HIS C 353 22.24 -4.87 13.35
C HIS C 353 22.66 -6.13 12.60
N ALA C 354 21.95 -7.24 12.78
CA ALA C 354 22.31 -8.45 12.06
C ALA C 354 22.30 -8.18 10.55
N LEU C 355 21.26 -7.49 10.08
CA LEU C 355 21.11 -7.19 8.65
C LEU C 355 22.16 -6.24 8.12
N ASN C 356 22.36 -5.12 8.80
CA ASN C 356 23.33 -4.13 8.35
C ASN C 356 24.76 -4.66 8.44
N TYR C 357 25.08 -5.40 9.50
CA TYR C 357 26.43 -5.92 9.61
C TYR C 357 26.72 -7.05 8.62
N SER C 358 25.82 -8.02 8.55
CA SER C 358 26.00 -9.14 7.65
C SER C 358 26.17 -8.69 6.19
N MET C 359 25.46 -7.64 5.79
CA MET C 359 25.57 -7.17 4.41
C MET C 359 26.83 -6.35 4.18
N PHE C 360 27.20 -5.54 5.17
CA PHE C 360 28.41 -4.76 5.02
C PHE C 360 29.58 -5.73 4.87
N ASP C 361 29.63 -6.71 5.76
CA ASP C 361 30.69 -7.70 5.76
C ASP C 361 30.81 -8.43 4.42
N LEU C 362 29.68 -8.89 3.89
CA LEU C 362 29.68 -9.60 2.62
C LEU C 362 30.07 -8.64 1.49
N ALA C 363 29.44 -7.48 1.46
CA ALA C 363 29.71 -6.49 0.43
C ALA C 363 31.18 -6.10 0.43
N TYR C 364 31.72 -5.82 1.62
CA TYR C 364 33.11 -5.42 1.73
C TYR C 364 33.99 -6.50 1.13
N GLY C 365 33.80 -7.74 1.59
CA GLY C 365 34.59 -8.84 1.10
C GLY C 365 34.40 -9.09 -0.39
N TYR C 366 33.17 -8.88 -0.85
CA TYR C 366 32.82 -9.08 -2.26
C TYR C 366 33.54 -8.07 -3.14
N ALA C 367 33.65 -6.85 -2.64
CA ALA C 367 34.31 -5.78 -3.37
C ALA C 367 35.83 -6.01 -3.49
N GLN C 368 36.35 -6.90 -2.65
CA GLN C 368 37.79 -7.20 -2.66
C GLN C 368 38.09 -8.51 -3.36
N ASN C 369 37.34 -9.56 -3.00
CA ASN C 369 37.56 -10.89 -3.55
C ASN C 369 36.39 -11.50 -4.31
N GLN C 370 35.47 -10.66 -4.76
CA GLN C 370 34.29 -11.12 -5.50
C GLN C 370 33.70 -12.45 -5.00
N MET C 371 33.66 -13.45 -5.87
CA MET C 371 33.06 -14.74 -5.49
C MET C 371 33.58 -15.44 -4.24
N SER C 372 34.88 -15.30 -3.96
CA SER C 372 35.47 -15.93 -2.78
C SER C 372 34.69 -15.50 -1.53
N ALA C 373 34.42 -14.21 -1.42
CA ALA C 373 33.68 -13.66 -0.28
C ALA C 373 32.33 -14.34 -0.10
N TYR C 374 31.60 -14.53 -1.19
CA TYR C 374 30.28 -15.15 -1.10
C TYR C 374 30.36 -16.63 -0.75
N VAL C 375 31.35 -17.32 -1.32
CA VAL C 375 31.53 -18.75 -1.06
C VAL C 375 31.71 -18.99 0.43
N GLU C 376 32.38 -18.08 1.11
CA GLU C 376 32.58 -18.20 2.55
C GLU C 376 31.24 -18.24 3.26
N LEU C 377 30.33 -17.37 2.85
CA LEU C 377 29.00 -17.32 3.47
C LEU C 377 28.26 -18.64 3.24
N GLN C 378 28.20 -19.07 1.98
CA GLN C 378 27.51 -20.31 1.65
C GLN C 378 28.02 -21.48 2.48
N GLU C 379 29.34 -21.59 2.61
CA GLU C 379 29.92 -22.67 3.39
C GLU C 379 29.46 -22.59 4.84
N ARG C 380 29.43 -21.38 5.39
CA ARG C 380 28.96 -21.20 6.77
C ARG C 380 27.52 -21.67 6.85
N GLU C 381 26.75 -21.44 5.79
CA GLU C 381 25.35 -21.86 5.76
C GLU C 381 25.22 -23.38 5.78
N PHE C 382 26.00 -24.05 4.93
CA PHE C 382 25.98 -25.51 4.87
C PHE C 382 26.34 -26.03 6.23
N ALA C 383 27.37 -25.44 6.83
CA ALA C 383 27.80 -25.86 8.15
C ALA C 383 26.65 -25.72 9.14
N ALA C 384 25.99 -24.57 9.11
CA ALA C 384 24.88 -24.31 10.03
C ALA C 384 23.74 -25.32 9.93
N GLU C 385 23.74 -26.14 8.88
CA GLU C 385 22.67 -27.12 8.73
C GLU C 385 22.60 -28.14 9.86
N GLU C 386 23.74 -28.44 10.48
CA GLU C 386 23.74 -29.41 11.58
C GLU C 386 23.07 -28.80 12.81
N ARG C 387 23.05 -27.46 12.88
CA ARG C 387 22.42 -26.74 13.99
C ARG C 387 20.93 -26.57 13.73
N GLY C 388 20.47 -26.92 12.53
CA GLY C 388 19.06 -26.78 12.22
C GLY C 388 18.73 -25.83 11.08
N TYR C 389 19.73 -25.08 10.62
CA TYR C 389 19.54 -24.14 9.52
C TYR C 389 18.98 -24.86 8.30
N THR C 390 18.11 -24.19 7.56
CA THR C 390 17.51 -24.80 6.37
C THR C 390 17.45 -23.88 5.16
N ALA C 391 17.72 -22.60 5.34
CA ALA C 391 17.65 -21.65 4.22
C ALA C 391 18.69 -21.85 3.12
N THR C 392 19.64 -22.76 3.34
CA THR C 392 20.67 -23.02 2.33
C THR C 392 19.96 -23.42 1.04
N LYS C 393 18.90 -24.21 1.19
CA LYS C 393 18.09 -24.63 0.04
C LYS C 393 16.94 -23.64 0.03
N HIS C 394 17.21 -22.47 -0.53
CA HIS C 394 16.26 -21.38 -0.58
C HIS C 394 14.92 -21.64 -1.30
N GLN C 395 14.93 -22.51 -2.30
CA GLN C 395 13.71 -22.78 -3.04
C GLN C 395 12.62 -23.34 -2.14
N ARG C 396 12.92 -24.44 -1.45
CA ARG C 396 11.94 -25.05 -0.57
C ARG C 396 11.67 -24.13 0.62
N GLU C 397 12.70 -23.41 1.05
CA GLU C 397 12.61 -22.49 2.18
C GLU C 397 11.54 -21.41 1.94
N VAL C 398 11.35 -21.05 0.68
CA VAL C 398 10.38 -20.01 0.36
C VAL C 398 9.04 -20.57 -0.13
N GLY C 399 8.89 -21.89 -0.05
CA GLY C 399 7.64 -22.51 -0.46
C GLY C 399 7.50 -23.17 -1.82
N ALA C 400 8.57 -23.26 -2.60
CA ALA C 400 8.51 -23.89 -3.91
C ALA C 400 7.86 -25.27 -3.80
N GLY C 401 8.27 -26.03 -2.79
CA GLY C 401 7.69 -27.36 -2.62
C GLY C 401 6.22 -27.27 -2.30
N TYR C 402 5.84 -26.25 -1.54
CA TYR C 402 4.45 -26.07 -1.15
C TYR C 402 3.56 -25.76 -2.34
N PHE C 403 3.99 -24.84 -3.21
CA PHE C 403 3.18 -24.50 -4.36
C PHE C 403 3.16 -25.62 -5.40
N ASP C 404 4.17 -26.49 -5.37
CA ASP C 404 4.18 -27.64 -6.29
C ASP C 404 3.05 -28.55 -5.85
N ARG C 405 2.88 -28.66 -4.53
CA ARG C 405 1.84 -29.49 -3.96
C ARG C 405 0.47 -28.95 -4.39
N ILE C 406 0.30 -27.63 -4.32
CA ILE C 406 -0.95 -27.00 -4.73
C ILE C 406 -1.16 -27.28 -6.21
N ALA C 407 -0.10 -27.10 -7.00
CA ALA C 407 -0.16 -27.33 -8.44
C ALA C 407 -0.57 -28.76 -8.79
N THR C 408 -0.01 -29.74 -8.09
CA THR C 408 -0.35 -31.13 -8.39
C THR C 408 -1.72 -31.51 -7.83
N THR C 409 -2.21 -30.75 -6.87
CA THR C 409 -3.54 -31.02 -6.31
C THR C 409 -4.57 -30.55 -7.36
N VAL C 410 -4.29 -29.42 -8.01
CA VAL C 410 -5.17 -28.88 -9.03
C VAL C 410 -5.09 -29.73 -10.30
N ASP C 411 -3.88 -30.17 -10.66
CA ASP C 411 -3.66 -31.00 -11.84
C ASP C 411 -2.44 -31.91 -11.65
N PRO C 412 -2.68 -33.18 -11.32
CA PRO C 412 -1.62 -34.18 -11.10
C PRO C 412 -0.66 -34.35 -12.27
N ASN C 413 -1.17 -34.16 -13.48
CA ASN C 413 -0.38 -34.31 -14.70
C ASN C 413 0.29 -33.02 -15.17
N SER C 414 0.33 -32.01 -14.29
CA SER C 414 0.97 -30.74 -14.64
C SER C 414 2.42 -30.95 -15.04
N SER C 415 2.80 -30.41 -16.19
CA SER C 415 4.17 -30.55 -16.67
C SER C 415 5.00 -29.30 -16.35
N THR C 416 4.53 -28.49 -15.41
CA THR C 416 5.23 -27.27 -15.05
C THR C 416 5.54 -27.08 -13.57
N THR C 417 5.86 -28.17 -12.88
CA THR C 417 6.20 -28.09 -11.47
C THR C 417 7.58 -27.45 -11.34
N ALA C 418 7.93 -26.94 -10.17
CA ALA C 418 9.21 -26.24 -9.95
C ALA C 418 10.43 -27.02 -9.43
N LEU C 419 10.28 -27.76 -8.34
CA LEU C 419 11.42 -28.49 -7.79
C LEU C 419 12.03 -29.57 -8.69
N THR C 420 11.20 -30.34 -9.39
CA THR C 420 11.70 -31.38 -10.28
C THR C 420 12.54 -30.78 -11.40
N GLY C 421 13.82 -31.12 -11.43
CA GLY C 421 14.71 -30.61 -12.45
C GLY C 421 15.39 -29.30 -12.06
N SER C 422 15.28 -28.95 -10.78
CA SER C 422 15.88 -27.73 -10.26
C SER C 422 17.31 -28.00 -9.81
N THR C 423 18.16 -26.97 -9.84
CA THR C 423 19.55 -27.12 -9.42
C THR C 423 19.66 -27.42 -7.92
N GLU C 424 18.64 -27.02 -7.16
CA GLU C 424 18.62 -27.28 -5.72
C GLU C 424 18.46 -28.78 -5.50
N GLU C 425 17.61 -29.39 -6.32
CA GLU C 425 17.35 -30.83 -6.26
C GLU C 425 18.58 -31.65 -6.66
N GLY C 426 19.38 -31.11 -7.58
CA GLY C 426 20.56 -31.83 -8.04
C GLY C 426 21.92 -31.29 -7.63
N GLN C 427 21.96 -30.34 -6.70
CA GLN C 427 23.22 -29.77 -6.25
C GLN C 427 23.26 -29.53 -4.75
N PHE C 428 22.17 -29.86 -4.06
CA PHE C 428 22.09 -29.67 -2.62
C PHE C 428 21.58 -30.94 -1.92
N ALA D 2 -1.51 26.57 -18.16
CA ALA D 2 -0.61 27.49 -18.94
C ALA D 2 0.76 27.59 -18.29
N SER D 3 1.66 26.68 -18.67
CA SER D 3 3.02 26.65 -18.14
C SER D 3 3.89 25.83 -19.09
N VAL D 4 5.17 26.16 -19.16
CA VAL D 4 6.10 25.44 -20.03
C VAL D 4 6.84 24.33 -19.32
N VAL D 5 6.64 24.24 -18.01
CA VAL D 5 7.29 23.20 -17.22
C VAL D 5 6.87 21.84 -17.72
N GLY D 6 7.86 20.99 -18.00
CA GLY D 6 7.58 19.65 -18.48
C GLY D 6 7.10 19.55 -19.91
N THR D 7 7.30 20.59 -20.71
CA THR D 7 6.88 20.57 -22.10
C THR D 7 7.63 19.45 -22.83
N PRO D 8 6.91 18.61 -23.57
CA PRO D 8 7.55 17.50 -24.31
C PRO D 8 8.50 17.98 -25.39
N LYS D 9 9.52 17.17 -25.67
CA LYS D 9 10.47 17.47 -26.72
C LYS D 9 9.77 17.21 -28.04
N SER D 10 10.25 17.84 -29.11
CA SER D 10 9.67 17.64 -30.44
C SER D 10 10.22 16.33 -30.98
N ALA D 11 9.56 15.78 -31.98
CA ALA D 11 10.01 14.52 -32.59
C ALA D 11 11.40 14.73 -33.20
N GLU D 12 11.61 15.89 -33.78
CA GLU D 12 12.90 16.23 -34.39
C GLU D 12 14.03 16.15 -33.37
N GLN D 13 13.82 16.74 -32.20
CA GLN D 13 14.82 16.72 -31.14
C GLN D 13 15.12 15.27 -30.75
N ILE D 14 14.06 14.48 -30.61
CA ILE D 14 14.20 13.08 -30.24
C ILE D 14 15.01 12.34 -31.30
N GLN D 15 14.61 12.51 -32.55
CA GLN D 15 15.28 11.86 -33.67
C GLN D 15 16.77 12.20 -33.71
N GLN D 16 17.09 13.47 -33.49
CA GLN D 16 18.49 13.88 -33.50
C GLN D 16 19.26 13.07 -32.47
N GLU D 17 18.76 13.05 -31.23
CA GLU D 17 19.42 12.30 -30.17
C GLU D 17 19.68 10.86 -30.61
N TRP D 18 18.66 10.20 -31.14
CA TRP D 18 18.81 8.83 -31.59
C TRP D 18 19.91 8.71 -32.66
N ASP D 19 20.02 9.72 -33.53
CA ASP D 19 21.01 9.69 -34.59
C ASP D 19 22.42 10.09 -34.17
N THR D 20 22.53 11.00 -33.20
CA THR D 20 23.85 11.47 -32.78
C THR D 20 24.42 10.91 -31.49
N ASN D 21 23.60 10.70 -30.47
CA ASN D 21 24.09 10.18 -29.21
C ASN D 21 24.58 8.74 -29.35
N PRO D 22 25.84 8.49 -28.94
CA PRO D 22 26.47 7.16 -29.00
C PRO D 22 25.72 6.11 -28.17
N ARG D 23 24.90 6.58 -27.25
CA ARG D 23 24.12 5.68 -26.39
C ARG D 23 23.21 4.81 -27.24
N TRP D 24 22.73 5.36 -28.36
CA TRP D 24 21.82 4.66 -29.24
C TRP D 24 22.51 4.03 -30.46
N LYS D 25 23.84 4.05 -30.43
CA LYS D 25 24.65 3.52 -31.51
C LYS D 25 24.14 2.21 -32.09
N ASP D 26 23.97 1.20 -31.24
CA ASP D 26 23.52 -0.11 -31.67
C ASP D 26 22.06 -0.42 -31.30
N VAL D 27 21.27 0.61 -31.02
CA VAL D 27 19.89 0.40 -30.63
C VAL D 27 18.88 0.49 -31.78
N THR D 28 18.18 -0.61 -32.03
CA THR D 28 17.17 -0.65 -33.07
C THR D 28 15.78 -0.38 -32.47
N ARG D 29 15.08 0.60 -33.05
CA ARG D 29 13.73 0.95 -32.61
C ARG D 29 12.80 0.74 -33.80
N THR D 30 11.85 -0.18 -33.66
CA THR D 30 10.92 -0.45 -34.76
C THR D 30 9.74 0.53 -34.84
N TYR D 31 9.77 1.57 -34.01
CA TYR D 31 8.73 2.60 -34.03
C TYR D 31 9.42 3.94 -34.26
N SER D 32 8.67 4.99 -34.55
CA SER D 32 9.27 6.29 -34.82
C SER D 32 9.25 7.28 -33.65
N ALA D 33 10.00 8.37 -33.80
CA ALA D 33 10.08 9.40 -32.78
C ALA D 33 8.69 10.05 -32.65
N GLU D 34 7.97 10.14 -33.77
CA GLU D 34 6.64 10.72 -33.76
C GLU D 34 5.73 9.84 -32.90
N ASP D 35 5.93 8.52 -32.98
CA ASP D 35 5.11 7.59 -32.19
C ASP D 35 5.27 7.86 -30.70
N VAL D 36 6.49 8.16 -30.29
CA VAL D 36 6.80 8.44 -28.89
C VAL D 36 6.11 9.72 -28.46
N VAL D 37 6.27 10.76 -29.26
CA VAL D 37 5.65 12.04 -28.96
C VAL D 37 4.13 11.93 -28.85
N ALA D 38 3.51 11.15 -29.74
CA ALA D 38 2.06 10.98 -29.73
C ALA D 38 1.56 10.39 -28.40
N LEU D 39 2.43 9.70 -27.66
CA LEU D 39 2.05 9.08 -26.40
C LEU D 39 2.40 9.87 -25.13
N GLN D 40 3.10 10.99 -25.28
CA GLN D 40 3.51 11.77 -24.10
C GLN D 40 2.53 12.83 -23.60
N GLY D 41 1.37 12.94 -24.23
CA GLY D 41 0.43 13.96 -23.79
C GLY D 41 1.08 15.32 -23.95
N SER D 42 0.73 16.28 -23.10
CA SER D 42 1.32 17.61 -23.20
C SER D 42 2.31 17.92 -22.09
N VAL D 43 2.48 16.97 -21.16
CA VAL D 43 3.41 17.15 -20.07
C VAL D 43 4.22 15.88 -19.85
N VAL D 44 5.53 16.05 -19.72
CA VAL D 44 6.40 14.92 -19.48
C VAL D 44 7.05 15.13 -18.13
N GLU D 45 6.84 14.19 -17.21
CA GLU D 45 7.45 14.28 -15.89
C GLU D 45 8.92 13.93 -15.96
N GLU D 46 9.73 14.69 -15.25
CA GLU D 46 11.16 14.46 -15.19
C GLU D 46 11.38 13.34 -14.15
N HIS D 47 12.21 12.36 -14.51
CA HIS D 47 12.53 11.25 -13.61
C HIS D 47 14.03 11.33 -13.32
N THR D 48 14.39 12.25 -12.44
CA THR D 48 15.76 12.50 -12.06
C THR D 48 16.60 11.27 -11.74
N LEU D 49 16.16 10.47 -10.78
CA LEU D 49 16.92 9.30 -10.40
C LEU D 49 17.05 8.25 -11.51
N ALA D 50 16.02 8.11 -12.33
CA ALA D 50 16.06 7.14 -13.42
C ALA D 50 17.06 7.59 -14.48
N ARG D 51 17.06 8.88 -14.77
CA ARG D 51 17.97 9.42 -15.78
C ARG D 51 19.41 9.36 -15.30
N ARG D 52 19.67 9.93 -14.12
CA ARG D 52 21.02 9.94 -13.56
C ARG D 52 21.54 8.51 -13.42
N GLY D 53 20.74 7.65 -12.81
CA GLY D 53 21.13 6.27 -12.63
C GLY D 53 21.49 5.56 -13.93
N ALA D 54 20.65 5.73 -14.96
CA ALA D 54 20.89 5.09 -16.25
C ALA D 54 22.19 5.64 -16.85
N GLU D 55 22.36 6.95 -16.80
CA GLU D 55 23.56 7.56 -17.33
C GLU D 55 24.80 7.02 -16.62
N VAL D 56 24.79 7.03 -15.28
CA VAL D 56 25.92 6.53 -14.51
C VAL D 56 26.21 5.07 -14.85
N LEU D 57 25.18 4.25 -14.83
CA LEU D 57 25.32 2.83 -15.12
C LEU D 57 25.99 2.61 -16.48
N TRP D 58 25.50 3.30 -17.49
CA TRP D 58 26.04 3.18 -18.84
C TRP D 58 27.52 3.54 -18.84
N GLU D 59 27.85 4.66 -18.18
CA GLU D 59 29.24 5.11 -18.10
C GLU D 59 30.14 4.10 -17.41
N GLN D 60 29.69 3.60 -16.27
CA GLN D 60 30.49 2.63 -15.53
C GLN D 60 30.66 1.35 -16.33
N LEU D 61 29.65 0.96 -17.11
CA LEU D 61 29.76 -0.25 -17.91
C LEU D 61 30.87 -0.15 -18.94
N HIS D 62 31.29 1.08 -19.26
CA HIS D 62 32.35 1.29 -20.22
C HIS D 62 33.70 1.59 -19.56
N ASP D 63 33.68 2.41 -18.52
CA ASP D 63 34.92 2.79 -17.83
C ASP D 63 35.49 1.78 -16.84
N LEU D 64 34.68 0.85 -16.36
CA LEU D 64 35.18 -0.13 -15.40
C LEU D 64 35.47 -1.47 -16.06
N GLU D 65 36.37 -2.24 -15.46
CA GLU D 65 36.73 -3.55 -15.98
C GLU D 65 35.45 -4.37 -16.03
N TRP D 66 34.54 -4.04 -15.11
CA TRP D 66 33.23 -4.68 -15.03
C TRP D 66 32.47 -4.15 -13.81
N VAL D 67 31.15 -4.28 -13.85
CA VAL D 67 30.29 -3.80 -12.78
C VAL D 67 29.63 -4.98 -12.07
N ASN D 68 29.89 -5.11 -10.77
CA ASN D 68 29.30 -6.20 -10.00
C ASN D 68 28.35 -5.67 -8.92
N ALA D 69 27.44 -6.53 -8.46
CA ALA D 69 26.49 -6.15 -7.45
C ALA D 69 25.97 -7.37 -6.72
N LEU D 70 25.25 -7.12 -5.63
CA LEU D 70 24.65 -8.17 -4.82
C LEU D 70 23.16 -7.83 -4.71
N GLY D 71 22.31 -8.85 -4.59
CA GLY D 71 20.89 -8.60 -4.47
C GLY D 71 20.55 -7.87 -3.19
N ALA D 72 19.70 -6.85 -3.28
CA ALA D 72 19.28 -6.07 -2.12
C ALA D 72 17.76 -6.09 -2.00
N LEU D 73 17.24 -6.39 -0.81
CA LEU D 73 15.80 -6.44 -0.63
C LEU D 73 15.26 -5.40 0.37
N THR D 74 16.16 -4.66 1.02
CA THR D 74 15.76 -3.60 1.95
C THR D 74 16.66 -2.40 1.71
N GLY D 75 16.20 -1.22 2.11
CA GLY D 75 17.00 -0.01 1.91
C GLY D 75 18.37 -0.08 2.57
N ASN D 76 18.40 -0.45 3.85
CA ASN D 76 19.64 -0.56 4.59
C ASN D 76 20.62 -1.51 3.88
N MET D 77 20.08 -2.56 3.27
CA MET D 77 20.94 -3.51 2.56
C MET D 77 21.72 -2.79 1.46
N ALA D 78 21.01 -1.99 0.68
CA ALA D 78 21.63 -1.24 -0.41
C ALA D 78 22.63 -0.24 0.16
N VAL D 79 22.28 0.41 1.27
CA VAL D 79 23.18 1.38 1.86
C VAL D 79 24.52 0.76 2.24
N GLN D 80 24.49 -0.39 2.91
CA GLN D 80 25.73 -1.06 3.30
C GLN D 80 26.52 -1.51 2.07
N GLN D 81 25.81 -1.86 1.00
CA GLN D 81 26.48 -2.30 -0.21
C GLN D 81 27.29 -1.16 -0.81
N VAL D 82 26.72 0.04 -0.79
CA VAL D 82 27.40 1.21 -1.32
C VAL D 82 28.50 1.67 -0.37
N ARG D 83 28.22 1.60 0.93
CA ARG D 83 29.21 1.99 1.94
C ARG D 83 30.45 1.11 1.78
N ALA D 84 30.22 -0.17 1.49
CA ALA D 84 31.30 -1.15 1.32
C ALA D 84 32.10 -0.95 0.04
N GLY D 85 31.61 -0.10 -0.86
CA GLY D 85 32.33 0.16 -2.09
C GLY D 85 31.70 -0.26 -3.40
N LEU D 86 30.61 -1.03 -3.36
CA LEU D 86 29.97 -1.45 -4.60
C LEU D 86 29.42 -0.22 -5.32
N LYS D 87 29.35 -0.27 -6.65
CA LYS D 87 28.88 0.87 -7.42
C LYS D 87 27.58 0.65 -8.19
N ALA D 88 26.89 -0.43 -7.87
CA ALA D 88 25.62 -0.77 -8.50
C ALA D 88 24.81 -1.61 -7.51
N ILE D 89 23.49 -1.59 -7.65
CA ILE D 89 22.64 -2.38 -6.78
C ILE D 89 21.78 -3.31 -7.62
N TYR D 90 21.71 -4.57 -7.23
CA TYR D 90 20.88 -5.52 -7.97
C TYR D 90 19.59 -5.80 -7.18
N LEU D 91 18.45 -5.66 -7.83
CA LEU D 91 17.16 -5.89 -7.18
C LEU D 91 16.49 -7.17 -7.72
N SER D 92 16.70 -8.25 -7.00
CA SER D 92 16.17 -9.57 -7.32
C SER D 92 14.66 -9.73 -7.12
N GLY D 93 13.99 -10.29 -8.12
CA GLY D 93 12.56 -10.53 -8.02
C GLY D 93 12.35 -11.72 -7.11
N TRP D 94 13.34 -12.62 -7.11
CA TRP D 94 13.31 -13.82 -6.28
C TRP D 94 13.20 -13.40 -4.82
N GLN D 95 14.06 -12.47 -4.42
CA GLN D 95 14.07 -11.98 -3.04
C GLN D 95 12.79 -11.22 -2.69
N VAL D 96 12.26 -10.50 -3.66
CA VAL D 96 11.03 -9.73 -3.45
C VAL D 96 9.89 -10.73 -3.19
N ALA D 97 9.87 -11.81 -3.97
CA ALA D 97 8.84 -12.84 -3.80
C ALA D 97 9.01 -13.52 -2.45
N GLY D 98 10.25 -13.78 -2.08
CA GLY D 98 10.50 -14.45 -0.82
C GLY D 98 10.37 -13.67 0.46
N ASP D 99 10.70 -12.38 0.45
CA ASP D 99 10.63 -11.62 1.69
C ASP D 99 10.34 -10.12 1.56
N ALA D 100 9.88 -9.67 0.40
CA ALA D 100 9.62 -8.23 0.25
C ALA D 100 8.63 -7.82 -0.84
N ASN D 101 7.47 -8.47 -0.91
CA ASN D 101 6.50 -8.06 -1.93
C ASN D 101 5.21 -7.51 -1.29
N LEU D 102 4.44 -6.78 -2.10
CA LEU D 102 3.22 -6.15 -1.62
C LEU D 102 2.06 -7.03 -1.14
N SER D 103 2.13 -8.34 -1.38
CA SER D 103 1.05 -9.22 -0.91
C SER D 103 1.27 -9.53 0.56
N GLY D 104 2.50 -9.32 1.04
CA GLY D 104 2.83 -9.62 2.43
C GLY D 104 3.11 -11.10 2.66
N HIS D 105 3.05 -11.90 1.59
CA HIS D 105 3.29 -13.34 1.69
C HIS D 105 4.67 -13.76 1.20
N THR D 106 5.07 -14.96 1.59
CA THR D 106 6.34 -15.52 1.18
C THR D 106 6.04 -16.39 -0.02
N TYR D 107 6.69 -16.11 -1.15
CA TYR D 107 6.45 -16.88 -2.37
C TYR D 107 7.70 -17.44 -3.05
N PRO D 108 7.55 -18.57 -3.78
CA PRO D 108 8.71 -19.11 -4.48
C PRO D 108 8.83 -18.17 -5.69
N ASP D 109 9.86 -18.31 -6.50
CA ASP D 109 10.06 -17.42 -7.65
C ASP D 109 9.24 -17.76 -8.90
N GLN D 110 7.95 -17.44 -8.86
CA GLN D 110 7.08 -17.76 -9.99
C GLN D 110 6.10 -16.67 -10.43
N SER D 111 6.47 -15.41 -10.21
CA SER D 111 5.61 -14.28 -10.58
C SER D 111 4.27 -14.33 -9.88
N LEU D 112 4.29 -14.65 -8.58
CA LEU D 112 3.05 -14.75 -7.80
C LEU D 112 2.65 -13.44 -7.12
N TYR D 113 3.60 -12.55 -6.88
CA TYR D 113 3.36 -11.28 -6.20
C TYR D 113 2.82 -10.15 -7.08
N PRO D 114 2.26 -9.09 -6.46
CA PRO D 114 1.70 -7.96 -7.22
C PRO D 114 2.75 -7.26 -8.08
N ALA D 115 2.40 -7.03 -9.34
CA ALA D 115 3.26 -6.43 -10.35
C ALA D 115 4.01 -5.16 -10.00
N ASN D 116 3.50 -4.38 -9.04
CA ASN D 116 4.20 -3.14 -8.67
C ASN D 116 5.10 -3.32 -7.46
N SER D 117 5.40 -4.57 -7.11
CA SER D 117 6.26 -4.86 -5.96
C SER D 117 7.70 -4.39 -6.14
N VAL D 118 8.33 -4.77 -7.24
CA VAL D 118 9.71 -4.37 -7.47
C VAL D 118 9.83 -2.85 -7.55
N PRO D 119 8.91 -2.18 -8.27
CA PRO D 119 8.99 -0.72 -8.37
C PRO D 119 9.02 -0.07 -6.97
N GLN D 120 8.20 -0.59 -6.07
CA GLN D 120 8.16 -0.08 -4.70
C GLN D 120 9.51 -0.25 -4.02
N VAL D 121 10.16 -1.39 -4.25
CA VAL D 121 11.46 -1.64 -3.64
C VAL D 121 12.55 -0.76 -4.26
N VAL D 122 12.43 -0.46 -5.56
CA VAL D 122 13.39 0.42 -6.21
C VAL D 122 13.27 1.79 -5.52
N ARG D 123 12.03 2.25 -5.34
CA ARG D 123 11.77 3.53 -4.69
C ARG D 123 12.33 3.51 -3.27
N ARG D 124 12.12 2.41 -2.57
CA ARG D 124 12.61 2.27 -1.21
C ARG D 124 14.13 2.35 -1.17
N ILE D 125 14.78 1.58 -2.05
CA ILE D 125 16.22 1.59 -2.11
C ILE D 125 16.77 2.99 -2.41
N ASN D 126 16.16 3.72 -3.35
CA ASN D 126 16.63 5.07 -3.66
C ASN D 126 16.40 6.02 -2.49
N ASN D 127 15.31 5.82 -1.75
CA ASN D 127 15.07 6.67 -0.58
C ASN D 127 16.15 6.43 0.47
N ALA D 128 16.50 5.17 0.69
CA ALA D 128 17.51 4.82 1.69
C ALA D 128 18.87 5.43 1.32
N LEU D 129 19.22 5.33 0.04
CA LEU D 129 20.48 5.87 -0.46
C LEU D 129 20.48 7.40 -0.36
N GLN D 130 19.31 8.02 -0.59
CA GLN D 130 19.22 9.47 -0.51
C GLN D 130 19.42 9.94 0.92
N ARG D 131 18.96 9.14 1.88
CA ARG D 131 19.12 9.51 3.29
C ARG D 131 20.61 9.46 3.62
N ALA D 132 21.26 8.37 3.22
CA ALA D 132 22.69 8.20 3.48
C ALA D 132 23.47 9.35 2.86
N ASP D 133 23.01 9.81 1.71
CA ASP D 133 23.65 10.91 1.00
C ASP D 133 23.46 12.19 1.82
N GLN D 134 22.23 12.39 2.31
CA GLN D 134 21.92 13.56 3.12
C GLN D 134 22.76 13.58 4.39
N ILE D 135 22.78 12.44 5.09
CA ILE D 135 23.54 12.31 6.33
C ILE D 135 25.01 12.56 6.06
N ALA D 136 25.55 11.95 5.00
CA ALA D 136 26.95 12.11 4.66
C ALA D 136 27.31 13.58 4.46
N LYS D 137 26.41 14.32 3.81
CA LYS D 137 26.65 15.73 3.56
C LYS D 137 26.80 16.54 4.84
N ILE D 138 25.87 16.36 5.79
CA ILE D 138 25.93 17.13 7.03
C ILE D 138 27.06 16.64 7.94
N GLU D 139 27.54 15.42 7.72
CA GLU D 139 28.62 14.90 8.54
C GLU D 139 29.97 15.20 7.90
N GLY D 140 29.93 15.75 6.68
CA GLY D 140 31.16 16.06 5.98
C GLY D 140 31.89 14.78 5.63
N ASP D 141 31.12 13.72 5.41
CA ASP D 141 31.67 12.43 5.06
C ASP D 141 31.76 12.22 3.55
N THR D 142 32.99 12.28 3.03
CA THR D 142 33.24 12.10 1.61
C THR D 142 33.69 10.67 1.30
N SER D 143 33.47 9.78 2.26
CA SER D 143 33.83 8.37 2.12
C SER D 143 33.32 7.79 0.80
N VAL D 144 32.09 8.14 0.46
CA VAL D 144 31.46 7.65 -0.76
C VAL D 144 31.29 8.77 -1.78
N GLU D 145 31.80 8.55 -2.98
CA GLU D 145 31.71 9.53 -4.04
C GLU D 145 30.27 9.65 -4.54
N ASN D 146 29.65 8.50 -4.82
CA ASN D 146 28.28 8.48 -5.33
C ASN D 146 27.39 7.55 -4.53
N TRP D 147 26.56 8.11 -3.65
CA TRP D 147 25.65 7.30 -2.86
C TRP D 147 24.52 6.74 -3.71
N LEU D 148 24.15 7.47 -4.75
CA LEU D 148 23.09 7.06 -5.66
C LEU D 148 23.58 6.12 -6.75
N ALA D 149 23.95 4.90 -6.34
CA ALA D 149 24.42 3.88 -7.26
C ALA D 149 23.26 3.40 -8.11
N PRO D 150 23.50 3.19 -9.42
CA PRO D 150 22.44 2.72 -10.31
C PRO D 150 21.82 1.41 -9.84
N ILE D 151 20.52 1.26 -10.08
CA ILE D 151 19.81 0.05 -9.68
C ILE D 151 19.35 -0.75 -10.88
N VAL D 152 19.67 -2.04 -10.88
CA VAL D 152 19.23 -2.91 -11.96
C VAL D 152 18.14 -3.79 -11.38
N ALA D 153 16.92 -3.60 -11.87
CA ALA D 153 15.77 -4.36 -11.37
C ALA D 153 15.24 -5.45 -12.27
N ASP D 154 14.66 -6.45 -11.62
CA ASP D 154 14.08 -7.63 -12.24
C ASP D 154 12.67 -7.32 -12.75
N GLY D 155 12.48 -7.36 -14.07
CA GLY D 155 11.16 -7.11 -14.63
C GLY D 155 10.51 -8.43 -14.93
N GLU D 156 11.23 -9.50 -14.60
CA GLU D 156 10.77 -10.88 -14.81
C GLU D 156 10.23 -11.13 -16.22
N ALA D 157 9.03 -11.70 -16.29
CA ALA D 157 8.42 -12.00 -17.58
C ALA D 157 7.35 -10.98 -17.97
N GLY D 158 7.35 -9.83 -17.32
CA GLY D 158 6.38 -8.79 -17.65
C GLY D 158 5.03 -8.86 -16.95
N PHE D 159 4.71 -10.01 -16.36
CA PHE D 159 3.44 -10.19 -15.66
C PHE D 159 2.27 -10.08 -16.64
N GLY D 160 2.48 -10.59 -17.85
CA GLY D 160 1.42 -10.53 -18.85
C GLY D 160 1.92 -10.25 -20.24
N GLY D 161 1.18 -9.43 -20.98
CA GLY D 161 1.56 -9.08 -22.33
C GLY D 161 2.41 -7.83 -22.42
N ALA D 162 2.59 -7.34 -23.65
CA ALA D 162 3.40 -6.15 -23.89
C ALA D 162 2.96 -4.94 -23.07
N LEU D 163 1.65 -4.80 -22.87
CA LEU D 163 1.12 -3.67 -22.10
C LEU D 163 1.48 -3.78 -20.62
N ASN D 164 1.51 -5.01 -20.10
CA ASN D 164 1.88 -5.22 -18.70
C ASN D 164 3.37 -4.88 -18.58
N VAL D 165 4.14 -5.24 -19.61
CA VAL D 165 5.56 -4.97 -19.62
C VAL D 165 5.79 -3.47 -19.62
N TYR D 166 4.98 -2.77 -20.42
CA TYR D 166 5.08 -1.33 -20.53
C TYR D 166 4.85 -0.66 -19.18
N GLU D 167 3.78 -1.06 -18.50
CA GLU D 167 3.47 -0.47 -17.20
C GLU D 167 4.52 -0.74 -16.14
N LEU D 168 5.09 -1.93 -16.14
CA LEU D 168 6.12 -2.27 -15.16
C LEU D 168 7.36 -1.39 -15.38
N GLN D 169 7.81 -1.30 -16.63
CA GLN D 169 8.98 -0.50 -16.97
C GLN D 169 8.75 0.95 -16.54
N LYS D 170 7.58 1.48 -16.89
CA LYS D 170 7.23 2.85 -16.53
C LYS D 170 7.28 3.04 -15.01
N ALA D 171 6.69 2.10 -14.27
CA ALA D 171 6.69 2.17 -12.80
C ALA D 171 8.10 2.07 -12.25
N LEU D 172 8.93 1.22 -12.86
CA LEU D 172 10.32 1.07 -12.42
C LEU D 172 11.04 2.40 -12.59
N ILE D 173 10.80 3.03 -13.75
CA ILE D 173 11.41 4.31 -14.08
C ILE D 173 10.92 5.41 -13.13
N ALA D 174 9.65 5.38 -12.77
CA ALA D 174 9.09 6.37 -11.86
C ALA D 174 9.76 6.25 -10.50
N ALA D 175 10.08 5.02 -10.13
CA ALA D 175 10.72 4.70 -8.86
C ALA D 175 12.21 5.09 -8.85
N GLY D 176 12.78 5.26 -10.04
CA GLY D 176 14.18 5.64 -10.16
C GLY D 176 15.17 4.55 -10.52
N VAL D 177 14.73 3.57 -11.30
CA VAL D 177 15.59 2.46 -11.69
C VAL D 177 16.57 2.92 -12.77
N ALA D 178 17.71 2.25 -12.87
CA ALA D 178 18.72 2.60 -13.88
C ALA D 178 18.67 1.61 -15.05
N GLY D 179 18.35 0.35 -14.75
CA GLY D 179 18.27 -0.67 -15.76
C GLY D 179 17.29 -1.75 -15.35
N SER D 180 16.72 -2.46 -16.31
CA SER D 180 15.77 -3.52 -16.01
C SER D 180 15.94 -4.70 -16.96
N HIS D 181 15.75 -5.93 -16.47
CA HIS D 181 15.89 -7.10 -17.32
C HIS D 181 14.58 -7.85 -17.56
N TRP D 182 14.47 -8.44 -18.74
CA TRP D 182 13.27 -9.16 -19.15
C TRP D 182 13.61 -10.51 -19.77
N GLU D 183 12.91 -11.54 -19.31
CA GLU D 183 13.12 -12.92 -19.74
C GLU D 183 12.08 -13.45 -20.70
N ASP D 184 12.48 -14.43 -21.52
CA ASP D 184 11.61 -15.01 -22.51
C ASP D 184 10.84 -16.24 -22.03
N GLN D 185 10.21 -16.11 -20.86
CA GLN D 185 9.42 -17.18 -20.28
C GLN D 185 7.96 -16.79 -20.29
N LEU D 186 7.07 -17.77 -20.27
CA LEU D 186 5.64 -17.50 -20.24
C LEU D 186 5.38 -16.94 -18.84
N ALA D 187 4.85 -15.73 -18.76
CA ALA D 187 4.60 -15.09 -17.47
C ALA D 187 3.74 -15.92 -16.53
N SER D 188 2.66 -16.50 -17.04
CA SER D 188 1.75 -17.30 -16.22
C SER D 188 2.36 -18.60 -15.68
N GLU D 189 3.55 -18.95 -16.16
CA GLU D 189 4.22 -20.16 -15.69
C GLU D 189 5.66 -19.83 -15.34
N LYS D 190 5.96 -18.54 -15.23
CA LYS D 190 7.32 -18.09 -14.91
C LYS D 190 7.92 -18.91 -13.78
N LYS D 191 9.18 -19.31 -13.98
CA LYS D 191 9.90 -20.10 -12.99
C LYS D 191 11.23 -19.44 -12.74
N SER D 192 11.81 -19.70 -11.57
CA SER D 192 13.12 -19.15 -11.24
C SER D 192 14.05 -19.73 -12.30
N GLY D 193 15.08 -18.97 -12.66
CA GLY D 193 16.02 -19.44 -13.66
C GLY D 193 16.59 -20.83 -13.40
N HIS D 194 16.70 -21.19 -12.12
CA HIS D 194 17.25 -22.49 -11.77
C HIS D 194 16.25 -23.50 -11.22
N LEU D 195 14.98 -23.31 -11.58
CA LEU D 195 13.92 -24.23 -11.18
C LEU D 195 13.44 -24.89 -12.47
N GLY D 196 12.87 -26.09 -12.35
CA GLY D 196 12.40 -26.79 -13.53
C GLY D 196 11.02 -26.34 -13.95
N GLY D 197 10.49 -26.97 -15.00
CA GLY D 197 9.16 -26.64 -15.49
C GLY D 197 9.07 -25.27 -16.16
N LYS D 198 10.13 -24.87 -16.86
CA LYS D 198 10.14 -23.58 -17.53
C LYS D 198 9.58 -23.67 -18.95
N VAL D 199 8.77 -22.68 -19.31
CA VAL D 199 8.16 -22.61 -20.63
C VAL D 199 8.59 -21.31 -21.31
N LEU D 200 9.21 -21.44 -22.49
CA LEU D 200 9.65 -20.26 -23.23
C LEU D 200 8.51 -19.74 -24.09
N ILE D 201 8.63 -18.48 -24.50
CA ILE D 201 7.64 -17.88 -25.39
C ILE D 201 8.37 -17.71 -26.71
N PRO D 202 7.64 -17.50 -27.80
CA PRO D 202 8.33 -17.33 -29.08
C PRO D 202 9.37 -16.21 -29.10
N THR D 203 10.40 -16.38 -29.92
CA THR D 203 11.46 -15.39 -30.04
C THR D 203 10.89 -13.99 -30.30
N GLN D 204 10.00 -13.90 -31.28
CA GLN D 204 9.39 -12.62 -31.65
C GLN D 204 8.61 -12.00 -30.51
N GLN D 205 8.00 -12.84 -29.68
CA GLN D 205 7.21 -12.34 -28.57
C GLN D 205 8.13 -11.61 -27.60
N HIS D 206 9.27 -12.20 -27.28
CA HIS D 206 10.16 -11.52 -26.37
C HIS D 206 10.69 -10.24 -27.01
N ILE D 207 10.80 -10.23 -28.34
CA ILE D 207 11.28 -9.02 -29.00
C ILE D 207 10.24 -7.93 -28.80
N ARG D 208 8.97 -8.31 -28.78
CA ARG D 208 7.90 -7.33 -28.53
C ARG D 208 8.07 -6.82 -27.10
N THR D 209 8.43 -7.71 -26.20
CA THR D 209 8.64 -7.33 -24.80
C THR D 209 9.77 -6.31 -24.69
N LEU D 210 10.92 -6.64 -25.29
CA LEU D 210 12.06 -5.74 -25.26
C LEU D 210 11.70 -4.42 -25.91
N THR D 211 10.92 -4.48 -26.99
CA THR D 211 10.49 -3.27 -27.69
C THR D 211 9.59 -2.42 -26.80
N SER D 212 8.69 -3.08 -26.07
CA SER D 212 7.78 -2.35 -25.19
C SER D 212 8.56 -1.69 -24.05
N ALA D 213 9.57 -2.38 -23.54
CA ALA D 213 10.39 -1.87 -22.45
C ALA D 213 11.13 -0.60 -22.92
N ARG D 214 11.59 -0.62 -24.16
CA ARG D 214 12.30 0.53 -24.71
C ARG D 214 11.33 1.68 -24.93
N LEU D 215 10.17 1.35 -25.50
CA LEU D 215 9.14 2.36 -25.76
C LEU D 215 8.76 3.08 -24.47
N ALA D 216 8.57 2.33 -23.39
CA ALA D 216 8.20 2.94 -22.12
C ALA D 216 9.28 3.93 -21.66
N ALA D 217 10.55 3.55 -21.82
CA ALA D 217 11.65 4.42 -21.42
C ALA D 217 11.66 5.68 -22.29
N ASP D 218 11.48 5.50 -23.60
CA ASP D 218 11.46 6.63 -24.53
C ASP D 218 10.33 7.61 -24.19
N VAL D 219 9.16 7.08 -23.87
CA VAL D 219 8.02 7.93 -23.54
C VAL D 219 8.32 8.65 -22.22
N ALA D 220 9.05 7.99 -21.34
CA ALA D 220 9.42 8.56 -20.05
C ALA D 220 10.67 9.43 -20.22
N ASP D 221 11.17 9.50 -21.46
CA ASP D 221 12.34 10.30 -21.80
C ASP D 221 13.59 10.08 -20.92
N VAL D 222 13.94 8.81 -20.70
CA VAL D 222 15.14 8.45 -19.93
C VAL D 222 15.83 7.27 -20.66
N PRO D 223 17.17 7.28 -20.68
CA PRO D 223 17.98 6.24 -21.33
C PRO D 223 18.13 4.92 -20.56
N THR D 224 17.03 4.43 -20.00
CA THR D 224 17.03 3.19 -19.22
C THR D 224 17.79 2.06 -19.90
N VAL D 225 18.64 1.38 -19.14
CA VAL D 225 19.40 0.26 -19.67
C VAL D 225 18.46 -0.93 -19.74
N VAL D 226 18.31 -1.50 -20.93
CA VAL D 226 17.43 -2.64 -21.15
C VAL D 226 18.22 -3.93 -21.29
N ILE D 227 17.91 -4.90 -20.43
CA ILE D 227 18.61 -6.18 -20.45
C ILE D 227 17.72 -7.35 -20.90
N ALA D 228 18.19 -8.10 -21.91
CA ALA D 228 17.44 -9.25 -22.40
C ALA D 228 18.03 -10.51 -21.78
N ARG D 229 17.15 -11.37 -21.26
CA ARG D 229 17.57 -12.62 -20.63
C ARG D 229 16.86 -13.83 -21.26
N THR D 230 17.62 -14.87 -21.57
CA THR D 230 17.03 -16.05 -22.14
C THR D 230 17.12 -17.22 -21.17
N ASP D 231 16.05 -18.01 -21.10
CA ASP D 231 16.00 -19.18 -20.22
C ASP D 231 15.99 -20.46 -21.04
N ALA D 232 16.41 -20.36 -22.30
CA ALA D 232 16.44 -21.51 -23.22
C ALA D 232 17.48 -22.58 -22.89
N GLU D 233 18.43 -22.25 -22.03
CA GLU D 233 19.48 -23.21 -21.67
C GLU D 233 18.89 -24.46 -21.02
N ALA D 234 17.90 -24.29 -20.14
CA ALA D 234 17.29 -25.42 -19.47
C ALA D 234 15.84 -25.70 -19.84
N ALA D 235 15.14 -24.70 -20.36
CA ALA D 235 13.74 -24.86 -20.73
C ALA D 235 13.53 -25.90 -21.84
N THR D 236 12.70 -26.91 -21.55
CA THR D 236 12.40 -27.96 -22.51
C THR D 236 10.99 -27.79 -23.06
N LEU D 237 10.42 -26.60 -22.86
CA LEU D 237 9.08 -26.31 -23.33
C LEU D 237 8.94 -24.90 -23.89
N ILE D 238 8.05 -24.77 -24.88
CA ILE D 238 7.80 -23.48 -25.50
C ILE D 238 6.31 -23.45 -25.81
N THR D 239 5.72 -22.27 -25.67
CA THR D 239 4.28 -22.12 -25.90
C THR D 239 3.83 -22.33 -27.33
N SER D 240 4.67 -21.95 -28.29
CA SER D 240 4.29 -22.07 -29.69
C SER D 240 5.46 -22.29 -30.64
N ASP D 241 5.15 -22.85 -31.80
CA ASP D 241 6.16 -23.12 -32.82
C ASP D 241 5.94 -22.18 -34.00
N VAL D 242 5.24 -21.07 -33.74
CA VAL D 242 4.94 -20.08 -34.76
C VAL D 242 6.16 -19.32 -35.30
N ASP D 243 7.17 -19.13 -34.46
CA ASP D 243 8.37 -18.42 -34.91
C ASP D 243 9.34 -19.39 -35.58
N GLU D 244 9.71 -19.08 -36.82
CA GLU D 244 10.61 -19.93 -37.58
C GLU D 244 11.99 -20.07 -36.94
N ARG D 245 12.39 -19.08 -36.14
CA ARG D 245 13.69 -19.14 -35.51
C ARG D 245 13.73 -20.17 -34.36
N ASP D 246 12.56 -20.63 -33.94
CA ASP D 246 12.47 -21.60 -32.86
C ASP D 246 12.18 -23.02 -33.34
N GLN D 247 11.60 -23.14 -34.53
CA GLN D 247 11.26 -24.46 -35.06
C GLN D 247 12.43 -25.46 -35.15
N PRO D 248 13.66 -24.96 -35.41
CA PRO D 248 14.77 -25.93 -35.48
C PRO D 248 14.93 -26.73 -34.19
N PHE D 249 14.43 -26.17 -33.09
CA PHE D 249 14.55 -26.82 -31.80
C PHE D 249 13.31 -27.56 -31.35
N ILE D 250 12.19 -27.38 -32.07
CA ILE D 250 10.95 -28.03 -31.71
C ILE D 250 10.97 -29.52 -32.04
N THR D 251 10.62 -30.37 -31.07
CA THR D 251 10.62 -31.82 -31.27
C THR D 251 9.35 -32.40 -31.90
N GLY D 252 8.24 -31.67 -31.83
CA GLY D 252 7.00 -32.16 -32.42
C GLY D 252 6.03 -32.70 -31.38
N GLU D 253 6.57 -33.09 -30.22
CA GLU D 253 5.75 -33.60 -29.14
C GLU D 253 5.01 -32.45 -28.46
N ARG D 254 3.87 -32.77 -27.86
CA ARG D 254 3.05 -31.77 -27.17
C ARG D 254 2.56 -32.29 -25.82
N THR D 255 2.50 -31.42 -24.82
CA THR D 255 2.04 -31.82 -23.50
C THR D 255 0.52 -31.68 -23.46
N ARG D 256 -0.10 -32.18 -22.40
CA ARG D 256 -1.55 -32.11 -22.26
C ARG D 256 -2.04 -30.65 -22.26
N GLU D 257 -1.17 -29.73 -21.82
CA GLU D 257 -1.55 -28.32 -21.77
C GLU D 257 -1.44 -27.65 -23.14
N GLY D 258 -0.82 -28.36 -24.09
CA GLY D 258 -0.66 -27.82 -25.42
C GLY D 258 0.71 -27.22 -25.68
N PHE D 259 1.62 -27.35 -24.72
CA PHE D 259 2.98 -26.80 -24.91
C PHE D 259 3.75 -27.69 -25.88
N TYR D 260 4.76 -27.11 -26.53
CA TYR D 260 5.59 -27.86 -27.47
C TYR D 260 6.93 -28.19 -26.81
N ARG D 261 7.36 -29.44 -26.93
CA ARG D 261 8.66 -29.84 -26.38
C ARG D 261 9.70 -29.19 -27.28
N THR D 262 10.75 -28.64 -26.67
CA THR D 262 11.82 -28.01 -27.45
C THR D 262 13.18 -28.43 -26.91
N LYS D 263 14.18 -28.47 -27.79
CA LYS D 263 15.53 -28.88 -27.41
C LYS D 263 16.32 -27.75 -26.75
N ASN D 264 16.59 -27.91 -25.45
CA ASN D 264 17.33 -26.92 -24.68
C ASN D 264 18.84 -27.04 -24.87
N GLY D 265 19.58 -26.02 -24.43
CA GLY D 265 21.01 -26.06 -24.56
C GLY D 265 21.55 -24.67 -24.86
N ILE D 266 22.84 -24.57 -25.11
CA ILE D 266 23.45 -23.29 -25.41
C ILE D 266 23.11 -22.82 -26.83
N GLU D 267 22.86 -23.78 -27.70
CA GLU D 267 22.53 -23.47 -29.09
C GLU D 267 21.29 -22.56 -29.19
N PRO D 268 20.20 -22.92 -28.50
CA PRO D 268 19.01 -22.06 -28.58
C PRO D 268 19.31 -20.69 -27.95
N CYS D 269 20.14 -20.68 -26.91
CA CYS D 269 20.51 -19.45 -26.23
C CYS D 269 21.26 -18.51 -27.15
N ILE D 270 22.20 -19.05 -27.91
CA ILE D 270 22.97 -18.24 -28.85
C ILE D 270 22.09 -17.66 -29.93
N ALA D 271 21.18 -18.46 -30.47
CA ALA D 271 20.28 -18.00 -31.52
C ALA D 271 19.38 -16.90 -31.00
N ARG D 272 18.81 -17.10 -29.82
CA ARG D 272 17.92 -16.10 -29.25
C ARG D 272 18.66 -14.83 -28.90
N ALA D 273 19.90 -14.97 -28.43
CA ALA D 273 20.72 -13.84 -28.06
C ALA D 273 20.98 -12.96 -29.28
N LYS D 274 21.30 -13.59 -30.41
CA LYS D 274 21.56 -12.85 -31.63
C LYS D 274 20.30 -12.14 -32.09
N ALA D 275 19.15 -12.75 -31.85
CA ALA D 275 17.88 -12.16 -32.25
C ALA D 275 17.52 -10.98 -31.34
N TYR D 276 17.91 -11.07 -30.07
CA TYR D 276 17.60 -10.00 -29.12
C TYR D 276 18.60 -8.86 -29.19
N ALA D 277 19.81 -9.17 -29.63
CA ALA D 277 20.89 -8.19 -29.71
C ALA D 277 20.52 -6.76 -30.07
N PRO D 278 19.83 -6.56 -31.20
CA PRO D 278 19.44 -5.21 -31.64
C PRO D 278 18.50 -4.49 -30.67
N PHE D 279 17.87 -5.26 -29.78
CA PHE D 279 16.93 -4.70 -28.82
C PHE D 279 17.40 -4.77 -27.38
N ALA D 280 18.67 -5.09 -27.16
CA ALA D 280 19.17 -5.21 -25.80
C ALA D 280 20.54 -4.57 -25.56
N ASP D 281 20.62 -3.77 -24.49
CA ASP D 281 21.87 -3.11 -24.13
C ASP D 281 22.82 -4.13 -23.51
N LEU D 282 22.24 -5.21 -22.98
CA LEU D 282 23.00 -6.30 -22.37
C LEU D 282 22.22 -7.58 -22.55
N ILE D 283 22.94 -8.68 -22.76
CA ILE D 283 22.30 -9.97 -22.93
C ILE D 283 22.78 -10.92 -21.85
N TRP D 284 21.86 -11.70 -21.33
CA TRP D 284 22.16 -12.62 -20.26
C TRP D 284 21.50 -13.97 -20.50
N MET D 285 22.28 -15.04 -20.37
CA MET D 285 21.75 -16.39 -20.54
C MET D 285 21.91 -17.08 -19.20
N GLU D 286 20.86 -17.73 -18.73
CA GLU D 286 20.91 -18.45 -17.47
C GLU D 286 21.64 -19.75 -17.71
N THR D 287 22.42 -20.20 -16.73
CA THR D 287 23.16 -21.45 -16.85
C THR D 287 22.88 -22.35 -15.64
N GLY D 288 23.04 -23.65 -15.83
CA GLY D 288 22.81 -24.60 -14.75
C GLY D 288 23.97 -24.76 -13.79
N THR D 289 25.14 -24.26 -14.18
CA THR D 289 26.34 -24.34 -13.34
C THR D 289 27.29 -23.18 -13.67
N PRO D 290 28.17 -22.82 -12.73
CA PRO D 290 29.12 -21.72 -12.96
C PRO D 290 30.28 -22.30 -13.79
N ASP D 291 30.23 -22.06 -15.10
CA ASP D 291 31.24 -22.59 -16.03
C ASP D 291 31.86 -21.53 -16.92
N LEU D 292 33.15 -21.26 -16.73
CA LEU D 292 33.83 -20.24 -17.53
C LEU D 292 33.93 -20.59 -19.01
N GLU D 293 34.01 -21.87 -19.31
CA GLU D 293 34.13 -22.32 -20.69
C GLU D 293 32.79 -22.17 -21.42
N ALA D 294 31.70 -22.50 -20.72
CA ALA D 294 30.38 -22.36 -21.30
C ALA D 294 30.15 -20.87 -21.57
N ALA D 295 30.57 -20.04 -20.62
CA ALA D 295 30.42 -18.60 -20.75
C ALA D 295 31.20 -18.09 -21.96
N ARG D 296 32.39 -18.66 -22.17
CA ARG D 296 33.23 -18.26 -23.29
C ARG D 296 32.53 -18.65 -24.59
N GLN D 297 31.99 -19.88 -24.60
CA GLN D 297 31.30 -20.40 -25.76
C GLN D 297 30.17 -19.45 -26.17
N PHE D 298 29.33 -19.10 -25.20
CA PHE D 298 28.21 -18.21 -25.44
C PHE D 298 28.69 -16.83 -25.88
N SER D 299 29.64 -16.27 -25.14
CA SER D 299 30.15 -14.94 -25.44
C SER D 299 30.76 -14.79 -26.83
N GLU D 300 31.64 -15.71 -27.19
CA GLU D 300 32.28 -15.68 -28.50
C GLU D 300 31.27 -15.80 -29.63
N ALA D 301 30.35 -16.76 -29.50
CA ALA D 301 29.33 -16.97 -30.52
C ALA D 301 28.52 -15.71 -30.78
N VAL D 302 28.17 -15.01 -29.71
CA VAL D 302 27.38 -13.79 -29.82
C VAL D 302 28.18 -12.61 -30.34
N LYS D 303 29.36 -12.40 -29.76
CA LYS D 303 30.20 -11.29 -30.19
C LYS D 303 30.69 -11.51 -31.62
N ALA D 304 30.51 -12.72 -32.13
CA ALA D 304 30.91 -13.04 -33.49
C ALA D 304 30.10 -12.21 -34.47
N GLU D 305 28.85 -11.92 -34.11
CA GLU D 305 27.97 -11.13 -34.96
C GLU D 305 27.73 -9.72 -34.40
N TYR D 306 27.98 -9.55 -33.10
CA TYR D 306 27.80 -8.26 -32.44
C TYR D 306 28.97 -8.03 -31.50
N PRO D 307 30.10 -7.55 -32.05
CA PRO D 307 31.35 -7.26 -31.32
C PRO D 307 31.20 -6.36 -30.10
N ASP D 308 30.32 -5.36 -30.20
CA ASP D 308 30.11 -4.42 -29.11
C ASP D 308 29.01 -4.81 -28.12
N GLN D 309 28.41 -5.98 -28.31
CA GLN D 309 27.34 -6.43 -27.42
C GLN D 309 27.85 -6.84 -26.04
N MET D 310 27.48 -6.07 -25.02
CA MET D 310 27.91 -6.37 -23.66
C MET D 310 27.01 -7.47 -23.10
N LEU D 311 27.52 -8.20 -22.12
CA LEU D 311 26.76 -9.30 -21.52
C LEU D 311 26.66 -9.15 -20.01
N ALA D 312 25.76 -9.91 -19.41
CA ALA D 312 25.56 -9.89 -17.96
C ALA D 312 25.60 -11.32 -17.47
N TYR D 313 26.15 -11.54 -16.28
CA TYR D 313 26.24 -12.89 -15.74
C TYR D 313 25.75 -13.03 -14.31
N ASN D 314 24.99 -14.09 -14.07
CA ASN D 314 24.43 -14.36 -12.74
C ASN D 314 25.25 -15.36 -11.92
N CYS D 315 26.06 -14.84 -11.01
CA CYS D 315 26.85 -15.71 -10.12
C CYS D 315 25.84 -16.17 -9.06
N SER D 316 24.96 -17.08 -9.48
CA SER D 316 23.88 -17.59 -8.64
C SER D 316 24.18 -18.46 -7.44
N PRO D 317 23.52 -18.16 -6.31
CA PRO D 317 23.69 -18.91 -5.06
C PRO D 317 22.98 -20.25 -5.23
N SER D 318 22.28 -20.40 -6.35
CA SER D 318 21.57 -21.65 -6.63
C SER D 318 22.58 -22.71 -7.06
N PHE D 319 23.84 -22.30 -7.17
CA PHE D 319 24.92 -23.21 -7.53
C PHE D 319 25.65 -23.55 -6.24
N ASN D 320 26.13 -24.78 -6.13
CA ASN D 320 26.89 -25.20 -4.96
C ASN D 320 28.33 -24.99 -5.43
N TRP D 321 28.80 -23.76 -5.32
CA TRP D 321 30.13 -23.38 -5.77
C TRP D 321 31.31 -24.31 -5.51
N LYS D 322 31.60 -24.63 -4.26
CA LYS D 322 32.73 -25.51 -4.00
C LYS D 322 32.54 -26.92 -4.53
N LYS D 323 31.32 -27.25 -4.97
CA LYS D 323 31.04 -28.57 -5.52
C LYS D 323 31.35 -28.59 -7.01
N HIS D 324 31.51 -27.41 -7.60
CA HIS D 324 31.81 -27.30 -9.02
C HIS D 324 33.21 -26.76 -9.30
N LEU D 325 33.64 -25.77 -8.52
CA LEU D 325 34.94 -25.17 -8.75
C LEU D 325 35.88 -25.25 -7.55
N ASP D 326 37.15 -24.94 -7.80
CA ASP D 326 38.15 -24.93 -6.76
C ASP D 326 38.34 -23.48 -6.36
N ASP D 327 38.96 -23.25 -5.20
CA ASP D 327 39.13 -21.88 -4.73
C ASP D 327 39.91 -20.97 -5.68
N ALA D 328 40.75 -21.55 -6.52
CA ALA D 328 41.54 -20.76 -7.47
C ALA D 328 40.65 -20.19 -8.56
N THR D 329 39.77 -21.04 -9.10
CA THR D 329 38.86 -20.62 -10.15
C THR D 329 37.82 -19.67 -9.57
N ILE D 330 37.29 -20.03 -8.41
CA ILE D 330 36.29 -19.22 -7.72
C ILE D 330 36.78 -17.78 -7.55
N ALA D 331 38.05 -17.64 -7.19
CA ALA D 331 38.66 -16.33 -6.96
C ALA D 331 38.86 -15.48 -8.21
N LYS D 332 39.02 -16.12 -9.36
CA LYS D 332 39.23 -15.38 -10.59
C LYS D 332 37.96 -15.31 -11.43
N PHE D 333 36.99 -16.13 -11.09
CA PHE D 333 35.72 -16.21 -11.82
C PHE D 333 35.24 -14.90 -12.44
N GLN D 334 34.90 -13.93 -11.60
CA GLN D 334 34.39 -12.65 -12.09
C GLN D 334 35.38 -11.90 -12.98
N LYS D 335 36.66 -11.96 -12.65
CA LYS D 335 37.65 -11.27 -13.45
C LYS D 335 37.72 -11.88 -14.83
N GLU D 336 37.58 -13.20 -14.89
CA GLU D 336 37.62 -13.92 -16.16
C GLU D 336 36.42 -13.51 -17.02
N LEU D 337 35.22 -13.64 -16.45
CA LEU D 337 33.99 -13.28 -17.14
C LEU D 337 34.09 -11.86 -17.72
N ALA D 338 34.68 -10.95 -16.96
CA ALA D 338 34.82 -9.58 -17.40
C ALA D 338 35.70 -9.58 -18.65
N ALA D 339 36.75 -10.39 -18.60
CA ALA D 339 37.69 -10.49 -19.71
C ALA D 339 37.00 -11.04 -20.96
N MET D 340 35.80 -11.61 -20.78
CA MET D 340 35.07 -12.16 -21.91
C MET D 340 33.82 -11.36 -22.30
N GLY D 341 33.74 -10.11 -21.83
CA GLY D 341 32.62 -9.28 -22.19
C GLY D 341 31.44 -9.21 -21.22
N PHE D 342 31.50 -9.96 -20.12
CA PHE D 342 30.43 -9.93 -19.13
C PHE D 342 30.68 -8.75 -18.21
N LYS D 343 30.17 -7.58 -18.61
CA LYS D 343 30.37 -6.34 -17.86
C LYS D 343 29.47 -6.09 -16.64
N PHE D 344 28.40 -6.86 -16.51
CA PHE D 344 27.54 -6.69 -15.34
C PHE D 344 27.40 -8.06 -14.69
N GLN D 345 27.93 -8.18 -13.49
CA GLN D 345 27.87 -9.46 -12.79
C GLN D 345 27.15 -9.24 -11.47
N PHE D 346 26.40 -10.24 -11.03
CA PHE D 346 25.66 -10.10 -9.78
C PHE D 346 25.29 -11.41 -9.10
N ILE D 347 25.21 -11.37 -7.78
CA ILE D 347 24.82 -12.53 -6.99
C ILE D 347 23.37 -12.24 -6.59
N THR D 348 22.44 -12.84 -7.34
CA THR D 348 21.01 -12.66 -7.15
C THR D 348 20.43 -12.75 -5.74
N LEU D 349 20.75 -13.82 -5.02
CA LEU D 349 20.19 -14.02 -3.68
C LEU D 349 21.12 -13.69 -2.51
N ALA D 350 22.05 -12.76 -2.73
CA ALA D 350 23.00 -12.36 -1.68
C ALA D 350 22.28 -11.86 -0.42
N GLY D 351 21.27 -11.02 -0.60
CA GLY D 351 20.54 -10.48 0.54
C GLY D 351 19.73 -11.51 1.30
N PHE D 352 19.08 -12.41 0.57
CA PHE D 352 18.28 -13.45 1.20
C PHE D 352 19.14 -14.31 2.11
N HIS D 353 20.29 -14.74 1.60
CA HIS D 353 21.18 -15.59 2.38
C HIS D 353 21.87 -14.82 3.49
N ALA D 354 22.30 -13.60 3.23
CA ALA D 354 22.95 -12.83 4.26
C ALA D 354 21.96 -12.59 5.41
N LEU D 355 20.72 -12.26 5.05
CA LEU D 355 19.69 -11.99 6.06
C LEU D 355 19.24 -13.23 6.82
N ASN D 356 18.99 -14.31 6.10
CA ASN D 356 18.54 -15.53 6.74
C ASN D 356 19.62 -16.14 7.61
N TYR D 357 20.84 -16.24 7.09
CA TYR D 357 21.92 -16.81 7.88
C TYR D 357 22.24 -15.99 9.13
N SER D 358 22.50 -14.69 8.94
CA SER D 358 22.84 -13.81 10.05
C SER D 358 21.86 -13.87 11.23
N MET D 359 20.57 -13.92 10.92
CA MET D 359 19.56 -13.95 11.97
C MET D 359 19.48 -15.33 12.61
N PHE D 360 19.68 -16.38 11.80
CA PHE D 360 19.65 -17.71 12.36
C PHE D 360 20.80 -17.85 13.35
N ASP D 361 21.98 -17.42 12.93
CA ASP D 361 23.18 -17.49 13.77
C ASP D 361 22.98 -16.73 15.08
N LEU D 362 22.53 -15.48 15.01
CA LEU D 362 22.30 -14.70 16.23
C LEU D 362 21.25 -15.36 17.12
N ALA D 363 20.11 -15.69 16.52
CA ALA D 363 19.01 -16.30 17.26
C ALA D 363 19.40 -17.61 17.93
N TYR D 364 20.20 -18.43 17.25
CA TYR D 364 20.62 -19.70 17.81
C TYR D 364 21.48 -19.46 19.05
N GLY D 365 22.52 -18.66 18.90
CA GLY D 365 23.39 -18.37 20.03
C GLY D 365 22.59 -17.74 21.16
N TYR D 366 21.69 -16.83 20.79
CA TYR D 366 20.84 -16.12 21.76
C TYR D 366 19.97 -17.10 22.54
N ALA D 367 19.44 -18.09 21.84
CA ALA D 367 18.59 -19.09 22.47
C ALA D 367 19.41 -19.86 23.50
N GLN D 368 20.71 -20.00 23.23
CA GLN D 368 21.60 -20.74 24.13
C GLN D 368 22.23 -19.89 25.23
N ASN D 369 22.83 -18.77 24.86
CA ASN D 369 23.53 -17.92 25.83
C ASN D 369 23.03 -16.48 25.98
N GLN D 370 21.78 -16.24 25.56
CA GLN D 370 21.21 -14.89 25.64
C GLN D 370 22.16 -13.76 25.26
N MET D 371 22.33 -12.79 26.15
CA MET D 371 23.18 -11.63 25.85
C MET D 371 24.59 -11.88 25.32
N SER D 372 25.24 -12.95 25.75
CA SER D 372 26.59 -13.24 25.26
C SER D 372 26.61 -13.29 23.72
N ALA D 373 25.60 -13.94 23.15
CA ALA D 373 25.50 -14.08 21.71
C ALA D 373 25.37 -12.74 20.99
N TYR D 374 24.65 -11.80 21.59
CA TYR D 374 24.50 -10.51 20.93
C TYR D 374 25.74 -9.64 21.07
N VAL D 375 26.35 -9.66 22.25
CA VAL D 375 27.55 -8.88 22.49
C VAL D 375 28.62 -9.25 21.47
N GLU D 376 28.64 -10.52 21.07
CA GLU D 376 29.61 -10.96 20.07
C GLU D 376 29.39 -10.20 18.77
N LEU D 377 28.14 -10.02 18.39
CA LEU D 377 27.82 -9.30 17.16
C LEU D 377 28.20 -7.83 17.29
N GLN D 378 27.84 -7.21 18.42
CA GLN D 378 28.15 -5.80 18.63
C GLN D 378 29.66 -5.57 18.57
N GLU D 379 30.42 -6.48 19.17
CA GLU D 379 31.88 -6.37 19.16
C GLU D 379 32.41 -6.47 17.73
N ARG D 380 31.84 -7.38 16.94
CA ARG D 380 32.29 -7.50 15.55
C ARG D 380 31.99 -6.19 14.82
N GLU D 381 30.83 -5.60 15.13
CA GLU D 381 30.44 -4.34 14.51
C GLU D 381 31.44 -3.24 14.87
N PHE D 382 31.83 -3.17 16.14
CA PHE D 382 32.81 -2.18 16.57
C PHE D 382 34.11 -2.40 15.78
N ALA D 383 34.52 -3.66 15.68
CA ALA D 383 35.75 -4.00 14.97
C ALA D 383 35.67 -3.59 13.50
N ALA D 384 34.52 -3.83 12.88
CA ALA D 384 34.33 -3.51 11.48
C ALA D 384 34.40 -2.01 11.17
N GLU D 385 34.36 -1.18 12.21
CA GLU D 385 34.41 0.27 12.02
C GLU D 385 35.71 0.72 11.36
N GLU D 386 36.78 -0.05 11.53
CA GLU D 386 38.05 0.32 10.92
C GLU D 386 38.01 0.03 9.43
N ARG D 387 37.00 -0.71 8.99
CA ARG D 387 36.84 -1.03 7.58
C ARG D 387 35.88 -0.03 6.92
N GLY D 388 35.26 0.82 7.74
CA GLY D 388 34.33 1.80 7.22
C GLY D 388 32.91 1.67 7.75
N TYR D 389 32.62 0.54 8.38
CA TYR D 389 31.29 0.28 8.94
C TYR D 389 30.88 1.43 9.86
N THR D 390 29.62 1.85 9.76
CA THR D 390 29.13 2.95 10.58
C THR D 390 27.78 2.69 11.26
N ALA D 391 27.13 1.58 10.91
CA ALA D 391 25.82 1.26 11.47
C ALA D 391 25.83 0.95 12.97
N THR D 392 27.02 0.86 13.57
CA THR D 392 27.13 0.58 15.01
C THR D 392 26.37 1.67 15.75
N LYS D 393 26.50 2.90 15.26
CA LYS D 393 25.82 4.04 15.85
C LYS D 393 24.52 4.17 15.05
N HIS D 394 23.59 3.26 15.35
CA HIS D 394 22.31 3.19 14.65
C HIS D 394 21.47 4.47 14.57
N GLN D 395 21.55 5.33 15.57
CA GLN D 395 20.76 6.56 15.56
C GLN D 395 21.12 7.46 14.37
N ARG D 396 22.38 7.83 14.24
CA ARG D 396 22.82 8.69 13.14
C ARG D 396 22.71 7.94 11.81
N GLU D 397 22.91 6.63 11.85
CA GLU D 397 22.84 5.82 10.63
C GLU D 397 21.48 5.97 9.97
N VAL D 398 20.45 6.08 10.80
CA VAL D 398 19.09 6.17 10.30
C VAL D 398 18.59 7.62 10.19
N GLY D 399 19.50 8.58 10.32
CA GLY D 399 19.14 9.98 10.17
C GLY D 399 18.72 10.82 11.36
N ALA D 400 18.96 10.36 12.58
CA ALA D 400 18.58 11.13 13.77
C ALA D 400 19.24 12.50 13.71
N GLY D 401 20.48 12.53 13.26
CA GLY D 401 21.20 13.79 13.16
C GLY D 401 20.67 14.65 12.04
N TYR D 402 20.16 14.01 10.98
CA TYR D 402 19.62 14.74 9.85
C TYR D 402 18.33 15.46 10.24
N PHE D 403 17.45 14.76 10.95
CA PHE D 403 16.20 15.39 11.35
C PHE D 403 16.39 16.42 12.46
N ASP D 404 17.47 16.28 13.22
CA ASP D 404 17.78 17.25 14.27
C ASP D 404 18.12 18.54 13.54
N ARG D 405 18.79 18.40 12.40
CA ARG D 405 19.17 19.56 11.59
C ARG D 405 17.91 20.26 11.10
N ILE D 406 16.96 19.48 10.59
CA ILE D 406 15.70 20.03 10.12
C ILE D 406 15.00 20.76 11.27
N ALA D 407 14.90 20.09 12.42
CA ALA D 407 14.23 20.70 13.58
C ALA D 407 14.88 22.01 14.01
N THR D 408 16.21 22.04 14.12
CA THR D 408 16.88 23.28 14.52
C THR D 408 16.80 24.34 13.43
N THR D 409 16.51 23.93 12.20
CA THR D 409 16.38 24.88 11.10
C THR D 409 15.02 25.56 11.23
N VAL D 410 14.01 24.77 11.60
CA VAL D 410 12.65 25.27 11.78
C VAL D 410 12.56 26.10 13.06
N ASP D 411 13.33 25.71 14.06
CA ASP D 411 13.34 26.40 15.34
C ASP D 411 14.67 26.09 16.04
N PRO D 412 15.64 26.99 15.92
CA PRO D 412 16.94 26.77 16.55
C PRO D 412 16.88 26.64 18.08
N ASN D 413 15.82 27.16 18.68
CA ASN D 413 15.67 27.10 20.14
C ASN D 413 14.84 25.91 20.62
N SER D 414 14.58 24.96 19.72
CA SER D 414 13.81 23.77 20.04
C SER D 414 14.44 22.97 21.19
N SER D 415 13.65 22.71 22.22
CA SER D 415 14.14 21.94 23.36
C SER D 415 13.82 20.45 23.22
N THR D 416 13.59 19.99 21.99
CA THR D 416 13.27 18.58 21.76
C THR D 416 14.11 17.88 20.70
N THR D 417 15.40 18.22 20.63
CA THR D 417 16.30 17.59 19.66
C THR D 417 16.63 16.18 20.16
N ALA D 418 17.03 15.29 19.25
CA ALA D 418 17.29 13.88 19.59
C ALA D 418 18.69 13.42 20.02
N LEU D 419 19.71 13.71 19.22
CA LEU D 419 21.07 13.26 19.54
C LEU D 419 21.64 13.81 20.85
N THR D 420 21.26 15.04 21.22
CA THR D 420 21.76 15.61 22.47
C THR D 420 21.10 14.94 23.67
N GLY D 421 21.92 14.26 24.46
CA GLY D 421 21.41 13.56 25.63
C GLY D 421 21.15 12.09 25.34
N SER D 422 21.47 11.66 24.13
CA SER D 422 21.25 10.28 23.73
C SER D 422 22.38 9.39 24.26
N THR D 423 22.09 8.10 24.43
CA THR D 423 23.09 7.17 24.93
C THR D 423 24.15 6.91 23.85
N GLU D 424 23.76 7.12 22.58
CA GLU D 424 24.70 6.91 21.49
C GLU D 424 25.82 7.94 21.62
N GLU D 425 25.41 9.17 21.95
CA GLU D 425 26.33 10.28 22.12
C GLU D 425 27.28 10.07 23.31
N GLY D 426 26.76 9.45 24.38
CA GLY D 426 27.59 9.23 25.56
C GLY D 426 28.13 7.84 25.80
N GLN D 427 27.94 6.92 24.84
CA GLN D 427 28.43 5.56 25.00
C GLN D 427 29.14 5.04 23.76
N PHE D 428 29.11 5.82 22.69
CA PHE D 428 29.76 5.42 21.45
C PHE D 428 30.77 6.47 21.00
MG MG E . -9.70 18.88 6.49
C1 GLV F . -11.19 20.60 4.84
O1 GLV F . -10.50 20.84 5.81
C2 GLV F . -11.57 19.17 4.48
O2 GLV F . -11.12 18.24 5.18
O3 GLV F . -12.32 18.99 3.51
C1 SIN G . -13.31 21.16 7.66
O1 SIN G . -13.46 22.24 7.04
O2 SIN G . -12.51 21.05 8.60
C2 SIN G . -14.11 19.92 7.25
C3 SIN G . -14.95 20.09 5.95
C4 SIN G . -16.17 20.98 6.15
O3 SIN G . -16.88 20.84 7.16
O4 SIN G . -16.41 21.84 5.27
MG MG H . -14.08 -7.48 -15.35
C1 GLV I . -17.04 -7.34 -15.17
O1 GLV I . -16.33 -8.28 -15.53
C2 GLV I . -16.42 -6.03 -14.71
O2 GLV I . -15.19 -5.87 -14.80
O3 GLV I . -17.19 -5.15 -14.26
C1 SIN J . -17.02 -6.80 -18.65
O1 SIN J . -18.18 -7.24 -18.78
O2 SIN J . -16.03 -7.55 -18.65
C2 SIN J . -16.79 -5.28 -18.48
C3 SIN J . -18.00 -4.49 -17.94
C4 SIN J . -19.13 -4.35 -18.95
O3 SIN J . -18.87 -3.90 -20.09
O4 SIN J . -20.27 -4.70 -18.60
MG MG K . 9.84 1.86 20.03
C1 GLV L . 11.43 -0.30 21.18
O1 GLV L . 10.78 0.63 21.65
C2 GLV L . 11.89 -0.29 19.74
O2 GLV L . 11.58 0.69 19.02
O3 GLV L . 12.55 -1.26 19.31
C1 SIN M . 13.54 2.20 22.38
O1 SIN M . 13.60 1.24 23.17
O2 SIN M . 12.71 3.12 22.53
C2 SIN M . 14.48 2.28 21.17
C3 SIN M . 15.25 0.97 20.84
C4 SIN M . 16.46 0.78 21.72
O3 SIN M . 17.39 1.60 21.68
O4 SIN M . 16.46 -0.22 22.47
MG MG N . 14.03 -13.09 -11.21
C1 GLV O . 16.77 -13.05 -10.90
O1 GLV O . 16.01 -13.28 -11.84
C2 GLV O . 16.25 -13.02 -9.46
O2 GLV O . 15.04 -13.18 -9.27
O3 GLV O . 17.09 -12.84 -8.54
C1 SIN P . 16.93 -16.71 -11.34
O1 SIN P . 18.11 -16.83 -11.74
O2 SIN P . 15.98 -16.53 -12.13
C2 SIN P . 16.63 -16.76 -9.85
C3 SIN P . 17.80 -16.33 -8.93
C4 SIN P . 18.86 -17.41 -8.79
O3 SIN P . 18.52 -18.57 -8.49
O4 SIN P . 20.05 -17.07 -8.99
#